data_9QNE
# 
_entry.id   9QNE 
# 
_audit_conform.dict_name       mmcif_pdbx.dic 
_audit_conform.dict_version    5.407 
_audit_conform.dict_location   http://mmcif.pdb.org/dictionaries/ascii/mmcif_pdbx.dic 
# 
loop_
_database_2.database_id 
_database_2.database_code 
_database_2.pdbx_database_accession 
_database_2.pdbx_DOI 
PDB   9QNE         pdb_00009qne 10.2210/pdb9qne/pdb 
WWPDB D_1292146519 ?            ?                   
# 
loop_
_pdbx_audit_revision_history.ordinal 
_pdbx_audit_revision_history.data_content_type 
_pdbx_audit_revision_history.major_revision 
_pdbx_audit_revision_history.minor_revision 
_pdbx_audit_revision_history.revision_date 
_pdbx_audit_revision_history.part_number 
1 'Structure model' 1 0 2025-11-12 ? 
2 'Structure model' 1 1 2025-11-26 ? 
# 
_pdbx_audit_revision_details.ordinal             1 
_pdbx_audit_revision_details.revision_ordinal    1 
_pdbx_audit_revision_details.data_content_type   'Structure model' 
_pdbx_audit_revision_details.provider            repository 
_pdbx_audit_revision_details.type                'Initial release' 
_pdbx_audit_revision_details.description         ? 
_pdbx_audit_revision_details.details             ? 
# 
_pdbx_audit_revision_group.ordinal             1 
_pdbx_audit_revision_group.revision_ordinal    2 
_pdbx_audit_revision_group.data_content_type   'Structure model' 
_pdbx_audit_revision_group.group               'Database references' 
# 
loop_
_pdbx_audit_revision_category.ordinal 
_pdbx_audit_revision_category.revision_ordinal 
_pdbx_audit_revision_category.data_content_type 
_pdbx_audit_revision_category.category 
1 2 'Structure model' citation        
2 2 'Structure model' citation_author 
# 
loop_
_pdbx_audit_revision_item.ordinal 
_pdbx_audit_revision_item.revision_ordinal 
_pdbx_audit_revision_item.data_content_type 
_pdbx_audit_revision_item.item 
1 2 'Structure model' '_citation.journal_volume'          
2 2 'Structure model' '_citation.page_first'              
3 2 'Structure model' '_citation.page_last'               
4 2 'Structure model' '_citation_author.identifier_ORCID' 
# 
_pdbx_database_status.status_code                     REL 
_pdbx_database_status.status_code_sf                  REL 
_pdbx_database_status.status_code_mr                  ? 
_pdbx_database_status.entry_id                        9QNE 
_pdbx_database_status.recvd_initial_deposition_date   2025-03-24 
_pdbx_database_status.SG_entry                        N 
_pdbx_database_status.deposit_site                    PDBE 
_pdbx_database_status.process_site                    PDBE 
_pdbx_database_status.status_code_cs                  ? 
_pdbx_database_status.status_code_nmr_data            ? 
_pdbx_database_status.methods_development_category    ? 
_pdbx_database_status.pdb_format_compatible           N 
# 
_pdbx_contact_author.id                 2 
_pdbx_contact_author.email              thomas.ward@unibas.ch 
_pdbx_contact_author.name_first         Thomas 
_pdbx_contact_author.name_last          Ward 
_pdbx_contact_author.name_mi            R. 
_pdbx_contact_author.role               'principal investigator/group leader' 
_pdbx_contact_author.identifier_ORCID   0000-0001-8602-5468 
# 
loop_
_audit_author.name 
_audit_author.pdbx_ordinal 
_audit_author.identifier_ORCID 
'Zhang, K.'  1 0009-0000-5763-9217 
'Ward, T.R.' 2 0000-0001-8602-5468 
# 
_citation.abstract                  ? 
_citation.abstract_id_CAS           ? 
_citation.book_id_ISBN              ? 
_citation.book_publisher            ? 
_citation.book_publisher_city       ? 
_citation.book_title                ? 
_citation.coordinate_linkage        ? 
_citation.country                   US 
_citation.database_id_Medline       ? 
_citation.details                   ? 
_citation.id                        primary 
_citation.journal_abbrev            J.Am.Chem.Soc. 
_citation.journal_id_ASTM           JACSAT 
_citation.journal_id_CSD            ? 
_citation.journal_id_ISSN           1520-5126 
_citation.journal_full              ? 
_citation.journal_issue             ? 
_citation.journal_volume            147 
_citation.language                  ? 
_citation.page_first                41600 
_citation.page_last                 41609 
_citation.title                     'An Asymmetric Hydrogen Atom Transferase with an Abiological Thiophenol Cofactor.' 
_citation.year                      2025 
_citation.database_id_CSD           ? 
_citation.pdbx_database_id_DOI      10.1021/jacs.5c12516 
_citation.pdbx_database_id_PubMed   41182164 
_citation.pdbx_database_id_patent   ? 
_citation.unpublished_flag          ? 
# 
loop_
_citation_author.citation_id 
_citation_author.name 
_citation_author.ordinal 
_citation_author.identifier_ORCID 
primary 'Cao, H.'       1 ? 
primary 'Zhang, K.'     2 ? 
primary 'Gorbachev, V.' 3 ? 
primary 'Vornholt, T.'  4 ? 
primary 'Yu, K.'        5 ? 
primary 'Chen, D.'      6 ? 
primary 'Ward, T.R.'    7 ? 
# 
loop_
_entity.id 
_entity.type 
_entity.src_method 
_entity.pdbx_description 
_entity.formula_weight 
_entity.pdbx_number_of_molecules 
_entity.pdbx_ec 
_entity.pdbx_mutation 
_entity.pdbx_fragment 
_entity.details 
1 polymer     man Streptavidin 16569.031 1  ? ? ? ? 
2 non-polymer syn 
;5-[(3~{a}~{S},4~{S},6~{a}~{R})-2-oxidanylidene-1,3,3~{a},4,6,6~{a}-hexahydrothieno[3,4-d]imidazol-4-yl]-~{N}-(3-sulfanylphenyl)pentanamide
;
351.487   1  ? ? ? ? 
3 non-polymer syn 1,2-ETHANEDIOL 62.068    6  ? ? ? ? 
4 water       nat water 18.015    95 ? ? ? ? 
# 
_entity_poly.entity_id                      1 
_entity_poly.type                           'polypeptide(L)' 
_entity_poly.nstd_linkage                   no 
_entity_poly.nstd_monomer                   no 
_entity_poly.pdbx_seq_one_letter_code       
;MASMTGGQQMGRDQAGITGTWYNQLGSTFIVTAGADGALTGTYESAVGNAESRYVLTGRYDSAPATDGSGTALGWTVAWK
NNYRNAHSATTWSGQYVGGAEARINTQWLLTSGTTEANAWKSTLVGHDTFTKVKPSAASIDAAKKAGVNNGNPLDAVQQ
;
_entity_poly.pdbx_seq_one_letter_code_can   
;MASMTGGQQMGRDQAGITGTWYNQLGSTFIVTAGADGALTGTYESAVGNAESRYVLTGRYDSAPATDGSGTALGWTVAWK
NNYRNAHSATTWSGQYVGGAEARINTQWLLTSGTTEANAWKSTLVGHDTFTKVKPSAASIDAAKKAGVNNGNPLDAVQQ
;
_entity_poly.pdbx_strand_id                 A 
_entity_poly.pdbx_target_identifier         ? 
# 
loop_
_pdbx_entity_nonpoly.entity_id 
_pdbx_entity_nonpoly.name 
_pdbx_entity_nonpoly.comp_id 
2 
;5-[(3~{a}~{S},4~{S},6~{a}~{R})-2-oxidanylidene-1,3,3~{a},4,6,6~{a}-hexahydrothieno[3,4-d]imidazol-4-yl]-~{N}-(3-sulfanylphenyl)pentanamide
;
A1I7Y 
3 1,2-ETHANEDIOL EDO   
4 water HOH   
# 
loop_
_entity_poly_seq.entity_id 
_entity_poly_seq.num 
_entity_poly_seq.mon_id 
_entity_poly_seq.hetero 
1 1   MET n 
1 2   ALA n 
1 3   SER n 
1 4   MET n 
1 5   THR n 
1 6   GLY n 
1 7   GLY n 
1 8   GLN n 
1 9   GLN n 
1 10  MET n 
1 11  GLY n 
1 12  ARG n 
1 13  ASP n 
1 14  GLN n 
1 15  ALA n 
1 16  GLY n 
1 17  ILE n 
1 18  THR n 
1 19  GLY n 
1 20  THR n 
1 21  TRP n 
1 22  TYR n 
1 23  ASN n 
1 24  GLN n 
1 25  LEU n 
1 26  GLY n 
1 27  SER n 
1 28  THR n 
1 29  PHE n 
1 30  ILE n 
1 31  VAL n 
1 32  THR n 
1 33  ALA n 
1 34  GLY n 
1 35  ALA n 
1 36  ASP n 
1 37  GLY n 
1 38  ALA n 
1 39  LEU n 
1 40  THR n 
1 41  GLY n 
1 42  THR n 
1 43  TYR n 
1 44  GLU n 
1 45  SER n 
1 46  ALA n 
1 47  VAL n 
1 48  GLY n 
1 49  ASN n 
1 50  ALA n 
1 51  GLU n 
1 52  SER n 
1 53  ARG n 
1 54  TYR n 
1 55  VAL n 
1 56  LEU n 
1 57  THR n 
1 58  GLY n 
1 59  ARG n 
1 60  TYR n 
1 61  ASP n 
1 62  SER n 
1 63  ALA n 
1 64  PRO n 
1 65  ALA n 
1 66  THR n 
1 67  ASP n 
1 68  GLY n 
1 69  SER n 
1 70  GLY n 
1 71  THR n 
1 72  ALA n 
1 73  LEU n 
1 74  GLY n 
1 75  TRP n 
1 76  THR n 
1 77  VAL n 
1 78  ALA n 
1 79  TRP n 
1 80  LYS n 
1 81  ASN n 
1 82  ASN n 
1 83  TYR n 
1 84  ARG n 
1 85  ASN n 
1 86  ALA n 
1 87  HIS n 
1 88  SER n 
1 89  ALA n 
1 90  THR n 
1 91  THR n 
1 92  TRP n 
1 93  SER n 
1 94  GLY n 
1 95  GLN n 
1 96  TYR n 
1 97  VAL n 
1 98  GLY n 
1 99  GLY n 
1 100 ALA n 
1 101 GLU n 
1 102 ALA n 
1 103 ARG n 
1 104 ILE n 
1 105 ASN n 
1 106 THR n 
1 107 GLN n 
1 108 TRP n 
1 109 LEU n 
1 110 LEU n 
1 111 THR n 
1 112 SER n 
1 113 GLY n 
1 114 THR n 
1 115 THR n 
1 116 GLU n 
1 117 ALA n 
1 118 ASN n 
1 119 ALA n 
1 120 TRP n 
1 121 LYS n 
1 122 SER n 
1 123 THR n 
1 124 LEU n 
1 125 VAL n 
1 126 GLY n 
1 127 HIS n 
1 128 ASP n 
1 129 THR n 
1 130 PHE n 
1 131 THR n 
1 132 LYS n 
1 133 VAL n 
1 134 LYS n 
1 135 PRO n 
1 136 SER n 
1 137 ALA n 
1 138 ALA n 
1 139 SER n 
1 140 ILE n 
1 141 ASP n 
1 142 ALA n 
1 143 ALA n 
1 144 LYS n 
1 145 LYS n 
1 146 ALA n 
1 147 GLY n 
1 148 VAL n 
1 149 ASN n 
1 150 ASN n 
1 151 GLY n 
1 152 ASN n 
1 153 PRO n 
1 154 LEU n 
1 155 ASP n 
1 156 ALA n 
1 157 VAL n 
1 158 GLN n 
1 159 GLN n 
# 
_entity_src_gen.entity_id                          1 
_entity_src_gen.pdbx_src_id                        1 
_entity_src_gen.pdbx_alt_source_flag               sample 
_entity_src_gen.pdbx_seq_type                      'Biological sequence' 
_entity_src_gen.pdbx_beg_seq_num                   1 
_entity_src_gen.pdbx_end_seq_num                   159 
_entity_src_gen.gene_src_common_name               ? 
_entity_src_gen.gene_src_genus                     ? 
_entity_src_gen.pdbx_gene_src_gene                 ? 
_entity_src_gen.gene_src_species                   ? 
_entity_src_gen.gene_src_strain                    ? 
_entity_src_gen.gene_src_tissue                    ? 
_entity_src_gen.gene_src_tissue_fraction           ? 
_entity_src_gen.gene_src_details                   ? 
_entity_src_gen.pdbx_gene_src_fragment             ? 
_entity_src_gen.pdbx_gene_src_scientific_name      'Streptomyces avidinii' 
_entity_src_gen.pdbx_gene_src_ncbi_taxonomy_id     1895 
_entity_src_gen.pdbx_gene_src_variant              ? 
_entity_src_gen.pdbx_gene_src_cell_line            ? 
_entity_src_gen.pdbx_gene_src_atcc                 ? 
_entity_src_gen.pdbx_gene_src_organ                ? 
_entity_src_gen.pdbx_gene_src_organelle            ? 
_entity_src_gen.pdbx_gene_src_cell                 ? 
_entity_src_gen.pdbx_gene_src_cellular_location    ? 
_entity_src_gen.host_org_common_name               ? 
_entity_src_gen.pdbx_host_org_scientific_name      'Escherichia coli BL21(DE3)' 
_entity_src_gen.pdbx_host_org_ncbi_taxonomy_id     469008 
_entity_src_gen.host_org_genus                     ? 
_entity_src_gen.pdbx_host_org_gene                 ? 
_entity_src_gen.pdbx_host_org_organ                ? 
_entity_src_gen.host_org_species                   ? 
_entity_src_gen.pdbx_host_org_tissue               ? 
_entity_src_gen.pdbx_host_org_tissue_fraction      ? 
_entity_src_gen.pdbx_host_org_strain               ? 
_entity_src_gen.pdbx_host_org_variant              ? 
_entity_src_gen.pdbx_host_org_cell_line            ? 
_entity_src_gen.pdbx_host_org_atcc                 ? 
_entity_src_gen.pdbx_host_org_culture_collection   ? 
_entity_src_gen.pdbx_host_org_cell                 ? 
_entity_src_gen.pdbx_host_org_organelle            ? 
_entity_src_gen.pdbx_host_org_cellular_location    ? 
_entity_src_gen.pdbx_host_org_vector_type          ? 
_entity_src_gen.pdbx_host_org_vector               ? 
_entity_src_gen.host_org_details                   ? 
_entity_src_gen.expression_system_id               ? 
_entity_src_gen.plasmid_name                       ? 
_entity_src_gen.plasmid_details                    ? 
_entity_src_gen.pdbx_description                   ? 
# 
loop_
_chem_comp.id 
_chem_comp.type 
_chem_comp.mon_nstd_flag 
_chem_comp.name 
_chem_comp.pdbx_synonyms 
_chem_comp.formula 
_chem_comp.formula_weight 
A1I7Y non-polymer         . 
;5-[(3~{a}~{S},4~{S},6~{a}~{R})-2-oxidanylidene-1,3,3~{a},4,6,6~{a}-hexahydrothieno[3,4-d]imidazol-4-yl]-~{N}-(3-sulfanylphenyl)pentanamide
;
?                 'C16 H21 N3 O2 S2' 351.487 
ALA   'L-peptide linking' y ALANINE ?                 'C3 H7 N O2'       89.093  
ARG   'L-peptide linking' y ARGININE ?                 'C6 H15 N4 O2 1'   175.209 
ASN   'L-peptide linking' y ASPARAGINE ?                 'C4 H8 N2 O3'      132.118 
ASP   'L-peptide linking' y 'ASPARTIC ACID' ?                 'C4 H7 N O4'       133.103 
EDO   non-polymer         . 1,2-ETHANEDIOL 'ETHYLENE GLYCOL' 'C2 H6 O2'         62.068  
GLN   'L-peptide linking' y GLUTAMINE ?                 'C5 H10 N2 O3'     146.144 
GLU   'L-peptide linking' y 'GLUTAMIC ACID' ?                 'C5 H9 N O4'       147.129 
GLY   'peptide linking'   y GLYCINE ?                 'C2 H5 N O2'       75.067  
HIS   'L-peptide linking' y HISTIDINE ?                 'C6 H10 N3 O2 1'   156.162 
HOH   non-polymer         . WATER ?                 'H2 O'             18.015  
ILE   'L-peptide linking' y ISOLEUCINE ?                 'C6 H13 N O2'      131.173 
LEU   'L-peptide linking' y LEUCINE ?                 'C6 H13 N O2'      131.173 
LYS   'L-peptide linking' y LYSINE ?                 'C6 H15 N2 O2 1'   147.195 
MET   'L-peptide linking' y METHIONINE ?                 'C5 H11 N O2 S'    149.211 
PHE   'L-peptide linking' y PHENYLALANINE ?                 'C9 H11 N O2'      165.189 
PRO   'L-peptide linking' y PROLINE ?                 'C5 H9 N O2'       115.130 
SER   'L-peptide linking' y SERINE ?                 'C3 H7 N O3'       105.093 
THR   'L-peptide linking' y THREONINE ?                 'C4 H9 N O3'       119.119 
TRP   'L-peptide linking' y TRYPTOPHAN ?                 'C11 H12 N2 O2'    204.225 
TYR   'L-peptide linking' y TYROSINE ?                 'C9 H11 N O3'      181.189 
VAL   'L-peptide linking' y VALINE ?                 'C5 H11 N O2'      117.146 
# 
loop_
_pdbx_poly_seq_scheme.asym_id 
_pdbx_poly_seq_scheme.entity_id 
_pdbx_poly_seq_scheme.seq_id 
_pdbx_poly_seq_scheme.mon_id 
_pdbx_poly_seq_scheme.ndb_seq_num 
_pdbx_poly_seq_scheme.pdb_seq_num 
_pdbx_poly_seq_scheme.auth_seq_num 
_pdbx_poly_seq_scheme.pdb_mon_id 
_pdbx_poly_seq_scheme.auth_mon_id 
_pdbx_poly_seq_scheme.pdb_strand_id 
_pdbx_poly_seq_scheme.pdb_ins_code 
_pdbx_poly_seq_scheme.hetero 
A 1 1   MET 1   1   ?   ?   ?   A . n 
A 1 2   ALA 2   2   ?   ?   ?   A . n 
A 1 3   SER 3   3   ?   ?   ?   A . n 
A 1 4   MET 4   4   ?   ?   ?   A . n 
A 1 5   THR 5   5   ?   ?   ?   A . n 
A 1 6   GLY 6   6   ?   ?   ?   A . n 
A 1 7   GLY 7   7   ?   ?   ?   A . n 
A 1 8   GLN 8   8   ?   ?   ?   A . n 
A 1 9   GLN 9   9   ?   ?   ?   A . n 
A 1 10  MET 10  10  10  MET MET A . n 
A 1 11  GLY 11  11  11  GLY GLY A . n 
A 1 12  ARG 12  12  12  ARG ARG A . n 
A 1 13  ASP 13  13  13  ASP ASP A . n 
A 1 14  GLN 14  14  14  GLN GLN A . n 
A 1 15  ALA 15  15  15  ALA ALA A . n 
A 1 16  GLY 16  16  16  GLY GLY A . n 
A 1 17  ILE 17  17  17  ILE ILE A . n 
A 1 18  THR 18  18  18  THR THR A . n 
A 1 19  GLY 19  19  19  GLY GLY A . n 
A 1 20  THR 20  20  20  THR THR A . n 
A 1 21  TRP 21  21  21  TRP TRP A . n 
A 1 22  TYR 22  22  22  TYR TYR A . n 
A 1 23  ASN 23  23  23  ASN ASN A . n 
A 1 24  GLN 24  24  24  GLN GLN A . n 
A 1 25  LEU 25  25  25  LEU LEU A . n 
A 1 26  GLY 26  26  26  GLY GLY A . n 
A 1 27  SER 27  27  27  SER SER A . n 
A 1 28  THR 28  28  28  THR THR A . n 
A 1 29  PHE 29  29  29  PHE PHE A . n 
A 1 30  ILE 30  30  30  ILE ILE A . n 
A 1 31  VAL 31  31  31  VAL VAL A . n 
A 1 32  THR 32  32  32  THR THR A . n 
A 1 33  ALA 33  33  33  ALA ALA A . n 
A 1 34  GLY 34  34  34  GLY GLY A . n 
A 1 35  ALA 35  35  35  ALA ALA A . n 
A 1 36  ASP 36  36  36  ASP ASP A . n 
A 1 37  GLY 37  37  37  GLY GLY A . n 
A 1 38  ALA 38  38  38  ALA ALA A . n 
A 1 39  LEU 39  39  39  LEU LEU A . n 
A 1 40  THR 40  40  40  THR THR A . n 
A 1 41  GLY 41  41  41  GLY GLY A . n 
A 1 42  THR 42  42  42  THR THR A . n 
A 1 43  TYR 43  43  43  TYR TYR A . n 
A 1 44  GLU 44  44  44  GLU GLU A . n 
A 1 45  SER 45  45  45  SER SER A . n 
A 1 46  ALA 46  46  46  ALA ALA A . n 
A 1 47  VAL 47  47  47  VAL VAL A . n 
A 1 48  GLY 48  48  48  GLY GLY A . n 
A 1 49  ASN 49  49  49  ASN ASN A . n 
A 1 50  ALA 50  50  50  ALA ALA A . n 
A 1 51  GLU 51  51  51  GLU GLU A . n 
A 1 52  SER 52  52  52  SER SER A . n 
A 1 53  ARG 53  53  53  ARG ARG A . n 
A 1 54  TYR 54  54  54  TYR TYR A . n 
A 1 55  VAL 55  55  55  VAL VAL A . n 
A 1 56  LEU 56  56  56  LEU LEU A . n 
A 1 57  THR 57  57  57  THR THR A . n 
A 1 58  GLY 58  58  58  GLY GLY A . n 
A 1 59  ARG 59  59  59  ARG ARG A . n 
A 1 60  TYR 60  60  60  TYR TYR A . n 
A 1 61  ASP 61  61  61  ASP ASP A . n 
A 1 62  SER 62  62  62  SER SER A . n 
A 1 63  ALA 63  63  63  ALA ALA A . n 
A 1 64  PRO 64  64  64  PRO PRO A . n 
A 1 65  ALA 65  65  65  ALA ALA A . n 
A 1 66  THR 66  66  66  THR THR A . n 
A 1 67  ASP 67  67  67  ASP ASP A . n 
A 1 68  GLY 68  68  68  GLY GLY A . n 
A 1 69  SER 69  69  69  SER SER A . n 
A 1 70  GLY 70  70  70  GLY GLY A . n 
A 1 71  THR 71  71  71  THR THR A . n 
A 1 72  ALA 72  72  72  ALA ALA A . n 
A 1 73  LEU 73  73  73  LEU LEU A . n 
A 1 74  GLY 74  74  74  GLY GLY A . n 
A 1 75  TRP 75  75  75  TRP TRP A . n 
A 1 76  THR 76  76  76  THR THR A . n 
A 1 77  VAL 77  77  77  VAL VAL A . n 
A 1 78  ALA 78  78  78  ALA ALA A . n 
A 1 79  TRP 79  79  79  TRP TRP A . n 
A 1 80  LYS 80  80  80  LYS LYS A . n 
A 1 81  ASN 81  81  81  ASN ASN A . n 
A 1 82  ASN 82  82  82  ASN ASN A . n 
A 1 83  TYR 83  83  83  TYR TYR A . n 
A 1 84  ARG 84  84  84  ARG ARG A . n 
A 1 85  ASN 85  85  85  ASN ASN A . n 
A 1 86  ALA 86  86  86  ALA ALA A . n 
A 1 87  HIS 87  87  87  HIS HIS A . n 
A 1 88  SER 88  88  88  SER SER A . n 
A 1 89  ALA 89  89  89  ALA ALA A . n 
A 1 90  THR 90  90  90  THR THR A . n 
A 1 91  THR 91  91  91  THR THR A . n 
A 1 92  TRP 92  92  92  TRP TRP A . n 
A 1 93  SER 93  93  93  SER SER A . n 
A 1 94  GLY 94  94  94  GLY GLY A . n 
A 1 95  GLN 95  95  95  GLN GLN A . n 
A 1 96  TYR 96  96  96  TYR TYR A . n 
A 1 97  VAL 97  97  97  VAL VAL A . n 
A 1 98  GLY 98  98  98  GLY GLY A . n 
A 1 99  GLY 99  99  99  GLY GLY A . n 
A 1 100 ALA 100 100 100 ALA ALA A . n 
A 1 101 GLU 101 101 101 GLU GLU A . n 
A 1 102 ALA 102 102 102 ALA ALA A . n 
A 1 103 ARG 103 103 103 ARG ARG A . n 
A 1 104 ILE 104 104 104 ILE ILE A . n 
A 1 105 ASN 105 105 105 ASN ASN A . n 
A 1 106 THR 106 106 106 THR THR A . n 
A 1 107 GLN 107 107 107 GLN GLN A . n 
A 1 108 TRP 108 108 108 TRP TRP A . n 
A 1 109 LEU 109 109 109 LEU LEU A . n 
A 1 110 LEU 110 110 110 LEU LEU A . n 
A 1 111 THR 111 111 111 THR THR A . n 
A 1 112 SER 112 112 112 SER SER A . n 
A 1 113 GLY 113 113 113 GLY GLY A . n 
A 1 114 THR 114 114 114 THR THR A . n 
A 1 115 THR 115 115 115 THR THR A . n 
A 1 116 GLU 116 116 116 GLU GLU A . n 
A 1 117 ALA 117 117 117 ALA ALA A . n 
A 1 118 ASN 118 118 118 ASN ASN A . n 
A 1 119 ALA 119 119 119 ALA ALA A . n 
A 1 120 TRP 120 120 120 TRP TRP A . n 
A 1 121 LYS 121 121 121 LYS LYS A . n 
A 1 122 SER 122 122 122 SER SER A . n 
A 1 123 THR 123 123 123 THR THR A . n 
A 1 124 LEU 124 124 124 LEU LEU A . n 
A 1 125 VAL 125 125 125 VAL VAL A . n 
A 1 126 GLY 126 126 126 GLY GLY A . n 
A 1 127 HIS 127 127 127 HIS HIS A . n 
A 1 128 ASP 128 128 128 ASP ASP A . n 
A 1 129 THR 129 129 129 THR THR A . n 
A 1 130 PHE 130 130 130 PHE PHE A . n 
A 1 131 THR 131 131 131 THR THR A . n 
A 1 132 LYS 132 132 132 LYS LYS A . n 
A 1 133 VAL 133 133 133 VAL VAL A . n 
A 1 134 LYS 134 134 134 LYS LYS A . n 
A 1 135 PRO 135 135 ?   ?   ?   A . n 
A 1 136 SER 136 136 ?   ?   ?   A . n 
A 1 137 ALA 137 137 ?   ?   ?   A . n 
A 1 138 ALA 138 138 ?   ?   ?   A . n 
A 1 139 SER 139 139 ?   ?   ?   A . n 
A 1 140 ILE 140 140 ?   ?   ?   A . n 
A 1 141 ASP 141 141 ?   ?   ?   A . n 
A 1 142 ALA 142 142 ?   ?   ?   A . n 
A 1 143 ALA 143 143 ?   ?   ?   A . n 
A 1 144 LYS 144 144 ?   ?   ?   A . n 
A 1 145 LYS 145 145 ?   ?   ?   A . n 
A 1 146 ALA 146 146 ?   ?   ?   A . n 
A 1 147 GLY 147 147 ?   ?   ?   A . n 
A 1 148 VAL 148 148 ?   ?   ?   A . n 
A 1 149 ASN 149 149 ?   ?   ?   A . n 
A 1 150 ASN 150 150 ?   ?   ?   A . n 
A 1 151 GLY 151 151 ?   ?   ?   A . n 
A 1 152 ASN 152 152 ?   ?   ?   A . n 
A 1 153 PRO 153 153 ?   ?   ?   A . n 
A 1 154 LEU 154 154 ?   ?   ?   A . n 
A 1 155 ASP 155 155 ?   ?   ?   A . n 
A 1 156 ALA 156 156 ?   ?   ?   A . n 
A 1 157 VAL 157 157 ?   ?   ?   A . n 
A 1 158 GLN 158 158 ?   ?   ?   A . n 
A 1 159 GLN 159 159 ?   ?   ?   A . n 
# 
_pdbx_entity_instance_feature.ordinal        1 
_pdbx_entity_instance_feature.comp_id        A1I7Y 
_pdbx_entity_instance_feature.asym_id        ? 
_pdbx_entity_instance_feature.seq_num        ? 
_pdbx_entity_instance_feature.auth_comp_id   A1I7Y 
_pdbx_entity_instance_feature.auth_asym_id   ? 
_pdbx_entity_instance_feature.auth_seq_num   ? 
_pdbx_entity_instance_feature.feature_type   'SUBJECT OF INVESTIGATION' 
_pdbx_entity_instance_feature.details        ? 
# 
loop_
_pdbx_nonpoly_scheme.asym_id 
_pdbx_nonpoly_scheme.entity_id 
_pdbx_nonpoly_scheme.mon_id 
_pdbx_nonpoly_scheme.ndb_seq_num 
_pdbx_nonpoly_scheme.pdb_seq_num 
_pdbx_nonpoly_scheme.auth_seq_num 
_pdbx_nonpoly_scheme.pdb_mon_id 
_pdbx_nonpoly_scheme.auth_mon_id 
_pdbx_nonpoly_scheme.pdb_strand_id 
_pdbx_nonpoly_scheme.pdb_ins_code 
B 2 A1I7Y 1  201 201 A1I7Y LIG A . 
C 3 EDO   1  202 202 EDO   EDO A . 
D 3 EDO   1  203 203 EDO   EDO A . 
E 3 EDO   1  204 204 EDO   EDO A . 
F 3 EDO   1  205 205 EDO   EDO A . 
G 3 EDO   1  206 206 EDO   EDO A . 
H 3 EDO   1  207 207 EDO   EDO A . 
I 4 HOH   1  301 28  HOH   HOH A . 
I 4 HOH   2  302 41  HOH   HOH A . 
I 4 HOH   3  303 81  HOH   HOH A . 
I 4 HOH   4  304 45  HOH   HOH A . 
I 4 HOH   5  305 97  HOH   HOH A . 
I 4 HOH   6  306 46  HOH   HOH A . 
I 4 HOH   7  307 83  HOH   HOH A . 
I 4 HOH   8  308 79  HOH   HOH A . 
I 4 HOH   9  309 14  HOH   HOH A . 
I 4 HOH   10 310 47  HOH   HOH A . 
I 4 HOH   11 311 22  HOH   HOH A . 
I 4 HOH   12 312 27  HOH   HOH A . 
I 4 HOH   13 313 6   HOH   HOH A . 
I 4 HOH   14 314 23  HOH   HOH A . 
I 4 HOH   15 315 37  HOH   HOH A . 
I 4 HOH   16 316 18  HOH   HOH A . 
I 4 HOH   17 317 19  HOH   HOH A . 
I 4 HOH   18 318 12  HOH   HOH A . 
I 4 HOH   19 319 93  HOH   HOH A . 
I 4 HOH   20 320 21  HOH   HOH A . 
I 4 HOH   21 321 29  HOH   HOH A . 
I 4 HOH   22 322 49  HOH   HOH A . 
I 4 HOH   23 323 56  HOH   HOH A . 
I 4 HOH   24 324 7   HOH   HOH A . 
I 4 HOH   25 325 30  HOH   HOH A . 
I 4 HOH   26 326 43  HOH   HOH A . 
I 4 HOH   27 327 96  HOH   HOH A . 
I 4 HOH   28 328 72  HOH   HOH A . 
I 4 HOH   29 329 48  HOH   HOH A . 
I 4 HOH   30 330 10  HOH   HOH A . 
I 4 HOH   31 331 24  HOH   HOH A . 
I 4 HOH   32 332 87  HOH   HOH A . 
I 4 HOH   33 333 15  HOH   HOH A . 
I 4 HOH   34 334 110 HOH   HOH A . 
I 4 HOH   35 335 9   HOH   HOH A . 
I 4 HOH   36 336 26  HOH   HOH A . 
I 4 HOH   37 337 108 HOH   HOH A . 
I 4 HOH   38 338 11  HOH   HOH A . 
I 4 HOH   39 339 20  HOH   HOH A . 
I 4 HOH   40 340 50  HOH   HOH A . 
I 4 HOH   41 341 8   HOH   HOH A . 
I 4 HOH   42 342 78  HOH   HOH A . 
I 4 HOH   43 343 80  HOH   HOH A . 
I 4 HOH   44 344 39  HOH   HOH A . 
I 4 HOH   45 345 69  HOH   HOH A . 
I 4 HOH   46 346 33  HOH   HOH A . 
I 4 HOH   47 347 66  HOH   HOH A . 
I 4 HOH   48 348 59  HOH   HOH A . 
I 4 HOH   49 349 13  HOH   HOH A . 
I 4 HOH   50 350 94  HOH   HOH A . 
I 4 HOH   51 351 40  HOH   HOH A . 
I 4 HOH   52 352 31  HOH   HOH A . 
I 4 HOH   53 353 25  HOH   HOH A . 
I 4 HOH   54 354 17  HOH   HOH A . 
I 4 HOH   55 355 38  HOH   HOH A . 
I 4 HOH   56 356 67  HOH   HOH A . 
I 4 HOH   57 357 35  HOH   HOH A . 
I 4 HOH   58 358 77  HOH   HOH A . 
I 4 HOH   59 359 86  HOH   HOH A . 
I 4 HOH   60 360 107 HOH   HOH A . 
I 4 HOH   61 361 61  HOH   HOH A . 
I 4 HOH   62 362 89  HOH   HOH A . 
I 4 HOH   63 363 102 HOH   HOH A . 
I 4 HOH   64 364 52  HOH   HOH A . 
I 4 HOH   65 365 54  HOH   HOH A . 
I 4 HOH   66 366 103 HOH   HOH A . 
I 4 HOH   67 367 60  HOH   HOH A . 
I 4 HOH   68 368 5   HOH   HOH A . 
I 4 HOH   69 369 58  HOH   HOH A . 
I 4 HOH   70 370 109 HOH   HOH A . 
I 4 HOH   71 371 44  HOH   HOH A . 
I 4 HOH   72 372 92  HOH   HOH A . 
I 4 HOH   73 373 57  HOH   HOH A . 
I 4 HOH   74 374 105 HOH   HOH A . 
I 4 HOH   75 375 42  HOH   HOH A . 
I 4 HOH   76 376 34  HOH   HOH A . 
I 4 HOH   77 377 63  HOH   HOH A . 
I 4 HOH   78 378 104 HOH   HOH A . 
I 4 HOH   79 379 99  HOH   HOH A . 
I 4 HOH   80 380 74  HOH   HOH A . 
I 4 HOH   81 381 84  HOH   HOH A . 
I 4 HOH   82 382 95  HOH   HOH A . 
I 4 HOH   83 383 88  HOH   HOH A . 
I 4 HOH   84 384 53  HOH   HOH A . 
I 4 HOH   85 385 76  HOH   HOH A . 
I 4 HOH   86 386 82  HOH   HOH A . 
I 4 HOH   87 387 100 HOH   HOH A . 
I 4 HOH   88 388 64  HOH   HOH A . 
I 4 HOH   89 389 101 HOH   HOH A . 
I 4 HOH   90 390 75  HOH   HOH A . 
I 4 HOH   91 391 98  HOH   HOH A . 
I 4 HOH   92 392 106 HOH   HOH A . 
I 4 HOH   93 393 91  HOH   HOH A . 
I 4 HOH   94 394 51  HOH   HOH A . 
I 4 HOH   95 395 85  HOH   HOH A . 
# 
loop_
_software.citation_id 
_software.classification 
_software.compiler_name 
_software.compiler_version 
_software.contact_author 
_software.contact_author_email 
_software.date 
_software.description 
_software.dependencies 
_software.hardware 
_software.language 
_software.location 
_software.mods 
_software.name 
_software.os 
_software.os_version 
_software.type 
_software.version 
_software.pdbx_ordinal 
? refinement       ? ? ? ? ? ? ? ? ? ? ? REFMAC  ? ? ? 5.8.0425 1 
? 'data reduction' ? ? ? ? ? ? ? ? ? ? ? XDS     ? ? ? .        2 
? 'data scaling'   ? ? ? ? ? ? ? ? ? ? ? Aimless ? ? ? .        3 
? phasing          ? ? ? ? ? ? ? ? ? ? ? REFMAC  ? ? ? .        4 
# 
_cell.angle_alpha                  90.00 
_cell.angle_alpha_esd              ? 
_cell.angle_beta                   90.00 
_cell.angle_beta_esd               ? 
_cell.angle_gamma                  90.00 
_cell.angle_gamma_esd              ? 
_cell.entry_id                     9QNE 
_cell.details                      ? 
_cell.formula_units_Z              ? 
_cell.length_a                     57.388 
_cell.length_a_esd                 ? 
_cell.length_b                     57.388 
_cell.length_b_esd                 ? 
_cell.length_c                     182.440 
_cell.length_c_esd                 ? 
_cell.volume                       ? 
_cell.volume_esd                   ? 
_cell.Z_PDB                        16 
_cell.reciprocal_angle_alpha       ? 
_cell.reciprocal_angle_beta        ? 
_cell.reciprocal_angle_gamma       ? 
_cell.reciprocal_angle_alpha_esd   ? 
_cell.reciprocal_angle_beta_esd    ? 
_cell.reciprocal_angle_gamma_esd   ? 
_cell.reciprocal_length_a          ? 
_cell.reciprocal_length_b          ? 
_cell.reciprocal_length_c          ? 
_cell.reciprocal_length_a_esd      ? 
_cell.reciprocal_length_b_esd      ? 
_cell.reciprocal_length_c_esd      ? 
_cell.pdbx_unique_axis             ? 
_cell.pdbx_esd_method              ? 
# 
_symmetry.entry_id                         9QNE 
_symmetry.cell_setting                     ? 
_symmetry.Int_Tables_number                98 
_symmetry.space_group_name_Hall            ? 
_symmetry.space_group_name_H-M             'I 41 2 2' 
_symmetry.pdbx_full_space_group_name_H-M   ? 
# 
_exptl.absorpt_coefficient_mu     ? 
_exptl.absorpt_correction_T_max   ? 
_exptl.absorpt_correction_T_min   ? 
_exptl.absorpt_correction_type    ? 
_exptl.absorpt_process_details    ? 
_exptl.entry_id                   9QNE 
_exptl.crystals_number            1 
_exptl.details                    ? 
_exptl.method                     'X-RAY DIFFRACTION' 
_exptl.method_details             ? 
# 
_exptl_crystal.colour                       ? 
_exptl_crystal.density_diffrn               ? 
_exptl_crystal.density_Matthews             2.27 
_exptl_crystal.density_method               ? 
_exptl_crystal.density_percent_sol          45.81 
_exptl_crystal.description                  ? 
_exptl_crystal.F_000                        ? 
_exptl_crystal.id                           1 
_exptl_crystal.preparation                  ? 
_exptl_crystal.size_max                     ? 
_exptl_crystal.size_mid                     ? 
_exptl_crystal.size_min                     ? 
_exptl_crystal.size_rad                     ? 
_exptl_crystal.colour_lustre                ? 
_exptl_crystal.colour_modifier              ? 
_exptl_crystal.colour_primary               ? 
_exptl_crystal.density_meas                 ? 
_exptl_crystal.density_meas_esd             ? 
_exptl_crystal.density_meas_gt              ? 
_exptl_crystal.density_meas_lt              ? 
_exptl_crystal.density_meas_temp            ? 
_exptl_crystal.density_meas_temp_esd        ? 
_exptl_crystal.density_meas_temp_gt         ? 
_exptl_crystal.density_meas_temp_lt         ? 
_exptl_crystal.pdbx_crystal_image_url       ? 
_exptl_crystal.pdbx_crystal_image_format    ? 
_exptl_crystal.pdbx_mosaicity               ? 
_exptl_crystal.pdbx_mosaicity_esd           ? 
_exptl_crystal.pdbx_mosaic_method           ? 
_exptl_crystal.pdbx_mosaic_block_size       ? 
_exptl_crystal.pdbx_mosaic_block_size_esd   ? 
# 
_exptl_crystal_grow.apparatus       ? 
_exptl_crystal_grow.atmosphere      ? 
_exptl_crystal_grow.crystal_id      1 
_exptl_crystal_grow.details         ? 
_exptl_crystal_grow.method          'VAPOR DIFFUSION, SITTING DROP' 
_exptl_crystal_grow.method_ref      ? 
_exptl_crystal_grow.pH              5.5 
_exptl_crystal_grow.pressure        ? 
_exptl_crystal_grow.pressure_esd    ? 
_exptl_crystal_grow.seeding         ? 
_exptl_crystal_grow.seeding_ref     ? 
_exptl_crystal_grow.temp_details    ? 
_exptl_crystal_grow.temp_esd        ? 
_exptl_crystal_grow.time            ? 
_exptl_crystal_grow.pdbx_details    '0.1 M MES pH 5.5, 25 % w/v PEG 4K, 0.15 M (NH4)2SO4' 
_exptl_crystal_grow.pdbx_pH_range   ? 
_exptl_crystal_grow.temp            293 
# 
_diffrn.ambient_environment              ? 
_diffrn.ambient_temp                     100 
_diffrn.ambient_temp_details             ? 
_diffrn.ambient_temp_esd                 ? 
_diffrn.crystal_id                       1 
_diffrn.crystal_support                  ? 
_diffrn.crystal_treatment                ? 
_diffrn.details                          ? 
_diffrn.id                               1 
_diffrn.ambient_pressure                 ? 
_diffrn.ambient_pressure_esd             ? 
_diffrn.ambient_pressure_gt              ? 
_diffrn.ambient_pressure_lt              ? 
_diffrn.ambient_temp_gt                  ? 
_diffrn.ambient_temp_lt                  ? 
_diffrn.pdbx_serial_crystal_experiment   N 
# 
_diffrn_detector.details                      ? 
_diffrn_detector.detector                     PIXEL 
_diffrn_detector.diffrn_id                    1 
_diffrn_detector.type                         'DECTRIS EIGER2 XE 16M' 
_diffrn_detector.area_resol_mean              ? 
_diffrn_detector.dtime                        ? 
_diffrn_detector.pdbx_frames_total            ? 
_diffrn_detector.pdbx_collection_time_total   ? 
_diffrn_detector.pdbx_collection_date         2024-04-20 
_diffrn_detector.pdbx_frequency               ? 
_diffrn_detector.id                           ? 
_diffrn_detector.number_of_axes               ? 
# 
_diffrn_radiation.collimation                      ? 
_diffrn_radiation.diffrn_id                        1 
_diffrn_radiation.filter_edge                      ? 
_diffrn_radiation.inhomogeneity                    ? 
_diffrn_radiation.monochromator                    ? 
_diffrn_radiation.polarisn_norm                    ? 
_diffrn_radiation.polarisn_ratio                   ? 
_diffrn_radiation.probe                            ? 
_diffrn_radiation.type                             ? 
_diffrn_radiation.xray_symbol                      ? 
_diffrn_radiation.wavelength_id                    1 
_diffrn_radiation.pdbx_monochromatic_or_laue_m_l   M 
_diffrn_radiation.pdbx_wavelength_list             ? 
_diffrn_radiation.pdbx_wavelength                  ? 
_diffrn_radiation.pdbx_diffrn_protocol             'SINGLE WAVELENGTH' 
_diffrn_radiation.pdbx_analyzer                    ? 
_diffrn_radiation.pdbx_scattering_type             x-ray 
# 
_diffrn_radiation_wavelength.id           1 
_diffrn_radiation_wavelength.wavelength   0.9763 
_diffrn_radiation_wavelength.wt           1.0 
# 
_diffrn_source.current                     ? 
_diffrn_source.details                     ? 
_diffrn_source.diffrn_id                   1 
_diffrn_source.power                       ? 
_diffrn_source.size                        ? 
_diffrn_source.source                      SYNCHROTRON 
_diffrn_source.target                      ? 
_diffrn_source.type                        'DIAMOND BEAMLINE I03' 
_diffrn_source.voltage                     ? 
_diffrn_source.take-off_angle              ? 
_diffrn_source.pdbx_wavelength_list        0.9763 
_diffrn_source.pdbx_wavelength             ? 
_diffrn_source.pdbx_synchrotron_beamline   I03 
_diffrn_source.pdbx_synchrotron_site       Diamond 
# 
_reflns.B_iso_Wilson_estimate                          ? 
_reflns.entry_id                                       9QNE 
_reflns.data_reduction_details                         ? 
_reflns.data_reduction_method                          ? 
_reflns.d_resolution_high                              1.84 
_reflns.d_resolution_low                               41.74 
_reflns.details                                        ? 
_reflns.limit_h_max                                    ? 
_reflns.limit_h_min                                    ? 
_reflns.limit_k_max                                    ? 
_reflns.limit_k_min                                    ? 
_reflns.limit_l_max                                    ? 
_reflns.limit_l_min                                    ? 
_reflns.number_all                                     ? 
_reflns.number_obs                                     13751 
_reflns.observed_criterion                             ? 
_reflns.observed_criterion_F_max                       ? 
_reflns.observed_criterion_F_min                       ? 
_reflns.observed_criterion_I_max                       ? 
_reflns.observed_criterion_I_min                       ? 
_reflns.observed_criterion_sigma_F                     ? 
_reflns.observed_criterion_sigma_I                     ? 
_reflns.percent_possible_obs                           99.89 
_reflns.R_free_details                                 ? 
_reflns.Rmerge_F_all                                   ? 
_reflns.Rmerge_F_obs                                   ? 
_reflns.Friedel_coverage                               ? 
_reflns.number_gt                                      ? 
_reflns.threshold_expression                           ? 
_reflns.pdbx_redundancy                                2.0 
_reflns.pdbx_netI_over_av_sigmaI                       ? 
_reflns.pdbx_netI_over_sigmaI                          15.24 
_reflns.pdbx_res_netI_over_av_sigmaI_2                 ? 
_reflns.pdbx_res_netI_over_sigmaI_2                    ? 
_reflns.pdbx_chi_squared                               ? 
_reflns.pdbx_scaling_rejects                           ? 
_reflns.pdbx_d_res_high_opt                            ? 
_reflns.pdbx_d_res_low_opt                             ? 
_reflns.pdbx_d_res_opt_method                          ? 
_reflns.phase_calculation_details                      ? 
_reflns.pdbx_Rrim_I_all                                0.035 
_reflns.pdbx_Rpim_I_all                                0.025 
_reflns.pdbx_d_opt                                     ? 
_reflns.pdbx_number_measured_all                       ? 
_reflns.pdbx_diffrn_id                                 1 
_reflns.pdbx_ordinal                                   1 
_reflns.pdbx_CC_half                                   1 
_reflns.pdbx_CC_star                                   ? 
_reflns.pdbx_R_split                                   ? 
_reflns.pdbx_Rmerge_I_obs                              0.025 
_reflns.pdbx_Rmerge_I_all                              ? 
_reflns.pdbx_Rsym_value                                ? 
_reflns.pdbx_CC_split_method                           ? 
_reflns.pdbx_aniso_diffraction_limit_axis_1_ortho[1]   ? 
_reflns.pdbx_aniso_diffraction_limit_axis_1_ortho[2]   ? 
_reflns.pdbx_aniso_diffraction_limit_axis_1_ortho[3]   ? 
_reflns.pdbx_aniso_diffraction_limit_axis_2_ortho[1]   ? 
_reflns.pdbx_aniso_diffraction_limit_axis_2_ortho[2]   ? 
_reflns.pdbx_aniso_diffraction_limit_axis_2_ortho[3]   ? 
_reflns.pdbx_aniso_diffraction_limit_axis_3_ortho[1]   ? 
_reflns.pdbx_aniso_diffraction_limit_axis_3_ortho[2]   ? 
_reflns.pdbx_aniso_diffraction_limit_axis_3_ortho[3]   ? 
_reflns.pdbx_aniso_diffraction_limit_1                 ? 
_reflns.pdbx_aniso_diffraction_limit_2                 ? 
_reflns.pdbx_aniso_diffraction_limit_3                 ? 
_reflns.pdbx_aniso_B_tensor_eigenvector_1_ortho[1]     ? 
_reflns.pdbx_aniso_B_tensor_eigenvector_1_ortho[2]     ? 
_reflns.pdbx_aniso_B_tensor_eigenvector_1_ortho[3]     ? 
_reflns.pdbx_aniso_B_tensor_eigenvector_2_ortho[1]     ? 
_reflns.pdbx_aniso_B_tensor_eigenvector_2_ortho[2]     ? 
_reflns.pdbx_aniso_B_tensor_eigenvector_2_ortho[3]     ? 
_reflns.pdbx_aniso_B_tensor_eigenvector_3_ortho[1]     ? 
_reflns.pdbx_aniso_B_tensor_eigenvector_3_ortho[2]     ? 
_reflns.pdbx_aniso_B_tensor_eigenvector_3_ortho[3]     ? 
_reflns.pdbx_aniso_B_tensor_eigenvalue_1               ? 
_reflns.pdbx_aniso_B_tensor_eigenvalue_2               ? 
_reflns.pdbx_aniso_B_tensor_eigenvalue_3               ? 
_reflns.pdbx_orthogonalization_convention              ? 
_reflns.pdbx_percent_possible_ellipsoidal              ? 
_reflns.pdbx_percent_possible_spherical                ? 
_reflns.pdbx_percent_possible_ellipsoidal_anomalous    ? 
_reflns.pdbx_percent_possible_spherical_anomalous      ? 
_reflns.pdbx_redundancy_anomalous                      ? 
_reflns.pdbx_CC_half_anomalous                         ? 
_reflns.pdbx_absDiff_over_sigma_anomalous              ? 
_reflns.pdbx_percent_possible_anomalous                ? 
_reflns.pdbx_observed_signal_threshold                 ? 
_reflns.pdbx_signal_type                               ? 
_reflns.pdbx_signal_details                            ? 
_reflns.pdbx_signal_software_id                        ? 
# 
_reflns_shell.d_res_high                                    1.84 
_reflns_shell.d_res_low                                     1.906 
_reflns_shell.meanI_over_sigI_all                           ? 
_reflns_shell.meanI_over_sigI_obs                           2.3 
_reflns_shell.number_measured_all                           ? 
_reflns_shell.number_measured_obs                           ? 
_reflns_shell.number_possible                               ? 
_reflns_shell.number_unique_all                             ? 
_reflns_shell.number_unique_obs                             1331 
_reflns_shell.percent_possible_obs                          ? 
_reflns_shell.Rmerge_F_all                                  ? 
_reflns_shell.Rmerge_F_obs                                  ? 
_reflns_shell.meanI_over_sigI_gt                            ? 
_reflns_shell.meanI_over_uI_all                             ? 
_reflns_shell.meanI_over_uI_gt                              ? 
_reflns_shell.number_measured_gt                            ? 
_reflns_shell.number_unique_gt                              ? 
_reflns_shell.percent_possible_gt                           ? 
_reflns_shell.Rmerge_F_gt                                   ? 
_reflns_shell.Rmerge_I_gt                                   ? 
_reflns_shell.pdbx_redundancy                               ? 
_reflns_shell.pdbx_chi_squared                              ? 
_reflns_shell.pdbx_netI_over_sigmaI_all                     ? 
_reflns_shell.pdbx_netI_over_sigmaI_obs                     ? 
_reflns_shell.pdbx_Rrim_I_all                               0.365 
_reflns_shell.pdbx_Rpim_I_all                               0.258 
_reflns_shell.pdbx_rejects                                  ? 
_reflns_shell.pdbx_ordinal                                  1 
_reflns_shell.pdbx_diffrn_id                                1 
_reflns_shell.pdbx_CC_half                                  0.91 
_reflns_shell.pdbx_CC_star                                  0.976 
_reflns_shell.pdbx_R_split                                  ? 
_reflns_shell.percent_possible_all                          ? 
_reflns_shell.Rmerge_I_all                                  ? 
_reflns_shell.Rmerge_I_obs                                  0.258 
_reflns_shell.pdbx_Rsym_value                               ? 
_reflns_shell.pdbx_percent_possible_ellipsoidal             ? 
_reflns_shell.pdbx_percent_possible_spherical               ? 
_reflns_shell.pdbx_percent_possible_ellipsoidal_anomalous   ? 
_reflns_shell.pdbx_percent_possible_spherical_anomalous     ? 
_reflns_shell.pdbx_redundancy_anomalous                     ? 
_reflns_shell.pdbx_CC_half_anomalous                        ? 
_reflns_shell.pdbx_absDiff_over_sigma_anomalous             ? 
_reflns_shell.pdbx_percent_possible_anomalous               ? 
# 
_refine.aniso_B[1][1]                            0.04 
_refine.aniso_B[1][2]                            -0.00 
_refine.aniso_B[1][3]                            -0.00 
_refine.aniso_B[2][2]                            0.04 
_refine.aniso_B[2][3]                            -0.00 
_refine.aniso_B[3][3]                            -0.09 
_refine.B_iso_max                                ? 
_refine.B_iso_mean                               29.643 
_refine.B_iso_min                                ? 
_refine.correlation_coeff_Fo_to_Fc               0.968 
_refine.correlation_coeff_Fo_to_Fc_free          0.952 
_refine.details                                  ? 
_refine.diff_density_max                         ? 
_refine.diff_density_max_esd                     ? 
_refine.diff_density_min                         ? 
_refine.diff_density_min_esd                     ? 
_refine.diff_density_rms                         ? 
_refine.diff_density_rms_esd                     ? 
_refine.entry_id                                 9QNE 
_refine.pdbx_refine_id                           'X-RAY DIFFRACTION' 
_refine.ls_abs_structure_details                 ? 
_refine.ls_abs_structure_Flack                   ? 
_refine.ls_abs_structure_Flack_esd               ? 
_refine.ls_abs_structure_Rogers                  ? 
_refine.ls_abs_structure_Rogers_esd              ? 
_refine.ls_d_res_high                            1.84 
_refine.ls_d_res_low                             41.74 
_refine.ls_extinction_coef                       ? 
_refine.ls_extinction_coef_esd                   ? 
_refine.ls_extinction_expression                 ? 
_refine.ls_extinction_method                     ? 
_refine.ls_goodness_of_fit_all                   ? 
_refine.ls_goodness_of_fit_all_esd               ? 
_refine.ls_goodness_of_fit_obs                   ? 
_refine.ls_goodness_of_fit_obs_esd               ? 
_refine.ls_hydrogen_treatment                    ? 
_refine.ls_matrix_type                           ? 
_refine.ls_number_constraints                    ? 
_refine.ls_number_parameters                     ? 
_refine.ls_number_reflns_all                     ? 
_refine.ls_number_reflns_obs                     13051 
_refine.ls_number_reflns_R_free                  700 
_refine.ls_number_reflns_R_work                  ? 
_refine.ls_number_restraints                     ? 
_refine.ls_percent_reflns_obs                    99.99 
_refine.ls_percent_reflns_R_free                 5.1 
_refine.ls_R_factor_all                          ? 
_refine.ls_R_factor_obs                          0.16707 
_refine.ls_R_factor_R_free                       0.20164 
_refine.ls_R_factor_R_free_error                 ? 
_refine.ls_R_factor_R_free_error_details         ? 
_refine.ls_R_factor_R_work                       0.16518 
_refine.ls_R_Fsqd_factor_obs                     ? 
_refine.ls_R_I_factor_obs                        ? 
_refine.ls_redundancy_reflns_all                 ? 
_refine.ls_redundancy_reflns_obs                 ? 
_refine.ls_restrained_S_all                      ? 
_refine.ls_restrained_S_obs                      ? 
_refine.ls_shift_over_esd_max                    ? 
_refine.ls_shift_over_esd_mean                   ? 
_refine.ls_structure_factor_coef                 ? 
_refine.ls_weighting_details                     ? 
_refine.ls_weighting_scheme                      ? 
_refine.ls_wR_factor_all                         ? 
_refine.ls_wR_factor_obs                         ? 
_refine.ls_wR_factor_R_free                      ? 
_refine.ls_wR_factor_R_work                      ? 
_refine.occupancy_max                            ? 
_refine.occupancy_min                            ? 
_refine.solvent_model_details                    MASK 
_refine.solvent_model_param_bsol                 ? 
_refine.solvent_model_param_ksol                 ? 
_refine.correlation_coeff_I_to_Fcsqd_work        ? 
_refine.correlation_coeff_I_to_Fcsqd_free        ? 
_refine.pdbx_R_complete                          ? 
_refine.ls_R_factor_gt                           ? 
_refine.ls_goodness_of_fit_gt                    ? 
_refine.ls_goodness_of_fit_ref                   ? 
_refine.ls_shift_over_su_max                     ? 
_refine.ls_shift_over_su_max_lt                  ? 
_refine.ls_shift_over_su_mean                    ? 
_refine.ls_shift_over_su_mean_lt                 ? 
_refine.pdbx_ls_sigma_I                          ? 
_refine.pdbx_ls_sigma_F                          ? 
_refine.pdbx_ls_sigma_Fsqd                       ? 
_refine.pdbx_data_cutoff_high_absF               ? 
_refine.pdbx_data_cutoff_high_rms_absF           ? 
_refine.pdbx_data_cutoff_low_absF                ? 
_refine.pdbx_isotropic_thermal_model             ? 
_refine.pdbx_ls_cross_valid_method               'FREE R-VALUE' 
_refine.pdbx_method_to_determine_struct          'MOLECULAR REPLACEMENT' 
_refine.pdbx_starting_model                      ? 
_refine.pdbx_stereochemistry_target_values       'MAXIMUM LIKELIHOOD' 
_refine.pdbx_R_Free_selection_details            ? 
_refine.pdbx_stereochem_target_val_spec_case     ? 
_refine.pdbx_overall_ESU_R                       0.112 
_refine.pdbx_overall_ESU_R_Free                  0.110 
_refine.pdbx_solvent_vdw_probe_radii             1.20 
_refine.pdbx_solvent_ion_probe_radii             0.80 
_refine.pdbx_solvent_shrinkage_radii             0.80 
_refine.pdbx_real_space_R                        ? 
_refine.pdbx_density_correlation                 ? 
_refine.pdbx_pd_number_of_powder_patterns        ? 
_refine.pdbx_pd_number_of_points                 ? 
_refine.pdbx_pd_meas_number_of_points            ? 
_refine.pdbx_pd_proc_ls_prof_R_factor            ? 
_refine.pdbx_pd_proc_ls_prof_wR_factor           ? 
_refine.pdbx_pd_Marquardt_correlation_coeff      ? 
_refine.pdbx_pd_Fsqrd_R_factor                   ? 
_refine.pdbx_pd_ls_matrix_band_width             ? 
_refine.pdbx_overall_phase_error                 ? 
_refine.pdbx_overall_SU_R_free_Cruickshank_DPI   ? 
_refine.pdbx_overall_SU_R_free_Blow_DPI          ? 
_refine.pdbx_overall_SU_R_Blow_DPI               ? 
_refine.pdbx_TLS_residual_ADP_flag               ? 
_refine.pdbx_diffrn_id                           1 
_refine.overall_SU_B                             2.669 
_refine.overall_SU_ML                            0.077 
_refine.overall_SU_R_Cruickshank_DPI             ? 
_refine.overall_SU_R_free                        ? 
_refine.overall_FOM_free_R_set                   ? 
_refine.overall_FOM_work_R_set                   ? 
_refine.pdbx_average_fsc_overall                 ? 
_refine.pdbx_average_fsc_work                    ? 
_refine.pdbx_average_fsc_free                    ? 
# 
_refine_hist.pdbx_refine_id                   'X-RAY DIFFRACTION' 
_refine_hist.cycle_id                         1 
_refine_hist.details                          ? 
_refine_hist.d_res_high                       1.84 
_refine_hist.d_res_low                        41.74 
_refine_hist.number_atoms_solvent             95 
_refine_hist.number_atoms_total               1078 
_refine_hist.number_reflns_all                ? 
_refine_hist.number_reflns_obs                ? 
_refine_hist.number_reflns_R_free             ? 
_refine_hist.number_reflns_R_work             ? 
_refine_hist.R_factor_all                     ? 
_refine_hist.R_factor_obs                     ? 
_refine_hist.R_factor_R_free                  ? 
_refine_hist.R_factor_R_work                  ? 
_refine_hist.pdbx_number_residues_total       ? 
_refine_hist.pdbx_B_iso_mean_ligand           ? 
_refine_hist.pdbx_B_iso_mean_solvent          ? 
_refine_hist.pdbx_number_atoms_protein        936 
_refine_hist.pdbx_number_atoms_nucleic_acid   0 
_refine_hist.pdbx_number_atoms_ligand         47 
_refine_hist.pdbx_number_atoms_lipid          ? 
_refine_hist.pdbx_number_atoms_carb           ? 
_refine_hist.pdbx_pseudo_atom_details         ? 
# 
loop_
_refine_ls_restr.pdbx_refine_id 
_refine_ls_restr.criterion 
_refine_ls_restr.dev_ideal 
_refine_ls_restr.dev_ideal_target 
_refine_ls_restr.number 
_refine_ls_restr.rejects 
_refine_ls_restr.type 
_refine_ls_restr.weight 
_refine_ls_restr.pdbx_restraint_function 
'X-RAY DIFFRACTION' ? 0.013  0.012  1056 ? r_bond_refined_d             ? ? 
'X-RAY DIFFRACTION' ? 0.002  0.017  939  ? r_bond_other_d               ? ? 
'X-RAY DIFFRACTION' ? 1.751  1.821  1431 ? r_angle_refined_deg          ? ? 
'X-RAY DIFFRACTION' ? 0.622  1.776  2153 ? r_angle_other_deg            ? ? 
'X-RAY DIFFRACTION' ? 7.644  5.000  130  ? r_dihedral_angle_1_deg       ? ? 
'X-RAY DIFFRACTION' ? 7.681  5.000  6    ? r_dihedral_angle_2_deg       ? ? 
'X-RAY DIFFRACTION' ? 11.989 10.000 138  ? r_dihedral_angle_3_deg       ? ? 
'X-RAY DIFFRACTION' ? ?      ?      ?    ? r_dihedral_angle_4_deg       ? ? 
'X-RAY DIFFRACTION' ? 0.090  0.200  154  ? r_chiral_restr               ? ? 
'X-RAY DIFFRACTION' ? 0.008  0.020  1287 ? r_gen_planes_refined         ? ? 
'X-RAY DIFFRACTION' ? 0.001  0.020  269  ? r_gen_planes_other           ? ? 
'X-RAY DIFFRACTION' ? ?      ?      ?    ? r_nbd_refined                ? ? 
'X-RAY DIFFRACTION' ? ?      ?      ?    ? r_nbd_other                  ? ? 
'X-RAY DIFFRACTION' ? ?      ?      ?    ? r_nbtor_refined              ? ? 
'X-RAY DIFFRACTION' ? ?      ?      ?    ? r_nbtor_other                ? ? 
'X-RAY DIFFRACTION' ? ?      ?      ?    ? r_xyhbond_nbd_refined        ? ? 
'X-RAY DIFFRACTION' ? ?      ?      ?    ? r_xyhbond_nbd_other          ? ? 
'X-RAY DIFFRACTION' ? ?      ?      ?    ? r_metal_ion_refined          ? ? 
'X-RAY DIFFRACTION' ? ?      ?      ?    ? r_metal_ion_other            ? ? 
'X-RAY DIFFRACTION' ? ?      ?      ?    ? r_symmetry_vdw_refined       ? ? 
'X-RAY DIFFRACTION' ? ?      ?      ?    ? r_symmetry_vdw_other         ? ? 
'X-RAY DIFFRACTION' ? ?      ?      ?    ? r_symmetry_hbond_refined     ? ? 
'X-RAY DIFFRACTION' ? ?      ?      ?    ? r_symmetry_hbond_other       ? ? 
'X-RAY DIFFRACTION' ? ?      ?      ?    ? r_symmetry_metal_ion_refined ? ? 
'X-RAY DIFFRACTION' ? ?      ?      ?    ? r_symmetry_metal_ion_other   ? ? 
'X-RAY DIFFRACTION' ? 2.807  2.744  514  ? r_mcbond_it                  ? ? 
'X-RAY DIFFRACTION' ? 2.802  2.743  514  ? r_mcbond_other               ? ? 
'X-RAY DIFFRACTION' ? 4.113  4.892  646  ? r_mcangle_it                 ? ? 
'X-RAY DIFFRACTION' ? 4.112  4.901  647  ? r_mcangle_other              ? ? 
'X-RAY DIFFRACTION' ? 3.586  3.041  542  ? r_scbond_it                  ? ? 
'X-RAY DIFFRACTION' ? 3.582  3.046  543  ? r_scbond_other               ? ? 
'X-RAY DIFFRACTION' ? ?      ?      ?    ? r_scangle_it                 ? ? 
'X-RAY DIFFRACTION' ? 5.334  5.343  786  ? r_scangle_other              ? ? 
'X-RAY DIFFRACTION' ? 7.945  29.82  1187 ? r_long_range_B_refined       ? ? 
'X-RAY DIFFRACTION' ? 7.937  29.84  1183 ? r_long_range_B_other         ? ? 
'X-RAY DIFFRACTION' ? ?      ?      ?    ? r_rigid_bond_restr           ? ? 
'X-RAY DIFFRACTION' ? ?      ?      ?    ? r_sphericity_free            ? ? 
'X-RAY DIFFRACTION' ? ?      ?      ?    ? r_sphericity_bonded          ? ? 
# 
_refine_ls_shell.pdbx_refine_id                      'X-RAY DIFFRACTION' 
_refine_ls_shell.d_res_high                          1.840 
_refine_ls_shell.d_res_low                           1.888 
_refine_ls_shell.number_reflns_all                   ? 
_refine_ls_shell.number_reflns_obs                   ? 
_refine_ls_shell.number_reflns_R_free                52 
_refine_ls_shell.number_reflns_R_work                937 
_refine_ls_shell.percent_reflns_obs                  100.00 
_refine_ls_shell.percent_reflns_R_free               ? 
_refine_ls_shell.R_factor_all                        ? 
_refine_ls_shell.R_factor_obs                        ? 
_refine_ls_shell.R_factor_R_free_error               ? 
_refine_ls_shell.R_factor_R_work                     0.264 
_refine_ls_shell.redundancy_reflns_all               ? 
_refine_ls_shell.redundancy_reflns_obs               ? 
_refine_ls_shell.wR_factor_all                       ? 
_refine_ls_shell.wR_factor_obs                       ? 
_refine_ls_shell.wR_factor_R_free                    ? 
_refine_ls_shell.wR_factor_R_work                    ? 
_refine_ls_shell.pdbx_R_complete                     ? 
_refine_ls_shell.correlation_coeff_Fo_to_Fc          ? 
_refine_ls_shell.correlation_coeff_Fo_to_Fc_free     ? 
_refine_ls_shell.correlation_coeff_I_to_Fcsqd_work   ? 
_refine_ls_shell.correlation_coeff_I_to_Fcsqd_free   ? 
_refine_ls_shell.pdbx_total_number_of_bins_used      20 
_refine_ls_shell.pdbx_phase_error                    ? 
_refine_ls_shell.pdbx_fsc_work                       ? 
_refine_ls_shell.pdbx_fsc_free                       ? 
_refine_ls_shell.R_factor_R_free                     0.309 
# 
_struct.entry_id                     9QNE 
_struct.title                        'Streptavidin with a thiophenol cofactor as artificial hydrogen atom transferase' 
_struct.pdbx_model_details           ? 
_struct.pdbx_formula_weight          ? 
_struct.pdbx_formula_weight_method   ? 
_struct.pdbx_model_type_details      ? 
_struct.pdbx_CASP_flag               N 
# 
_struct_keywords.entry_id        9QNE 
_struct_keywords.text            'Hydrogen atom transfer, thiophenol, streptavidin, TRANSFERASE' 
_struct_keywords.pdbx_keywords   TRANSFERASE 
# 
loop_
_struct_asym.id 
_struct_asym.pdbx_blank_PDB_chainid_flag 
_struct_asym.pdbx_modified 
_struct_asym.entity_id 
_struct_asym.details 
A N N 1 ? 
B N N 2 ? 
C N N 3 ? 
D N N 3 ? 
E N N 3 ? 
F N N 3 ? 
G N N 3 ? 
H N N 3 ? 
I N N 4 ? 
# 
_struct_ref.id                         1 
_struct_ref.db_name                    UNP 
_struct_ref.db_code                    SAV_STRAV 
_struct_ref.pdbx_db_accession          P22629 
_struct_ref.pdbx_db_isoform            ? 
_struct_ref.entity_id                  1 
_struct_ref.pdbx_seq_one_letter_code   
;AGITGTWYNQLGSTFIVTAGADGALTGTYESAVGNAESRYVLTGRYDSAPATDGSGTALGWTVAWKNNYRNAHSATTWSG
QYVGGAEARINTQWLLTSGTTEANAWKSTLVGHDTFTKVKPSAASIDAAKKAGVNNGNPLDAVQQ
;
_struct_ref.pdbx_align_begin           39 
# 
_struct_ref_seq.align_id                      1 
_struct_ref_seq.ref_id                        1 
_struct_ref_seq.pdbx_PDB_id_code              9QNE 
_struct_ref_seq.pdbx_strand_id                A 
_struct_ref_seq.seq_align_beg                 15 
_struct_ref_seq.pdbx_seq_align_beg_ins_code   ? 
_struct_ref_seq.seq_align_end                 159 
_struct_ref_seq.pdbx_seq_align_end_ins_code   ? 
_struct_ref_seq.pdbx_db_accession             P22629 
_struct_ref_seq.db_align_beg                  39 
_struct_ref_seq.pdbx_db_align_beg_ins_code    ? 
_struct_ref_seq.db_align_end                  183 
_struct_ref_seq.pdbx_db_align_end_ins_code    ? 
_struct_ref_seq.pdbx_auth_seq_align_beg       15 
_struct_ref_seq.pdbx_auth_seq_align_end       159 
# 
loop_
_struct_ref_seq_dif.align_id 
_struct_ref_seq_dif.pdbx_pdb_id_code 
_struct_ref_seq_dif.mon_id 
_struct_ref_seq_dif.pdbx_pdb_strand_id 
_struct_ref_seq_dif.seq_num 
_struct_ref_seq_dif.pdbx_pdb_ins_code 
_struct_ref_seq_dif.pdbx_seq_db_name 
_struct_ref_seq_dif.pdbx_seq_db_accession_code 
_struct_ref_seq_dif.db_mon_id 
_struct_ref_seq_dif.pdbx_seq_db_seq_num 
_struct_ref_seq_dif.details 
_struct_ref_seq_dif.pdbx_auth_seq_num 
_struct_ref_seq_dif.pdbx_ordinal 
1 9QNE MET A 1  ? UNP P22629 ? ? 'initiating methionine' 1  1  
1 9QNE ALA A 2  ? UNP P22629 ? ? 'expression tag'        2  2  
1 9QNE SER A 3  ? UNP P22629 ? ? 'expression tag'        3  3  
1 9QNE MET A 4  ? UNP P22629 ? ? 'expression tag'        4  4  
1 9QNE THR A 5  ? UNP P22629 ? ? 'expression tag'        5  5  
1 9QNE GLY A 6  ? UNP P22629 ? ? 'expression tag'        6  6  
1 9QNE GLY A 7  ? UNP P22629 ? ? 'expression tag'        7  7  
1 9QNE GLN A 8  ? UNP P22629 ? ? 'expression tag'        8  8  
1 9QNE GLN A 9  ? UNP P22629 ? ? 'expression tag'        9  9  
1 9QNE MET A 10 ? UNP P22629 ? ? 'expression tag'        10 10 
1 9QNE GLY A 11 ? UNP P22629 ? ? 'expression tag'        11 11 
1 9QNE ARG A 12 ? UNP P22629 ? ? 'expression tag'        12 12 
1 9QNE ASP A 13 ? UNP P22629 ? ? 'expression tag'        13 13 
1 9QNE GLN A 14 ? UNP P22629 ? ? 'expression tag'        14 14 
# 
_pdbx_struct_assembly.id                   1 
_pdbx_struct_assembly.details              author_defined_assembly 
_pdbx_struct_assembly.method_details       ? 
_pdbx_struct_assembly.oligomeric_details   tetrameric 
_pdbx_struct_assembly.oligomeric_count     4 
# 
loop_
_pdbx_struct_assembly_gen.assembly_id 
_pdbx_struct_assembly_gen.oper_expression 
_pdbx_struct_assembly_gen.asym_id_list 
1 1 A,B,C,D,E,F,G,H,I 
1 2 A,B,C,D,E,F,G,H,I 
1 3 A,B,C,D,E,F,G,H,I 
1 4 A,B,C,D,E,F,G,H,I 
# 
_pdbx_struct_assembly_auth_evidence.id                     1 
_pdbx_struct_assembly_auth_evidence.assembly_id            1 
_pdbx_struct_assembly_auth_evidence.experimental_support   'gel filtration' 
_pdbx_struct_assembly_auth_evidence.details                ? 
# 
loop_
_pdbx_struct_oper_list.id 
_pdbx_struct_oper_list.type 
_pdbx_struct_oper_list.name 
_pdbx_struct_oper_list.symmetry_operation 
_pdbx_struct_oper_list.matrix[1][1] 
_pdbx_struct_oper_list.matrix[1][2] 
_pdbx_struct_oper_list.matrix[1][3] 
_pdbx_struct_oper_list.vector[1] 
_pdbx_struct_oper_list.matrix[2][1] 
_pdbx_struct_oper_list.matrix[2][2] 
_pdbx_struct_oper_list.matrix[2][3] 
_pdbx_struct_oper_list.vector[2] 
_pdbx_struct_oper_list.matrix[3][1] 
_pdbx_struct_oper_list.matrix[3][2] 
_pdbx_struct_oper_list.matrix[3][3] 
_pdbx_struct_oper_list.vector[3] 
1 'identity operation'         1_555  x,y,z    1.0000000000  0.0000000000  0.0000000000  0.0000000000   0.0000000000  1.0000000000  0.0000000000  0.0000000000   0.0000000000  0.0000000000  1.0000000000  0.0000000000  
2 'crystal symmetry operation' 8_555  -y,-x,-z -0.9712623600 0.1587634535  0.1773234160  -19.6614223106 0.1587634535  -0.1228982557 0.9796377823  -12.8950121870 0.1773234160  0.9796377823  0.0941606157  14.7317235498 
3 'crystal symmetry operation' 10_555 -x,-y,z  -0.2492184869 -0.7788126771 0.5756222370  -19.7353146472 -0.7788126771 -0.1921095879 -0.5971136577 -0.9626496336  0.5756222370  -0.5971136577 -0.5586719252 24.4382248440 
4 'crystal symmetry operation' 15_555 y,x,-z   0.2204808469  0.6200492236  -0.7529456530 3.6873818994   0.6200492236  -0.6849921564 -0.3825241246 8.0306574554   -0.7529456530 -0.3825241246 -0.5354886905 12.5902604865 
# 
loop_
_struct_conf.conf_type_id 
_struct_conf.id 
_struct_conf.pdbx_PDB_helix_id 
_struct_conf.beg_label_comp_id 
_struct_conf.beg_label_asym_id 
_struct_conf.beg_label_seq_id 
_struct_conf.pdbx_beg_PDB_ins_code 
_struct_conf.end_label_comp_id 
_struct_conf.end_label_asym_id 
_struct_conf.end_label_seq_id 
_struct_conf.pdbx_end_PDB_ins_code 
_struct_conf.beg_auth_comp_id 
_struct_conf.beg_auth_asym_id 
_struct_conf.beg_auth_seq_id 
_struct_conf.end_auth_comp_id 
_struct_conf.end_auth_asym_id 
_struct_conf.end_auth_seq_id 
_struct_conf.pdbx_PDB_helix_class 
_struct_conf.details 
_struct_conf.pdbx_PDB_helix_length 
HELX_P HELX_P1 AA1 ASP A 13  ? THR A 18  ? ASP A 13  THR A 18  1 ? 6 
HELX_P HELX_P2 AA2 THR A 115 ? LYS A 121 ? THR A 115 LYS A 121 5 ? 7 
# 
_struct_conf_type.id          HELX_P 
_struct_conf_type.criteria    ? 
_struct_conf_type.reference   ? 
# 
_struct_sheet.id               AA1 
_struct_sheet.type             ? 
_struct_sheet.number_strands   9 
_struct_sheet.details          ? 
# 
loop_
_struct_sheet_order.sheet_id 
_struct_sheet_order.range_id_1 
_struct_sheet_order.range_id_2 
_struct_sheet_order.offset 
_struct_sheet_order.sense 
AA1 1 2 ? anti-parallel 
AA1 2 3 ? anti-parallel 
AA1 3 4 ? anti-parallel 
AA1 4 5 ? anti-parallel 
AA1 5 6 ? anti-parallel 
AA1 6 7 ? anti-parallel 
AA1 7 8 ? anti-parallel 
AA1 8 9 ? anti-parallel 
# 
loop_
_struct_sheet_range.sheet_id 
_struct_sheet_range.id 
_struct_sheet_range.beg_label_comp_id 
_struct_sheet_range.beg_label_asym_id 
_struct_sheet_range.beg_label_seq_id 
_struct_sheet_range.pdbx_beg_PDB_ins_code 
_struct_sheet_range.end_label_comp_id 
_struct_sheet_range.end_label_asym_id 
_struct_sheet_range.end_label_seq_id 
_struct_sheet_range.pdbx_end_PDB_ins_code 
_struct_sheet_range.beg_auth_comp_id 
_struct_sheet_range.beg_auth_asym_id 
_struct_sheet_range.beg_auth_seq_id 
_struct_sheet_range.end_auth_comp_id 
_struct_sheet_range.end_auth_asym_id 
_struct_sheet_range.end_auth_seq_id 
AA1 1 GLY A 19  ? ASN A 23  ? GLY A 19  ASN A 23  
AA1 2 THR A 28  ? ALA A 33  ? THR A 28  ALA A 33  
AA1 3 ALA A 38  ? GLU A 44  ? ALA A 38  GLU A 44  
AA1 4 TYR A 54  ? TYR A 60  ? TYR A 54  TYR A 60  
AA1 5 THR A 71  ? LYS A 80  ? THR A 71  LYS A 80  
AA1 6 ASN A 85  ? VAL A 97  ? ASN A 85  VAL A 97  
AA1 7 ARG A 103 ? SER A 112 ? ARG A 103 SER A 112 
AA1 8 THR A 123 ? THR A 131 ? THR A 123 THR A 131 
AA1 9 GLY A 19  ? ASN A 23  ? GLY A 19  ASN A 23  
# 
loop_
_pdbx_struct_sheet_hbond.sheet_id 
_pdbx_struct_sheet_hbond.range_id_1 
_pdbx_struct_sheet_hbond.range_id_2 
_pdbx_struct_sheet_hbond.range_1_label_atom_id 
_pdbx_struct_sheet_hbond.range_1_label_comp_id 
_pdbx_struct_sheet_hbond.range_1_label_asym_id 
_pdbx_struct_sheet_hbond.range_1_label_seq_id 
_pdbx_struct_sheet_hbond.range_1_PDB_ins_code 
_pdbx_struct_sheet_hbond.range_1_auth_atom_id 
_pdbx_struct_sheet_hbond.range_1_auth_comp_id 
_pdbx_struct_sheet_hbond.range_1_auth_asym_id 
_pdbx_struct_sheet_hbond.range_1_auth_seq_id 
_pdbx_struct_sheet_hbond.range_2_label_atom_id 
_pdbx_struct_sheet_hbond.range_2_label_comp_id 
_pdbx_struct_sheet_hbond.range_2_label_asym_id 
_pdbx_struct_sheet_hbond.range_2_label_seq_id 
_pdbx_struct_sheet_hbond.range_2_PDB_ins_code 
_pdbx_struct_sheet_hbond.range_2_auth_atom_id 
_pdbx_struct_sheet_hbond.range_2_auth_comp_id 
_pdbx_struct_sheet_hbond.range_2_auth_asym_id 
_pdbx_struct_sheet_hbond.range_2_auth_seq_id 
AA1 1 2 N TRP A 21  ? N TRP A 21  O PHE A 29  ? O PHE A 29  
AA1 2 3 N THR A 32  ? N THR A 32  O THR A 40  ? O THR A 40  
AA1 3 4 N LEU A 39  ? N LEU A 39  O GLY A 58  ? O GLY A 58  
AA1 4 5 N THR A 57  ? N THR A 57  O THR A 76  ? O THR A 76  
AA1 5 6 N TRP A 79  ? N TRP A 79  O SER A 88  ? O SER A 88  
AA1 6 7 N VAL A 97  ? N VAL A 97  O ARG A 103 ? O ARG A 103 
AA1 7 8 N ILE A 104 ? N ILE A 104 O PHE A 130 ? O PHE A 130 
AA1 8 9 O THR A 131 ? O THR A 131 N TYR A 22  ? N TYR A 22  
# 
_pdbx_entry_details.entry_id                   9QNE 
_pdbx_entry_details.nonpolymer_details         ? 
_pdbx_entry_details.sequence_details           ? 
_pdbx_entry_details.compound_details           ? 
_pdbx_entry_details.source_details             ? 
_pdbx_entry_details.has_ligand_of_interest     Y 
_pdbx_entry_details.has_protein_modification   N 
# 
loop_
_pdbx_validate_torsion.id 
_pdbx_validate_torsion.PDB_model_num 
_pdbx_validate_torsion.auth_comp_id 
_pdbx_validate_torsion.auth_asym_id 
_pdbx_validate_torsion.auth_seq_id 
_pdbx_validate_torsion.PDB_ins_code 
_pdbx_validate_torsion.label_alt_id 
_pdbx_validate_torsion.phi 
_pdbx_validate_torsion.psi 
1 1 SER A 52  ? ? 64.89   -157.14 
2 1 GLU A 101 ? ? -104.20 52.54   
# 
_pdbx_validate_planes.id              1 
_pdbx_validate_planes.PDB_model_num   1 
_pdbx_validate_planes.auth_comp_id    ARG 
_pdbx_validate_planes.auth_asym_id    A 
_pdbx_validate_planes.auth_seq_id     53 
_pdbx_validate_planes.PDB_ins_code    ? 
_pdbx_validate_planes.label_alt_id    ? 
_pdbx_validate_planes.rmsd            0.088 
_pdbx_validate_planes.type            'SIDE CHAIN' 
# 
loop_
_pdbx_validate_main_chain_plane.id 
_pdbx_validate_main_chain_plane.PDB_model_num 
_pdbx_validate_main_chain_plane.auth_comp_id 
_pdbx_validate_main_chain_plane.auth_asym_id 
_pdbx_validate_main_chain_plane.auth_seq_id 
_pdbx_validate_main_chain_plane.PDB_ins_code 
_pdbx_validate_main_chain_plane.label_alt_id 
_pdbx_validate_main_chain_plane.improper_torsion_angle 
1 1 THR A 40  ? A -10.58 
2 1 ARG A 103 ? A 11.66  
3 1 ARG A 103 ? B 14.99  
# 
loop_
_pdbx_struct_special_symmetry.id 
_pdbx_struct_special_symmetry.PDB_model_num 
_pdbx_struct_special_symmetry.auth_asym_id 
_pdbx_struct_special_symmetry.auth_comp_id 
_pdbx_struct_special_symmetry.auth_seq_id 
_pdbx_struct_special_symmetry.PDB_ins_code 
_pdbx_struct_special_symmetry.label_asym_id 
_pdbx_struct_special_symmetry.label_comp_id 
_pdbx_struct_special_symmetry.label_seq_id 
1 1 A HOH 325 ? I HOH . 
2 1 A HOH 387 ? I HOH . 
# 
loop_
_pdbx_unobs_or_zero_occ_residues.id 
_pdbx_unobs_or_zero_occ_residues.PDB_model_num 
_pdbx_unobs_or_zero_occ_residues.polymer_flag 
_pdbx_unobs_or_zero_occ_residues.occupancy_flag 
_pdbx_unobs_or_zero_occ_residues.auth_asym_id 
_pdbx_unobs_or_zero_occ_residues.auth_comp_id 
_pdbx_unobs_or_zero_occ_residues.auth_seq_id 
_pdbx_unobs_or_zero_occ_residues.PDB_ins_code 
_pdbx_unobs_or_zero_occ_residues.label_asym_id 
_pdbx_unobs_or_zero_occ_residues.label_comp_id 
_pdbx_unobs_or_zero_occ_residues.label_seq_id 
1  1 Y 1 A MET 1   ? A MET 1   
2  1 Y 1 A ALA 2   ? A ALA 2   
3  1 Y 1 A SER 3   ? A SER 3   
4  1 Y 1 A MET 4   ? A MET 4   
5  1 Y 1 A THR 5   ? A THR 5   
6  1 Y 1 A GLY 6   ? A GLY 6   
7  1 Y 1 A GLY 7   ? A GLY 7   
8  1 Y 1 A GLN 8   ? A GLN 8   
9  1 Y 1 A GLN 9   ? A GLN 9   
10 1 Y 1 A PRO 135 ? A PRO 135 
11 1 Y 1 A SER 136 ? A SER 136 
12 1 Y 1 A ALA 137 ? A ALA 137 
13 1 Y 1 A ALA 138 ? A ALA 138 
14 1 Y 1 A SER 139 ? A SER 139 
15 1 Y 1 A ILE 140 ? A ILE 140 
16 1 Y 1 A ASP 141 ? A ASP 141 
17 1 Y 1 A ALA 142 ? A ALA 142 
18 1 Y 1 A ALA 143 ? A ALA 143 
19 1 Y 1 A LYS 144 ? A LYS 144 
20 1 Y 1 A LYS 145 ? A LYS 145 
21 1 Y 1 A ALA 146 ? A ALA 146 
22 1 Y 1 A GLY 147 ? A GLY 147 
23 1 Y 1 A VAL 148 ? A VAL 148 
24 1 Y 1 A ASN 149 ? A ASN 149 
25 1 Y 1 A ASN 150 ? A ASN 150 
26 1 Y 1 A GLY 151 ? A GLY 151 
27 1 Y 1 A ASN 152 ? A ASN 152 
28 1 Y 1 A PRO 153 ? A PRO 153 
29 1 Y 1 A LEU 154 ? A LEU 154 
30 1 Y 1 A ASP 155 ? A ASP 155 
31 1 Y 1 A ALA 156 ? A ALA 156 
32 1 Y 1 A VAL 157 ? A VAL 157 
33 1 Y 1 A GLN 158 ? A GLN 158 
34 1 Y 1 A GLN 159 ? A GLN 159 
# 
loop_
_chem_comp_atom.comp_id 
_chem_comp_atom.atom_id 
_chem_comp_atom.type_symbol 
_chem_comp_atom.pdbx_aromatic_flag 
_chem_comp_atom.pdbx_stereo_config 
_chem_comp_atom.pdbx_ordinal 
A1I7Y C10  C N N 1   
A1I7Y C13  C N N 2   
A1I7Y C15  C Y N 3   
A1I7Y C17  C Y N 4   
A1I7Y C21  C Y N 5   
A1I7Y C02  C N N 6   
A1I7Y C04  C N S 7   
A1I7Y C05  C N R 8   
A1I7Y C06  C N N 9   
A1I7Y C08  C N S 10  
A1I7Y C09  C N N 11  
A1I7Y C11  C N N 12  
A1I7Y C12  C N N 13  
A1I7Y C16  C Y N 14  
A1I7Y C18  C Y N 15  
A1I7Y C19  C Y N 16  
A1I7Y N03  N N N 17  
A1I7Y N14  N N N 18  
A1I7Y N23  N N N 19  
A1I7Y O01  O N N 20  
A1I7Y O22  O N N 21  
A1I7Y S07  S N N 22  
A1I7Y S20  S N N 23  
A1I7Y H1   H N N 24  
A1I7Y H2   H N N 25  
A1I7Y H3   H N N 26  
A1I7Y H4   H N N 27  
A1I7Y H5   H N N 28  
A1I7Y H6   H N N 29  
A1I7Y H7   H N N 30  
A1I7Y H8   H N N 31  
A1I7Y H9   H N N 32  
A1I7Y H10  H N N 33  
A1I7Y H11  H N N 34  
A1I7Y H12  H N N 35  
A1I7Y H13  H N N 36  
A1I7Y H14  H N N 37  
A1I7Y H15  H N N 38  
A1I7Y H16  H N N 39  
A1I7Y H17  H N N 40  
A1I7Y H18  H N N 41  
A1I7Y H19  H N N 42  
A1I7Y H20  H N N 43  
A1I7Y H21  H N N 44  
ALA   N    N N N 45  
ALA   CA   C N S 46  
ALA   C    C N N 47  
ALA   O    O N N 48  
ALA   CB   C N N 49  
ALA   OXT  O N N 50  
ALA   H    H N N 51  
ALA   H2   H N N 52  
ALA   HA   H N N 53  
ALA   HB1  H N N 54  
ALA   HB2  H N N 55  
ALA   HB3  H N N 56  
ALA   HXT  H N N 57  
ARG   N    N N N 58  
ARG   CA   C N S 59  
ARG   C    C N N 60  
ARG   O    O N N 61  
ARG   CB   C N N 62  
ARG   CG   C N N 63  
ARG   CD   C N N 64  
ARG   NE   N N N 65  
ARG   CZ   C N N 66  
ARG   NH1  N N N 67  
ARG   NH2  N N N 68  
ARG   OXT  O N N 69  
ARG   H    H N N 70  
ARG   H2   H N N 71  
ARG   HA   H N N 72  
ARG   HB2  H N N 73  
ARG   HB3  H N N 74  
ARG   HG2  H N N 75  
ARG   HG3  H N N 76  
ARG   HD2  H N N 77  
ARG   HD3  H N N 78  
ARG   HE   H N N 79  
ARG   HH11 H N N 80  
ARG   HH12 H N N 81  
ARG   HH21 H N N 82  
ARG   HH22 H N N 83  
ARG   HXT  H N N 84  
ASN   N    N N N 85  
ASN   CA   C N S 86  
ASN   C    C N N 87  
ASN   O    O N N 88  
ASN   CB   C N N 89  
ASN   CG   C N N 90  
ASN   OD1  O N N 91  
ASN   ND2  N N N 92  
ASN   OXT  O N N 93  
ASN   H    H N N 94  
ASN   H2   H N N 95  
ASN   HA   H N N 96  
ASN   HB2  H N N 97  
ASN   HB3  H N N 98  
ASN   HD21 H N N 99  
ASN   HD22 H N N 100 
ASN   HXT  H N N 101 
ASP   N    N N N 102 
ASP   CA   C N S 103 
ASP   C    C N N 104 
ASP   O    O N N 105 
ASP   CB   C N N 106 
ASP   CG   C N N 107 
ASP   OD1  O N N 108 
ASP   OD2  O N N 109 
ASP   OXT  O N N 110 
ASP   H    H N N 111 
ASP   H2   H N N 112 
ASP   HA   H N N 113 
ASP   HB2  H N N 114 
ASP   HB3  H N N 115 
ASP   HD2  H N N 116 
ASP   HXT  H N N 117 
EDO   C1   C N N 118 
EDO   O1   O N N 119 
EDO   C2   C N N 120 
EDO   O2   O N N 121 
EDO   H11  H N N 122 
EDO   H12  H N N 123 
EDO   HO1  H N N 124 
EDO   H21  H N N 125 
EDO   H22  H N N 126 
EDO   HO2  H N N 127 
GLN   N    N N N 128 
GLN   CA   C N S 129 
GLN   C    C N N 130 
GLN   O    O N N 131 
GLN   CB   C N N 132 
GLN   CG   C N N 133 
GLN   CD   C N N 134 
GLN   OE1  O N N 135 
GLN   NE2  N N N 136 
GLN   OXT  O N N 137 
GLN   H    H N N 138 
GLN   H2   H N N 139 
GLN   HA   H N N 140 
GLN   HB2  H N N 141 
GLN   HB3  H N N 142 
GLN   HG2  H N N 143 
GLN   HG3  H N N 144 
GLN   HE21 H N N 145 
GLN   HE22 H N N 146 
GLN   HXT  H N N 147 
GLU   N    N N N 148 
GLU   CA   C N S 149 
GLU   C    C N N 150 
GLU   O    O N N 151 
GLU   CB   C N N 152 
GLU   CG   C N N 153 
GLU   CD   C N N 154 
GLU   OE1  O N N 155 
GLU   OE2  O N N 156 
GLU   OXT  O N N 157 
GLU   H    H N N 158 
GLU   H2   H N N 159 
GLU   HA   H N N 160 
GLU   HB2  H N N 161 
GLU   HB3  H N N 162 
GLU   HG2  H N N 163 
GLU   HG3  H N N 164 
GLU   HE2  H N N 165 
GLU   HXT  H N N 166 
GLY   N    N N N 167 
GLY   CA   C N N 168 
GLY   C    C N N 169 
GLY   O    O N N 170 
GLY   OXT  O N N 171 
GLY   H    H N N 172 
GLY   H2   H N N 173 
GLY   HA2  H N N 174 
GLY   HA3  H N N 175 
GLY   HXT  H N N 176 
HIS   N    N N N 177 
HIS   CA   C N S 178 
HIS   C    C N N 179 
HIS   O    O N N 180 
HIS   CB   C N N 181 
HIS   CG   C Y N 182 
HIS   ND1  N Y N 183 
HIS   CD2  C Y N 184 
HIS   CE1  C Y N 185 
HIS   NE2  N Y N 186 
HIS   OXT  O N N 187 
HIS   H    H N N 188 
HIS   H2   H N N 189 
HIS   HA   H N N 190 
HIS   HB2  H N N 191 
HIS   HB3  H N N 192 
HIS   HD1  H N N 193 
HIS   HD2  H N N 194 
HIS   HE1  H N N 195 
HIS   HE2  H N N 196 
HIS   HXT  H N N 197 
HOH   O    O N N 198 
HOH   H1   H N N 199 
HOH   H2   H N N 200 
ILE   N    N N N 201 
ILE   CA   C N S 202 
ILE   C    C N N 203 
ILE   O    O N N 204 
ILE   CB   C N S 205 
ILE   CG1  C N N 206 
ILE   CG2  C N N 207 
ILE   CD1  C N N 208 
ILE   OXT  O N N 209 
ILE   H    H N N 210 
ILE   H2   H N N 211 
ILE   HA   H N N 212 
ILE   HB   H N N 213 
ILE   HG12 H N N 214 
ILE   HG13 H N N 215 
ILE   HG21 H N N 216 
ILE   HG22 H N N 217 
ILE   HG23 H N N 218 
ILE   HD11 H N N 219 
ILE   HD12 H N N 220 
ILE   HD13 H N N 221 
ILE   HXT  H N N 222 
LEU   N    N N N 223 
LEU   CA   C N S 224 
LEU   C    C N N 225 
LEU   O    O N N 226 
LEU   CB   C N N 227 
LEU   CG   C N N 228 
LEU   CD1  C N N 229 
LEU   CD2  C N N 230 
LEU   OXT  O N N 231 
LEU   H    H N N 232 
LEU   H2   H N N 233 
LEU   HA   H N N 234 
LEU   HB2  H N N 235 
LEU   HB3  H N N 236 
LEU   HG   H N N 237 
LEU   HD11 H N N 238 
LEU   HD12 H N N 239 
LEU   HD13 H N N 240 
LEU   HD21 H N N 241 
LEU   HD22 H N N 242 
LEU   HD23 H N N 243 
LEU   HXT  H N N 244 
LYS   N    N N N 245 
LYS   CA   C N S 246 
LYS   C    C N N 247 
LYS   O    O N N 248 
LYS   CB   C N N 249 
LYS   CG   C N N 250 
LYS   CD   C N N 251 
LYS   CE   C N N 252 
LYS   NZ   N N N 253 
LYS   OXT  O N N 254 
LYS   H    H N N 255 
LYS   H2   H N N 256 
LYS   HA   H N N 257 
LYS   HB2  H N N 258 
LYS   HB3  H N N 259 
LYS   HG2  H N N 260 
LYS   HG3  H N N 261 
LYS   HD2  H N N 262 
LYS   HD3  H N N 263 
LYS   HE2  H N N 264 
LYS   HE3  H N N 265 
LYS   HZ1  H N N 266 
LYS   HZ2  H N N 267 
LYS   HZ3  H N N 268 
LYS   HXT  H N N 269 
MET   N    N N N 270 
MET   CA   C N S 271 
MET   C    C N N 272 
MET   O    O N N 273 
MET   CB   C N N 274 
MET   CG   C N N 275 
MET   SD   S N N 276 
MET   CE   C N N 277 
MET   OXT  O N N 278 
MET   H    H N N 279 
MET   H2   H N N 280 
MET   HA   H N N 281 
MET   HB2  H N N 282 
MET   HB3  H N N 283 
MET   HG2  H N N 284 
MET   HG3  H N N 285 
MET   HE1  H N N 286 
MET   HE2  H N N 287 
MET   HE3  H N N 288 
MET   HXT  H N N 289 
PHE   N    N N N 290 
PHE   CA   C N S 291 
PHE   C    C N N 292 
PHE   O    O N N 293 
PHE   CB   C N N 294 
PHE   CG   C Y N 295 
PHE   CD1  C Y N 296 
PHE   CD2  C Y N 297 
PHE   CE1  C Y N 298 
PHE   CE2  C Y N 299 
PHE   CZ   C Y N 300 
PHE   OXT  O N N 301 
PHE   H    H N N 302 
PHE   H2   H N N 303 
PHE   HA   H N N 304 
PHE   HB2  H N N 305 
PHE   HB3  H N N 306 
PHE   HD1  H N N 307 
PHE   HD2  H N N 308 
PHE   HE1  H N N 309 
PHE   HE2  H N N 310 
PHE   HZ   H N N 311 
PHE   HXT  H N N 312 
PRO   N    N N N 313 
PRO   CA   C N S 314 
PRO   C    C N N 315 
PRO   O    O N N 316 
PRO   CB   C N N 317 
PRO   CG   C N N 318 
PRO   CD   C N N 319 
PRO   OXT  O N N 320 
PRO   H    H N N 321 
PRO   HA   H N N 322 
PRO   HB2  H N N 323 
PRO   HB3  H N N 324 
PRO   HG2  H N N 325 
PRO   HG3  H N N 326 
PRO   HD2  H N N 327 
PRO   HD3  H N N 328 
PRO   HXT  H N N 329 
SER   N    N N N 330 
SER   CA   C N S 331 
SER   C    C N N 332 
SER   O    O N N 333 
SER   CB   C N N 334 
SER   OG   O N N 335 
SER   OXT  O N N 336 
SER   H    H N N 337 
SER   H2   H N N 338 
SER   HA   H N N 339 
SER   HB2  H N N 340 
SER   HB3  H N N 341 
SER   HG   H N N 342 
SER   HXT  H N N 343 
THR   N    N N N 344 
THR   CA   C N S 345 
THR   C    C N N 346 
THR   O    O N N 347 
THR   CB   C N R 348 
THR   OG1  O N N 349 
THR   CG2  C N N 350 
THR   OXT  O N N 351 
THR   H    H N N 352 
THR   H2   H N N 353 
THR   HA   H N N 354 
THR   HB   H N N 355 
THR   HG1  H N N 356 
THR   HG21 H N N 357 
THR   HG22 H N N 358 
THR   HG23 H N N 359 
THR   HXT  H N N 360 
TRP   N    N N N 361 
TRP   CA   C N S 362 
TRP   C    C N N 363 
TRP   O    O N N 364 
TRP   CB   C N N 365 
TRP   CG   C Y N 366 
TRP   CD1  C Y N 367 
TRP   CD2  C Y N 368 
TRP   NE1  N Y N 369 
TRP   CE2  C Y N 370 
TRP   CE3  C Y N 371 
TRP   CZ2  C Y N 372 
TRP   CZ3  C Y N 373 
TRP   CH2  C Y N 374 
TRP   OXT  O N N 375 
TRP   H    H N N 376 
TRP   H2   H N N 377 
TRP   HA   H N N 378 
TRP   HB2  H N N 379 
TRP   HB3  H N N 380 
TRP   HD1  H N N 381 
TRP   HE1  H N N 382 
TRP   HE3  H N N 383 
TRP   HZ2  H N N 384 
TRP   HZ3  H N N 385 
TRP   HH2  H N N 386 
TRP   HXT  H N N 387 
TYR   N    N N N 388 
TYR   CA   C N S 389 
TYR   C    C N N 390 
TYR   O    O N N 391 
TYR   CB   C N N 392 
TYR   CG   C Y N 393 
TYR   CD1  C Y N 394 
TYR   CD2  C Y N 395 
TYR   CE1  C Y N 396 
TYR   CE2  C Y N 397 
TYR   CZ   C Y N 398 
TYR   OH   O N N 399 
TYR   OXT  O N N 400 
TYR   H    H N N 401 
TYR   H2   H N N 402 
TYR   HA   H N N 403 
TYR   HB2  H N N 404 
TYR   HB3  H N N 405 
TYR   HD1  H N N 406 
TYR   HD2  H N N 407 
TYR   HE1  H N N 408 
TYR   HE2  H N N 409 
TYR   HH   H N N 410 
TYR   HXT  H N N 411 
VAL   N    N N N 412 
VAL   CA   C N S 413 
VAL   C    C N N 414 
VAL   O    O N N 415 
VAL   CB   C N N 416 
VAL   CG1  C N N 417 
VAL   CG2  C N N 418 
VAL   OXT  O N N 419 
VAL   H    H N N 420 
VAL   H2   H N N 421 
VAL   HA   H N N 422 
VAL   HB   H N N 423 
VAL   HG11 H N N 424 
VAL   HG12 H N N 425 
VAL   HG13 H N N 426 
VAL   HG21 H N N 427 
VAL   HG22 H N N 428 
VAL   HG23 H N N 429 
VAL   HXT  H N N 430 
# 
loop_
_chem_comp_bond.comp_id 
_chem_comp_bond.atom_id_1 
_chem_comp_bond.atom_id_2 
_chem_comp_bond.value_order 
_chem_comp_bond.pdbx_aromatic_flag 
_chem_comp_bond.pdbx_stereo_config 
_chem_comp_bond.pdbx_ordinal 
A1I7Y N23 C05  sing N N 1   
A1I7Y N23 C02  sing N N 2   
A1I7Y C06 C05  sing N N 3   
A1I7Y C06 S07  sing N N 4   
A1I7Y C05 C04  sing N N 5   
A1I7Y O01 C02  doub N N 6   
A1I7Y C02 N03  sing N N 7   
A1I7Y S07 C08  sing N N 8   
A1I7Y C04 N03  sing N N 9   
A1I7Y C04 C08  sing N N 10  
A1I7Y C08 C09  sing N N 11  
A1I7Y C09 C10  sing N N 12  
A1I7Y C10 C11  sing N N 13  
A1I7Y C11 C12  sing N N 14  
A1I7Y C12 C13  sing N N 15  
A1I7Y N14 C13  sing N N 16  
A1I7Y N14 C15  sing N N 17  
A1I7Y C13 O22  doub N N 18  
A1I7Y C21 C15  doub Y N 19  
A1I7Y C21 C19  sing Y N 20  
A1I7Y C15 C16  sing Y N 21  
A1I7Y S20 C19  sing N N 22  
A1I7Y C19 C18  doub Y N 23  
A1I7Y C16 C17  doub Y N 24  
A1I7Y C18 C17  sing Y N 25  
A1I7Y C10 H1   sing N N 26  
A1I7Y C10 H2   sing N N 27  
A1I7Y C17 H3   sing N N 28  
A1I7Y C21 H4   sing N N 29  
A1I7Y C04 H5   sing N N 30  
A1I7Y C05 H6   sing N N 31  
A1I7Y C06 H7   sing N N 32  
A1I7Y C06 H8   sing N N 33  
A1I7Y C08 H9   sing N N 34  
A1I7Y C09 H10  sing N N 35  
A1I7Y C09 H11  sing N N 36  
A1I7Y C11 H12  sing N N 37  
A1I7Y C11 H13  sing N N 38  
A1I7Y C12 H14  sing N N 39  
A1I7Y C12 H15  sing N N 40  
A1I7Y C16 H16  sing N N 41  
A1I7Y C18 H17  sing N N 42  
A1I7Y N03 H18  sing N N 43  
A1I7Y N14 H19  sing N N 44  
A1I7Y N23 H20  sing N N 45  
A1I7Y S20 H21  sing N N 46  
ALA   N   CA   sing N N 47  
ALA   N   H    sing N N 48  
ALA   N   H2   sing N N 49  
ALA   CA  C    sing N N 50  
ALA   CA  CB   sing N N 51  
ALA   CA  HA   sing N N 52  
ALA   C   O    doub N N 53  
ALA   C   OXT  sing N N 54  
ALA   CB  HB1  sing N N 55  
ALA   CB  HB2  sing N N 56  
ALA   CB  HB3  sing N N 57  
ALA   OXT HXT  sing N N 58  
ARG   N   CA   sing N N 59  
ARG   N   H    sing N N 60  
ARG   N   H2   sing N N 61  
ARG   CA  C    sing N N 62  
ARG   CA  CB   sing N N 63  
ARG   CA  HA   sing N N 64  
ARG   C   O    doub N N 65  
ARG   C   OXT  sing N N 66  
ARG   CB  CG   sing N N 67  
ARG   CB  HB2  sing N N 68  
ARG   CB  HB3  sing N N 69  
ARG   CG  CD   sing N N 70  
ARG   CG  HG2  sing N N 71  
ARG   CG  HG3  sing N N 72  
ARG   CD  NE   sing N N 73  
ARG   CD  HD2  sing N N 74  
ARG   CD  HD3  sing N N 75  
ARG   NE  CZ   sing N N 76  
ARG   NE  HE   sing N N 77  
ARG   CZ  NH1  sing N N 78  
ARG   CZ  NH2  doub N N 79  
ARG   NH1 HH11 sing N N 80  
ARG   NH1 HH12 sing N N 81  
ARG   NH2 HH21 sing N N 82  
ARG   NH2 HH22 sing N N 83  
ARG   OXT HXT  sing N N 84  
ASN   N   CA   sing N N 85  
ASN   N   H    sing N N 86  
ASN   N   H2   sing N N 87  
ASN   CA  C    sing N N 88  
ASN   CA  CB   sing N N 89  
ASN   CA  HA   sing N N 90  
ASN   C   O    doub N N 91  
ASN   C   OXT  sing N N 92  
ASN   CB  CG   sing N N 93  
ASN   CB  HB2  sing N N 94  
ASN   CB  HB3  sing N N 95  
ASN   CG  OD1  doub N N 96  
ASN   CG  ND2  sing N N 97  
ASN   ND2 HD21 sing N N 98  
ASN   ND2 HD22 sing N N 99  
ASN   OXT HXT  sing N N 100 
ASP   N   CA   sing N N 101 
ASP   N   H    sing N N 102 
ASP   N   H2   sing N N 103 
ASP   CA  C    sing N N 104 
ASP   CA  CB   sing N N 105 
ASP   CA  HA   sing N N 106 
ASP   C   O    doub N N 107 
ASP   C   OXT  sing N N 108 
ASP   CB  CG   sing N N 109 
ASP   CB  HB2  sing N N 110 
ASP   CB  HB3  sing N N 111 
ASP   CG  OD1  doub N N 112 
ASP   CG  OD2  sing N N 113 
ASP   OD2 HD2  sing N N 114 
ASP   OXT HXT  sing N N 115 
EDO   C1  O1   sing N N 116 
EDO   C1  C2   sing N N 117 
EDO   C1  H11  sing N N 118 
EDO   C1  H12  sing N N 119 
EDO   O1  HO1  sing N N 120 
EDO   C2  O2   sing N N 121 
EDO   C2  H21  sing N N 122 
EDO   C2  H22  sing N N 123 
EDO   O2  HO2  sing N N 124 
GLN   N   CA   sing N N 125 
GLN   N   H    sing N N 126 
GLN   N   H2   sing N N 127 
GLN   CA  C    sing N N 128 
GLN   CA  CB   sing N N 129 
GLN   CA  HA   sing N N 130 
GLN   C   O    doub N N 131 
GLN   C   OXT  sing N N 132 
GLN   CB  CG   sing N N 133 
GLN   CB  HB2  sing N N 134 
GLN   CB  HB3  sing N N 135 
GLN   CG  CD   sing N N 136 
GLN   CG  HG2  sing N N 137 
GLN   CG  HG3  sing N N 138 
GLN   CD  OE1  doub N N 139 
GLN   CD  NE2  sing N N 140 
GLN   NE2 HE21 sing N N 141 
GLN   NE2 HE22 sing N N 142 
GLN   OXT HXT  sing N N 143 
GLU   N   CA   sing N N 144 
GLU   N   H    sing N N 145 
GLU   N   H2   sing N N 146 
GLU   CA  C    sing N N 147 
GLU   CA  CB   sing N N 148 
GLU   CA  HA   sing N N 149 
GLU   C   O    doub N N 150 
GLU   C   OXT  sing N N 151 
GLU   CB  CG   sing N N 152 
GLU   CB  HB2  sing N N 153 
GLU   CB  HB3  sing N N 154 
GLU   CG  CD   sing N N 155 
GLU   CG  HG2  sing N N 156 
GLU   CG  HG3  sing N N 157 
GLU   CD  OE1  doub N N 158 
GLU   CD  OE2  sing N N 159 
GLU   OE2 HE2  sing N N 160 
GLU   OXT HXT  sing N N 161 
GLY   N   CA   sing N N 162 
GLY   N   H    sing N N 163 
GLY   N   H2   sing N N 164 
GLY   CA  C    sing N N 165 
GLY   CA  HA2  sing N N 166 
GLY   CA  HA3  sing N N 167 
GLY   C   O    doub N N 168 
GLY   C   OXT  sing N N 169 
GLY   OXT HXT  sing N N 170 
HIS   N   CA   sing N N 171 
HIS   N   H    sing N N 172 
HIS   N   H2   sing N N 173 
HIS   CA  C    sing N N 174 
HIS   CA  CB   sing N N 175 
HIS   CA  HA   sing N N 176 
HIS   C   O    doub N N 177 
HIS   C   OXT  sing N N 178 
HIS   CB  CG   sing N N 179 
HIS   CB  HB2  sing N N 180 
HIS   CB  HB3  sing N N 181 
HIS   CG  ND1  sing Y N 182 
HIS   CG  CD2  doub Y N 183 
HIS   ND1 CE1  doub Y N 184 
HIS   ND1 HD1  sing N N 185 
HIS   CD2 NE2  sing Y N 186 
HIS   CD2 HD2  sing N N 187 
HIS   CE1 NE2  sing Y N 188 
HIS   CE1 HE1  sing N N 189 
HIS   NE2 HE2  sing N N 190 
HIS   OXT HXT  sing N N 191 
HOH   O   H1   sing N N 192 
HOH   O   H2   sing N N 193 
ILE   N   CA   sing N N 194 
ILE   N   H    sing N N 195 
ILE   N   H2   sing N N 196 
ILE   CA  C    sing N N 197 
ILE   CA  CB   sing N N 198 
ILE   CA  HA   sing N N 199 
ILE   C   O    doub N N 200 
ILE   C   OXT  sing N N 201 
ILE   CB  CG1  sing N N 202 
ILE   CB  CG2  sing N N 203 
ILE   CB  HB   sing N N 204 
ILE   CG1 CD1  sing N N 205 
ILE   CG1 HG12 sing N N 206 
ILE   CG1 HG13 sing N N 207 
ILE   CG2 HG21 sing N N 208 
ILE   CG2 HG22 sing N N 209 
ILE   CG2 HG23 sing N N 210 
ILE   CD1 HD11 sing N N 211 
ILE   CD1 HD12 sing N N 212 
ILE   CD1 HD13 sing N N 213 
ILE   OXT HXT  sing N N 214 
LEU   N   CA   sing N N 215 
LEU   N   H    sing N N 216 
LEU   N   H2   sing N N 217 
LEU   CA  C    sing N N 218 
LEU   CA  CB   sing N N 219 
LEU   CA  HA   sing N N 220 
LEU   C   O    doub N N 221 
LEU   C   OXT  sing N N 222 
LEU   CB  CG   sing N N 223 
LEU   CB  HB2  sing N N 224 
LEU   CB  HB3  sing N N 225 
LEU   CG  CD1  sing N N 226 
LEU   CG  CD2  sing N N 227 
LEU   CG  HG   sing N N 228 
LEU   CD1 HD11 sing N N 229 
LEU   CD1 HD12 sing N N 230 
LEU   CD1 HD13 sing N N 231 
LEU   CD2 HD21 sing N N 232 
LEU   CD2 HD22 sing N N 233 
LEU   CD2 HD23 sing N N 234 
LEU   OXT HXT  sing N N 235 
LYS   N   CA   sing N N 236 
LYS   N   H    sing N N 237 
LYS   N   H2   sing N N 238 
LYS   CA  C    sing N N 239 
LYS   CA  CB   sing N N 240 
LYS   CA  HA   sing N N 241 
LYS   C   O    doub N N 242 
LYS   C   OXT  sing N N 243 
LYS   CB  CG   sing N N 244 
LYS   CB  HB2  sing N N 245 
LYS   CB  HB3  sing N N 246 
LYS   CG  CD   sing N N 247 
LYS   CG  HG2  sing N N 248 
LYS   CG  HG3  sing N N 249 
LYS   CD  CE   sing N N 250 
LYS   CD  HD2  sing N N 251 
LYS   CD  HD3  sing N N 252 
LYS   CE  NZ   sing N N 253 
LYS   CE  HE2  sing N N 254 
LYS   CE  HE3  sing N N 255 
LYS   NZ  HZ1  sing N N 256 
LYS   NZ  HZ2  sing N N 257 
LYS   NZ  HZ3  sing N N 258 
LYS   OXT HXT  sing N N 259 
MET   N   CA   sing N N 260 
MET   N   H    sing N N 261 
MET   N   H2   sing N N 262 
MET   CA  C    sing N N 263 
MET   CA  CB   sing N N 264 
MET   CA  HA   sing N N 265 
MET   C   O    doub N N 266 
MET   C   OXT  sing N N 267 
MET   CB  CG   sing N N 268 
MET   CB  HB2  sing N N 269 
MET   CB  HB3  sing N N 270 
MET   CG  SD   sing N N 271 
MET   CG  HG2  sing N N 272 
MET   CG  HG3  sing N N 273 
MET   SD  CE   sing N N 274 
MET   CE  HE1  sing N N 275 
MET   CE  HE2  sing N N 276 
MET   CE  HE3  sing N N 277 
MET   OXT HXT  sing N N 278 
PHE   N   CA   sing N N 279 
PHE   N   H    sing N N 280 
PHE   N   H2   sing N N 281 
PHE   CA  C    sing N N 282 
PHE   CA  CB   sing N N 283 
PHE   CA  HA   sing N N 284 
PHE   C   O    doub N N 285 
PHE   C   OXT  sing N N 286 
PHE   CB  CG   sing N N 287 
PHE   CB  HB2  sing N N 288 
PHE   CB  HB3  sing N N 289 
PHE   CG  CD1  doub Y N 290 
PHE   CG  CD2  sing Y N 291 
PHE   CD1 CE1  sing Y N 292 
PHE   CD1 HD1  sing N N 293 
PHE   CD2 CE2  doub Y N 294 
PHE   CD2 HD2  sing N N 295 
PHE   CE1 CZ   doub Y N 296 
PHE   CE1 HE1  sing N N 297 
PHE   CE2 CZ   sing Y N 298 
PHE   CE2 HE2  sing N N 299 
PHE   CZ  HZ   sing N N 300 
PHE   OXT HXT  sing N N 301 
PRO   N   CA   sing N N 302 
PRO   N   CD   sing N N 303 
PRO   N   H    sing N N 304 
PRO   CA  C    sing N N 305 
PRO   CA  CB   sing N N 306 
PRO   CA  HA   sing N N 307 
PRO   C   O    doub N N 308 
PRO   C   OXT  sing N N 309 
PRO   CB  CG   sing N N 310 
PRO   CB  HB2  sing N N 311 
PRO   CB  HB3  sing N N 312 
PRO   CG  CD   sing N N 313 
PRO   CG  HG2  sing N N 314 
PRO   CG  HG3  sing N N 315 
PRO   CD  HD2  sing N N 316 
PRO   CD  HD3  sing N N 317 
PRO   OXT HXT  sing N N 318 
SER   N   CA   sing N N 319 
SER   N   H    sing N N 320 
SER   N   H2   sing N N 321 
SER   CA  C    sing N N 322 
SER   CA  CB   sing N N 323 
SER   CA  HA   sing N N 324 
SER   C   O    doub N N 325 
SER   C   OXT  sing N N 326 
SER   CB  OG   sing N N 327 
SER   CB  HB2  sing N N 328 
SER   CB  HB3  sing N N 329 
SER   OG  HG   sing N N 330 
SER   OXT HXT  sing N N 331 
THR   N   CA   sing N N 332 
THR   N   H    sing N N 333 
THR   N   H2   sing N N 334 
THR   CA  C    sing N N 335 
THR   CA  CB   sing N N 336 
THR   CA  HA   sing N N 337 
THR   C   O    doub N N 338 
THR   C   OXT  sing N N 339 
THR   CB  OG1  sing N N 340 
THR   CB  CG2  sing N N 341 
THR   CB  HB   sing N N 342 
THR   OG1 HG1  sing N N 343 
THR   CG2 HG21 sing N N 344 
THR   CG2 HG22 sing N N 345 
THR   CG2 HG23 sing N N 346 
THR   OXT HXT  sing N N 347 
TRP   N   CA   sing N N 348 
TRP   N   H    sing N N 349 
TRP   N   H2   sing N N 350 
TRP   CA  C    sing N N 351 
TRP   CA  CB   sing N N 352 
TRP   CA  HA   sing N N 353 
TRP   C   O    doub N N 354 
TRP   C   OXT  sing N N 355 
TRP   CB  CG   sing N N 356 
TRP   CB  HB2  sing N N 357 
TRP   CB  HB3  sing N N 358 
TRP   CG  CD1  doub Y N 359 
TRP   CG  CD2  sing Y N 360 
TRP   CD1 NE1  sing Y N 361 
TRP   CD1 HD1  sing N N 362 
TRP   CD2 CE2  doub Y N 363 
TRP   CD2 CE3  sing Y N 364 
TRP   NE1 CE2  sing Y N 365 
TRP   NE1 HE1  sing N N 366 
TRP   CE2 CZ2  sing Y N 367 
TRP   CE3 CZ3  doub Y N 368 
TRP   CE3 HE3  sing N N 369 
TRP   CZ2 CH2  doub Y N 370 
TRP   CZ2 HZ2  sing N N 371 
TRP   CZ3 CH2  sing Y N 372 
TRP   CZ3 HZ3  sing N N 373 
TRP   CH2 HH2  sing N N 374 
TRP   OXT HXT  sing N N 375 
TYR   N   CA   sing N N 376 
TYR   N   H    sing N N 377 
TYR   N   H2   sing N N 378 
TYR   CA  C    sing N N 379 
TYR   CA  CB   sing N N 380 
TYR   CA  HA   sing N N 381 
TYR   C   O    doub N N 382 
TYR   C   OXT  sing N N 383 
TYR   CB  CG   sing N N 384 
TYR   CB  HB2  sing N N 385 
TYR   CB  HB3  sing N N 386 
TYR   CG  CD1  doub Y N 387 
TYR   CG  CD2  sing Y N 388 
TYR   CD1 CE1  sing Y N 389 
TYR   CD1 HD1  sing N N 390 
TYR   CD2 CE2  doub Y N 391 
TYR   CD2 HD2  sing N N 392 
TYR   CE1 CZ   doub Y N 393 
TYR   CE1 HE1  sing N N 394 
TYR   CE2 CZ   sing Y N 395 
TYR   CE2 HE2  sing N N 396 
TYR   CZ  OH   sing N N 397 
TYR   OH  HH   sing N N 398 
TYR   OXT HXT  sing N N 399 
VAL   N   CA   sing N N 400 
VAL   N   H    sing N N 401 
VAL   N   H2   sing N N 402 
VAL   CA  C    sing N N 403 
VAL   CA  CB   sing N N 404 
VAL   CA  HA   sing N N 405 
VAL   C   O    doub N N 406 
VAL   C   OXT  sing N N 407 
VAL   CB  CG1  sing N N 408 
VAL   CB  CG2  sing N N 409 
VAL   CB  HB   sing N N 410 
VAL   CG1 HG11 sing N N 411 
VAL   CG1 HG12 sing N N 412 
VAL   CG1 HG13 sing N N 413 
VAL   CG2 HG21 sing N N 414 
VAL   CG2 HG22 sing N N 415 
VAL   CG2 HG23 sing N N 416 
VAL   OXT HXT  sing N N 417 
# 
_pdbx_audit_support.funding_organization   'Swiss National Science Foundation' 
_pdbx_audit_support.country                Switzerland 
_pdbx_audit_support.grant_number           200020_212088 
_pdbx_audit_support.ordinal                1 
# 
_pdbx_initial_refinement_model.id               1 
_pdbx_initial_refinement_model.entity_id_list   ? 
_pdbx_initial_refinement_model.type             'experimental model' 
_pdbx_initial_refinement_model.source_name      PDB 
_pdbx_initial_refinement_model.accession_code   7ZOF 
_pdbx_initial_refinement_model.details          ? 
# 
_atom_sites.entry_id                    9QNE 
_atom_sites.Cartn_transf_matrix[1][1]   ? 
_atom_sites.Cartn_transf_matrix[1][2]   ? 
_atom_sites.Cartn_transf_matrix[1][3]   ? 
_atom_sites.Cartn_transf_matrix[2][1]   ? 
_atom_sites.Cartn_transf_matrix[2][2]   ? 
_atom_sites.Cartn_transf_matrix[2][3]   ? 
_atom_sites.Cartn_transf_matrix[3][1]   ? 
_atom_sites.Cartn_transf_matrix[3][2]   ? 
_atom_sites.Cartn_transf_matrix[3][3]   ? 
_atom_sites.Cartn_transf_vector[1]      ? 
_atom_sites.Cartn_transf_vector[2]      ? 
_atom_sites.Cartn_transf_vector[3]      ? 
_atom_sites.Cartn_transform_axes        ? 
_atom_sites.fract_transf_matrix[1][1]   0.01110213 
_atom_sites.fract_transf_matrix[1][2]   0.01304952 
_atom_sites.fract_transf_matrix[1][3]   0.00317545 
_atom_sites.fract_transf_matrix[2][1]   0.00814821 
_atom_sites.fract_transf_matrix[2][2]   -0.00326964 
_atom_sites.fract_transf_matrix[2][3]   -0.01505147 
_atom_sites.fract_transf_matrix[3][1]   -0.00335816 
_atom_sites.fract_transf_matrix[3][2]   0.00348354 
_atom_sites.fract_transf_matrix[3][3]   -0.00257469 
_atom_sites.fract_transf_vector[1]      0.077032 
_atom_sites.fract_transf_vector[2]      0.262746 
_atom_sites.fract_transf_vector[3]      0.008412 
_atom_sites.solution_primary            ? 
_atom_sites.solution_secondary          ? 
_atom_sites.solution_hydrogens          ? 
_atom_sites.special_details             ? 
# 
loop_
_atom_type.symbol 
C 
N 
O 
S 
# 
loop_
_atom_site.group_PDB 
_atom_site.id 
_atom_site.type_symbol 
_atom_site.label_atom_id 
_atom_site.label_alt_id 
_atom_site.label_comp_id 
_atom_site.label_asym_id 
_atom_site.label_entity_id 
_atom_site.label_seq_id 
_atom_site.pdbx_PDB_ins_code 
_atom_site.Cartn_x 
_atom_site.Cartn_y 
_atom_site.Cartn_z 
_atom_site.occupancy 
_atom_site.B_iso_or_equiv 
_atom_site.pdbx_formal_charge 
_atom_site.auth_seq_id 
_atom_site.auth_comp_id 
_atom_site.auth_asym_id 
_atom_site.auth_atom_id 
_atom_site.pdbx_PDB_model_num 
ATOM   1    N N   . MET   A 1 10  ? 21.384  -6.412  -0.867  1.00 63.61  ? 10  MET   A N   1 
ATOM   2    C CA  . MET   A 1 10  ? 20.035  -6.524  -1.482  1.00 67.94  ? 10  MET   A CA  1 
ATOM   3    C C   . MET   A 1 10  ? 19.019  -7.032  -0.451  1.00 57.89  ? 10  MET   A C   1 
ATOM   4    O O   . MET   A 1 10  ? 19.326  -8.016  0.242   1.00 53.09  ? 10  MET   A O   1 
ATOM   5    C CB  . MET   A 1 10  ? 20.063  -7.467  -2.692  1.00 77.42  ? 10  MET   A CB  1 
ATOM   6    C CG  . MET   A 1 10  ? 18.710  -7.817  -3.273  1.00 89.54  ? 10  MET   A CG  1 
ATOM   7    S SD  . MET   A 1 10  ? 18.799  -9.093  -4.547  1.00 106.00 ? 10  MET   A SD  1 
ATOM   8    C CE  . MET   A 1 10  ? 18.865  -10.568 -3.520  1.00 103.86 ? 10  MET   A CE  1 
ATOM   9    N N   . GLY   A 1 11  ? 17.881  -6.352  -0.323  1.00 48.25  ? 11  GLY   A N   1 
ATOM   10   C CA  . GLY   A 1 11  ? 16.811  -6.867  0.532   1.00 51.58  ? 11  GLY   A CA  1 
ATOM   11   C C   . GLY   A 1 11  ? 16.375  -8.258  0.061   1.00 51.27  ? 11  GLY   A C   1 
ATOM   12   O O   . GLY   A 1 11  ? 16.396  -8.539  -1.142  1.00 46.32  ? 11  GLY   A O   1 
ATOM   13   N N   . ARG   A 1 12  ? 16.008  -9.144  0.997   1.00 48.13  ? 12  ARG   A N   1 
ATOM   14   C CA  . ARG   A 1 12  ? 15.685  -10.524 0.645   1.00 46.52  ? 12  ARG   A CA  1 
ATOM   15   C C   . ARG   A 1 12  ? 14.576  -10.556 -0.413  1.00 48.78  ? 12  ARG   A C   1 
ATOM   16   O O   . ARG   A 1 12  ? 14.655  -11.316 -1.382  1.00 46.25  ? 12  ARG   A O   1 
ATOM   17   C CB  . ARG   A 1 12  ? 15.313  -11.341 1.887   1.00 48.87  ? 12  ARG   A CB  1 
ATOM   18   C CG  . ARG   A 1 12  ? 14.911  -12.786 1.603   1.00 57.59  ? 12  ARG   A CG  1 
ATOM   19   C CD  . ARG   A 1 12  ? 15.622  -13.785 2.518   1.00 73.25  ? 12  ARG   A CD  1 
ATOM   20   N NE  . ARG   A 1 12  ? 15.546  -13.464 3.953   1.00 82.97  ? 12  ARG   A NE  1 
ATOM   21   C CZ  . ARG   A 1 12  ? 16.520  -12.981 4.741   1.00 84.82  ? 12  ARG   A CZ  1 
ATOM   22   N NH1 . ARG   A 1 12  ? 17.708  -12.641 4.268   1.00 88.64  ? 12  ARG   A NH1 1 
ATOM   23   N NH2 . ARG   A 1 12  ? 16.292  -12.819 6.031   1.00 77.83  ? 12  ARG   A NH2 1 
ATOM   24   N N   . ASP   A 1 13  ? 13.549  -9.704  -0.236  1.00 44.10  ? 13  ASP   A N   1 
ATOM   25   C CA  . ASP   A 1 13  ? 12.396  -9.691  -1.123  1.00 37.35  ? 13  ASP   A CA  1 
ATOM   26   C C   . ASP   A 1 13  ? 12.363  -8.414  -1.947  1.00 40.02  ? 13  ASP   A C   1 
ATOM   27   O O   . ASP   A 1 13  ? 11.302  -8.042  -2.443  1.00 36.99  ? 13  ASP   A O   1 
ATOM   28   C CB  . ASP   A 1 13  ? 11.101  -9.881  -0.350  1.00 41.79  ? 13  ASP   A CB  1 
ATOM   29   C CG  . ASP   A 1 13  ? 11.117  -11.102 0.556   1.00 43.43  ? 13  ASP   A CG  1 
ATOM   30   O OD1 . ASP   A 1 13  ? 11.244  -12.240 0.028   1.00 45.30  ? 13  ASP   A OD1 1 
ATOM   31   O OD2 . ASP   A 1 13  ? 11.080  -10.903 1.777   1.00 37.35  ? 13  ASP   A OD2 1 
ATOM   32   N N   . GLN   A 1 14  ? 13.520  -7.754  -2.107  1.00 36.15  ? 14  GLN   A N   1 
ATOM   33   C CA  . GLN   A 1 14  ? 13.573  -6.559  -2.933  1.00 40.07  ? 14  GLN   A CA  1 
ATOM   34   C C   . GLN   A 1 14  ? 12.971  -6.850  -4.314  1.00 44.15  ? 14  GLN   A C   1 
ATOM   35   O O   . GLN   A 1 14  ? 12.125  -6.106  -4.832  1.00 38.14  ? 14  GLN   A O   1 
ATOM   36   C CB  . GLN   A 1 14  ? 15.041  -6.142  -2.987  1.00 38.03  ? 14  GLN   A CB  1 
ATOM   37   C CG  . GLN   A 1 14  ? 15.261  -4.857  -3.761  1.00 41.91  ? 14  GLN   A CG  1 
ATOM   38   C CD  . GLN   A 1 14  ? 16.683  -4.364  -3.639  1.00 45.85  ? 14  GLN   A CD  1 
ATOM   39   O OE1 . GLN   A 1 14  ? 17.460  -4.831  -2.798  1.00 45.51  ? 14  GLN   A OE1 1 
ATOM   40   N NE2 . GLN   A 1 14  ? 17.037  -3.420  -4.492  1.00 46.68  ? 14  GLN   A NE2 1 
ATOM   41   N N   . ALA   A 1 15  ? 13.415  -7.968  -4.902  1.00 43.17  ? 15  ALA   A N   1 
ATOM   42   C CA  . ALA   A 1 15  ? 13.012  -8.355  -6.243  1.00 44.83  ? 15  ALA   A CA  1 
ATOM   43   C C   . ALA   A 1 15  ? 11.547  -8.802  -6.274  1.00 42.10  ? 15  ALA   A C   1 
ATOM   44   O O   . ALA   A 1 15  ? 10.804  -8.414  -7.188  1.00 43.47  ? 15  ALA   A O   1 
ATOM   45   C CB  . ALA   A 1 15  ? 13.937  -9.442  -6.717  1.00 48.83  ? 15  ALA   A CB  1 
ATOM   46   N N   . GLY   A 1 16  ? 11.142  -9.585  -5.254  1.00 33.32  ? 16  GLY   A N   1 
ATOM   47   C CA  . GLY   A 1 16  ? 9.785   -10.095 -5.172  1.00 31.12  ? 16  GLY   A CA  1 
ATOM   48   C C   . GLY   A 1 16  ? 8.749   -8.971  -5.063  1.00 28.39  ? 16  GLY   A C   1 
ATOM   49   O O   . GLY   A 1 16  ? 7.671   -9.065  -5.640  1.00 29.01  ? 16  GLY   A O   1 
ATOM   50   N N   . ILE   A 1 17  ? 9.079   -7.910  -4.315  1.00 27.16  ? 17  ILE   A N   1 
ATOM   51   C CA  . ILE   A 1 17  ? 8.126   -6.854  -4.024  1.00 24.96  ? 17  ILE   A CA  1 
ATOM   52   C C   . ILE   A 1 17  ? 8.056   -5.847  -5.161  1.00 23.26  ? 17  ILE   A C   1 
ATOM   53   O O   . ILE   A 1 17  ? 6.977   -5.354  -5.494  1.00 25.78  ? 17  ILE   A O   1 
ATOM   54   C CB  . ILE   A 1 17  ? 8.485   -6.157  -2.699  1.00 26.96  ? 17  ILE   A CB  1 
ATOM   55   C CG1 . ILE   A 1 17  ? 8.358   -7.124  -1.524  1.00 24.84  ? 17  ILE   A CG1 1 
ATOM   56   C CG2 . ILE   A 1 17  ? 7.626   -4.901  -2.524  1.00 24.87  ? 17  ILE   A CG2 1 
ATOM   57   C CD1 . ILE   A 1 17  ? 8.912   -6.580  -0.212  1.00 27.72  ? 17  ILE   A CD1 1 
ATOM   58   N N   . THR   A 1 18  ? 9.206   -5.506  -5.722  1.00 26.25  ? 18  THR   A N   1 
ATOM   59   C CA  . THR   A 1 18  ? 9.282   -4.477  -6.746  1.00 27.14  ? 18  THR   A CA  1 
ATOM   60   C C   . THR   A 1 18  ? 8.423   -4.879  -7.949  1.00 26.41  ? 18  THR   A C   1 
ATOM   61   O O   . THR   A 1 18  ? 8.487   -6.006  -8.429  1.00 25.50  ? 18  THR   A O   1 
ATOM   62   C CB  . THR   A 1 18  ? 10.753  -4.275  -7.143  1.00 26.79  ? 18  THR   A CB  1 
ATOM   63   O OG1 . THR   A 1 18  ? 11.464  -3.628  -6.091  1.00 24.27  ? 18  THR   A OG1 1 
ATOM   64   C CG2 . THR   A 1 18  ? 10.905  -3.346  -8.336  1.00 25.64  ? 18  THR   A CG2 1 
ATOM   65   N N   . GLY   A 1 19  ? 7.588   -3.951  -8.424  1.00 22.83  ? 19  GLY   A N   1 
ATOM   66   C CA  . GLY   A 1 19  ? 6.735   -4.231  -9.559  1.00 26.12  ? 19  GLY   A CA  1 
ATOM   67   C C   . GLY   A 1 19  ? 5.316   -3.714  -9.356  1.00 26.02  ? 19  GLY   A C   1 
ATOM   68   O O   . GLY   A 1 19  ? 5.068   -2.877  -8.476  1.00 24.94  ? 19  GLY   A O   1 
ATOM   69   N N   . THR   A 1 20  ? 4.422   -4.270  -10.173 1.00 24.13  ? 20  THR   A N   1 
ATOM   70   C CA  . THR   A 1 20  ? 3.033   -3.875  -10.277 1.00 25.94  ? 20  THR   A CA  1 
ATOM   71   C C   . THR   A 1 20  ? 2.159   -4.928  -9.579  1.00 27.97  ? 20  THR   A C   1 
ATOM   72   O O   . THR   A 1 20  ? 2.332   -6.127  -9.751  1.00 27.29  ? 20  THR   A O   1 
ATOM   73   C CB  . THR   A 1 20  ? 2.614   -3.715  -11.736 1.00 26.12  ? 20  THR   A CB  1 
ATOM   74   O OG1 . THR   A 1 20  ? 3.520   -2.852  -12.411 1.00 26.03  ? 20  THR   A OG1 1 
ATOM   75   C CG2 . THR   A 1 20  ? 1.204   -3.178  -11.823 1.00 25.54  ? 20  THR   A CG2 1 
ATOM   76   N N   . TRP   A 1 21  ? 1.250   -4.419  -8.738  1.00 25.39  ? 21  TRP   A N   1 
ATOM   77   C CA  . TRP   A 1 21  ? 0.304   -5.274  -7.990  1.00 22.28  ? 21  TRP   A CA  1 
ATOM   78   C C   . TRP   A 1 21  ? -1.113  -4.746  -8.185  1.00 21.40  ? 21  TRP   A C   1 
ATOM   79   O O   . TRP   A 1 21  ? -1.270  -3.541  -8.391  1.00 21.08  ? 21  TRP   A O   1 
ATOM   80   C CB  . TRP   A 1 21  ? 0.651   -5.288  -6.501  1.00 23.84  ? 21  TRP   A CB  1 
ATOM   81   C CG  . TRP   A 1 21  ? 2.007   -5.846  -6.178  1.00 21.88  ? 21  TRP   A CG  1 
ATOM   82   C CD1 . TRP   A 1 21  ? 3.203   -5.191  -6.220  1.00 22.33  ? 21  TRP   A CD1 1 
ATOM   83   C CD2 . TRP   A 1 21  ? 2.294   -7.186  -5.731  1.00 22.27  ? 21  TRP   A CD2 1 
ATOM   84   N NE1 . TRP   A 1 21  ? 4.213   -6.030  -5.839  1.00 23.37  ? 21  TRP   A NE1 1 
ATOM   85   C CE2 . TRP   A 1 21  ? 3.688   -7.258  -5.532  1.00 23.05  ? 21  TRP   A CE2 1 
ATOM   86   C CE3 . TRP   A 1 21  ? 1.516   -8.320  -5.486  1.00 25.15  ? 21  TRP   A CE3 1 
ATOM   87   C CZ2 . TRP   A 1 21  ? 4.313   -8.422  -5.098  1.00 23.68  ? 21  TRP   A CZ2 1 
ATOM   88   C CZ3 . TRP   A 1 21  ? 2.135   -9.469  -5.053  1.00 25.73  ? 21  TRP   A CZ3 1 
ATOM   89   C CH2 . TRP   A 1 21  ? 3.514   -9.516  -4.862  1.00 27.12  ? 21  TRP   A CH2 1 
ATOM   90   N N   . TYR   A 1 22  ? -2.097  -5.635  -8.108  1.00 22.17  ? 22  TYR   A N   1 
ATOM   91   C CA  . TYR   A 1 22  ? -3.492  -5.285  -8.317  1.00 22.94  ? 22  TYR   A CA  1 
ATOM   92   C C   . TYR   A 1 22  ? -4.299  -5.814  -7.131  1.00 22.01  ? 22  TYR   A C   1 
ATOM   93   O O   . TYR   A 1 22  ? -4.056  -6.914  -6.654  1.00 22.79  ? 22  TYR   A O   1 
ATOM   94   C CB  . TYR   A 1 22  ? -3.932  -5.955  -9.633  1.00 25.35  ? 22  TYR   A CB  1 
ATOM   95   C CG  . TYR   A 1 22  ? -3.072  -5.647  -10.855 1.00 22.65  ? 22  TYR   A CG  1 
ATOM   96   C CD1 . TYR   A 1 22  ? -3.210  -4.455  -11.553 1.00 24.81  ? 22  TYR   A CD1 1 
ATOM   97   C CD2 . TYR   A 1 22  ? -2.133  -6.554  -11.325 1.00 27.50  ? 22  TYR   A CD2 1 
ATOM   98   C CE1 . TYR   A 1 22  ? -2.440  -4.167  -12.676 1.00 26.00  ? 22  TYR   A CE1 1 
ATOM   99   C CE2 . TYR   A 1 22  ? -1.334  -6.271  -12.423 1.00 25.79  ? 22  TYR   A CE2 1 
ATOM   100  C CZ  . TYR   A 1 22  ? -1.514  -5.090  -13.133 1.00 29.29  ? 22  TYR   A CZ  1 
ATOM   101  O OH  . TYR   A 1 22  ? -0.746  -4.824  -14.256 1.00 25.96  ? 22  TYR   A OH  1 
ATOM   102  N N   . ASN   A 1 23  ? -5.284  -5.070  -6.646  1.00 23.47  ? 23  ASN   A N   1 
ATOM   103  C CA  . ASN   A 1 23  ? -6.075  -5.599  -5.537  1.00 20.94  ? 23  ASN   A CA  1 
ATOM   104  C C   . ASN   A 1 23  ? -7.447  -6.061  -6.008  1.00 23.15  ? 23  ASN   A C   1 
ATOM   105  O O   . ASN   A 1 23  ? -7.771  -6.000  -7.186  1.00 24.87  ? 23  ASN   A O   1 
ATOM   106  C CB  . ASN   A 1 23  ? -6.106  -4.623  -4.366  1.00 19.15  ? 23  ASN   A CB  1 
ATOM   107  C CG  . ASN   A 1 23  ? -6.933  -3.383  -4.627  1.00 22.86  ? 23  ASN   A CG  1 
ATOM   108  O OD1 . ASN   A 1 23  ? -7.720  -3.292  -5.580  1.00 22.08  ? 23  ASN   A OD1 1 
ATOM   109  N ND2 . ASN   A 1 23  ? -6.826  -2.440  -3.711  1.00 23.84  ? 23  ASN   A ND2 1 
ATOM   110  N N   . GLN   A 1 24  ? -8.288  -6.500  -5.051  1.00 25.42  ? 24  GLN   A N   1 
ATOM   111  C CA  . GLN   A 1 24  ? -9.594  -7.061  -5.358  1.00 24.82  ? 24  GLN   A CA  1 
ATOM   112  C C   . GLN   A 1 24  ? -10.540 -5.998  -5.926  1.00 26.09  ? 24  GLN   A C   1 
ATOM   113  O O   . GLN   A 1 24  ? -11.565 -6.347  -6.481  1.00 26.35  ? 24  GLN   A O   1 
ATOM   114  C CB  . GLN   A 1 24  ? -10.181 -7.729  -4.117  1.00 26.63  ? 24  GLN   A CB  1 
ATOM   115  C CG  . GLN   A 1 24  ? -10.675 -6.797  -3.004  1.00 24.72  ? 24  GLN   A CG  1 
ATOM   116  C CD  . GLN   A 1 24  ? -9.597  -6.009  -2.270  1.00 25.60  ? 24  GLN   A CD  1 
ATOM   117  O OE1 . GLN   A 1 24  ? -8.392  -6.313  -2.307  1.00 23.36  ? 24  GLN   A OE1 1 
ATOM   118  N NE2 . GLN   A 1 24  ? -10.051 -5.031  -1.487  1.00 25.62  ? 24  GLN   A NE2 1 
ATOM   119  N N   . LEU   A 1 25  ? -10.224 -4.710  -5.764  1.00 23.45  ? 25  LEU   A N   1 
ATOM   120  C CA  . LEU   A 1 25  ? -11.098 -3.640  -6.261  1.00 24.54  ? 25  LEU   A CA  1 
ATOM   121  C C   . LEU   A 1 25  ? -10.682 -3.255  -7.674  1.00 27.46  ? 25  LEU   A C   1 
ATOM   122  O O   . LEU   A 1 25  ? -11.350 -2.453  -8.315  1.00 32.27  ? 25  LEU   A O   1 
ATOM   123  C CB  . LEU   A 1 25  ? -10.977 -2.419  -5.361  1.00 26.86  ? 25  LEU   A CB  1 
ATOM   124  C CG  . LEU   A 1 25  ? -11.451 -2.586  -3.914  1.00 29.29  ? 25  LEU   A CG  1 
ATOM   125  C CD1 . LEU   A 1 25  ? -11.090 -1.392  -3.072  1.00 29.07  ? 25  LEU   A CD1 1 
ATOM   126  C CD2 . LEU   A 1 25  ? -12.945 -2.861  -3.876  1.00 31.36  ? 25  LEU   A CD2 1 
ATOM   127  N N   . GLY   A 1 26  ? -9.530  -3.752  -8.131  1.00 25.89  ? 26  GLY   A N   1 
ATOM   128  C CA  . GLY   A 1 26  ? -9.036  -3.341  -9.434  1.00 29.42  ? 26  GLY   A CA  1 
ATOM   129  C C   . GLY   A 1 26  ? -8.080  -2.149  -9.352  1.00 29.34  ? 26  GLY   A C   1 
ATOM   130  O O   . GLY   A 1 26  ? -7.699  -1.610  -10.390 1.00 24.74  ? 26  GLY   A O   1 
ATOM   131  N N   . SER   A 1 27  ? -7.654  -1.764  -8.134  1.00 25.44  ? 27  SER   A N   1 
ATOM   132  C CA  . SER   A 1 27  ? -6.603  -0.768  -7.975  1.00 25.13  ? 27  SER   A CA  1 
ATOM   133  C C   . SER   A 1 27  ? -5.221  -1.285  -8.380  1.00 23.95  ? 27  SER   A C   1 
ATOM   134  O O   . SER   A 1 27  ? -4.909  -2.466  -8.226  1.00 26.03  ? 27  SER   A O   1 
ATOM   135  C CB  . SER   A 1 27  ? -6.589  -0.242  -6.540  1.00 24.35  ? 27  SER   A CB  1 
ATOM   136  O OG  . SER   A 1 27  ? -7.854  0.342   -6.249  1.00 21.53  ? 27  SER   A OG  1 
ATOM   137  N N   . THR   A 1 28  ? -4.345  -0.344  -8.777  1.00 24.23  ? 28  THR   A N   1 
ATOM   138  C CA  . THR   A 1 28  ? -2.988  -0.648  -9.235  1.00 22.97  ? 28  THR   A CA  1 
ATOM   139  C C   . THR   A 1 28  ? -1.959  0.031   -8.346  1.00 24.80  ? 28  THR   A C   1 
ATOM   140  O O   . THR   A 1 28  ? -1.946  1.236   -8.222  1.00 23.23  ? 28  THR   A O   1 
ATOM   141  C CB  . THR   A 1 28  ? -2.817  -0.208  -10.696 1.00 25.48  ? 28  THR   A CB  1 
ATOM   142  O OG1 . THR   A 1 28  ? -3.796  -0.931  -11.436 1.00 26.92  ? 28  THR   A OG1 1 
ATOM   143  C CG2 . THR   A 1 28  ? -1.493  -0.610  -11.308 1.00 29.37  ? 28  THR   A CG2 1 
ATOM   144  N N   . PHE   A 1 29  ? -1.051  -0.776  -7.783  1.00 23.79  ? 29  PHE   A N   1 
ATOM   145  C CA  . PHE   A 1 29  ? 0.023   -0.334  -6.917  1.00 26.18  ? 29  PHE   A CA  1 
ATOM   146  C C   . PHE   A 1 29  ? 1.339   -0.720  -7.596  1.00 28.90  ? 29  PHE   A C   1 
ATOM   147  O O   . PHE   A 1 29  ? 1.563   -1.905  -7.857  1.00 27.46  ? 29  PHE   A O   1 
ATOM   148  C CB  . PHE   A 1 29  ? -0.209  -1.169  -5.643  1.00 25.88  ? 29  PHE   A CB  1 
ATOM   149  C CG  . PHE   A 1 29  ? 0.912   -1.244  -4.623  1.00 25.80  ? 29  PHE   A CG  1 
ATOM   150  C CD1 . PHE   A 1 29  ? 1.547   -0.092  -4.151  1.00 30.58  ? 29  PHE   A CD1 1 
ATOM   151  C CD2 . PHE   A 1 29  ? 1.250   -2.455  -4.048  1.00 26.92  ? 29  PHE   A CD2 1 
ATOM   152  C CE1 . PHE   A 1 29  ? 2.514   -0.170  -3.139  1.00 28.09  ? 29  PHE   A CE1 1 
ATOM   153  C CE2 . PHE   A 1 29  ? 2.265   -2.541  -3.103  1.00 27.50  ? 29  PHE   A CE2 1 
ATOM   154  C CZ  . PHE   A 1 29  ? 2.874   -1.396  -2.621  1.00 28.25  ? 29  PHE   A CZ  1 
ATOM   155  N N   . ILE   A 1 30  ? 2.187   0.264   -7.862  1.00 25.56  ? 30  ILE   A N   1 
ATOM   156  C CA  . ILE   A 1 30  ? 3.451   0.068   -8.548  1.00 25.58  ? 30  ILE   A CA  1 
ATOM   157  C C   . ILE   A 1 30  ? 4.524   0.522   -7.581  1.00 24.48  ? 30  ILE   A C   1 
ATOM   158  O O   . ILE   A 1 30  ? 4.468   1.644   -7.102  1.00 25.74  ? 30  ILE   A O   1 
ATOM   159  C CB  . ILE   A 1 30  ? 3.488   0.864   -9.862  1.00 31.66  ? 30  ILE   A CB  1 
ATOM   160  C CG1 . ILE   A 1 30  ? 2.333   0.463   -10.764 1.00 30.44  ? 30  ILE   A CG1 1 
ATOM   161  C CG2 . ILE   A 1 30  ? 4.847   0.703   -10.551 1.00 33.92  ? 30  ILE   A CG2 1 
ATOM   162  C CD1 . ILE   A 1 30  ? 2.138   1.358   -11.986 1.00 32.43  ? 30  ILE   A CD1 1 
ATOM   163  N N   . VAL   A 1 31  ? 5.453   -0.364  -7.222  1.00 25.15  ? 31  VAL   A N   1 
ATOM   164  C CA  . VAL   A 1 31  ? 6.380   -0.012  -6.165  1.00 24.96  ? 31  VAL   A CA  1 
ATOM   165  C C   . VAL   A 1 31  ? 7.802   -0.475  -6.478  1.00 23.87  ? 31  VAL   A C   1 
ATOM   166  O O   . VAL   A 1 31  ? 8.018   -1.478  -7.155  1.00 25.32  ? 31  VAL   A O   1 
ATOM   167  C CB  . VAL   A 1 31  ? 5.880   -0.638  -4.853  1.00 26.99  ? 31  VAL   A CB  1 
ATOM   168  C CG1 . VAL   A 1 31  ? 5.949   -2.164  -4.907  1.00 28.36  ? 31  VAL   A CG1 1 
ATOM   169  C CG2 . VAL   A 1 31  ? 6.627   -0.069  -3.629  1.00 27.21  ? 31  VAL   A CG2 1 
ATOM   170  N N   . THR   A 1 32  ? 8.774   0.297   -5.984  1.00 25.32  ? 32  THR   A N   1 
ATOM   171  C CA  . THR   A 1 32  ? 10.166  -0.077  -6.018  1.00 26.89  ? 32  THR   A CA  1 
ATOM   172  C C   . THR   A 1 32  ? 10.621  -0.267  -4.577  1.00 26.77  ? 32  THR   A C   1 
ATOM   173  O O   . THR   A 1 32  ? 10.516  0.646   -3.774  1.00 22.43  ? 32  THR   A O   1 
ATOM   174  C CB  . THR   A 1 32  ? 11.030  0.956   -6.731  1.00 28.71  ? 32  THR   A CB  1 
ATOM   175  O OG1 . THR   A 1 32  ? 10.568  1.102   -8.067  1.00 28.31  ? 32  THR   A OG1 1 
ATOM   176  C CG2 . THR   A 1 32  ? 12.497  0.545   -6.719  1.00 32.43  ? 32  THR   A CG2 1 
ATOM   177  N N   . ALA   A 1 33  ? 11.197  -1.434  -4.287  1.00 25.03  ? 33  ALA   A N   1 
ATOM   178  C CA  . ALA   A 1 33  ? 11.743  -1.697  -2.968  1.00 25.95  ? 33  ALA   A CA  1 
ATOM   179  C C   . ALA   A 1 33  ? 13.249  -1.505  -3.011  1.00 31.53  ? 33  ALA   A C   1 
ATOM   180  O O   . ALA   A 1 33  ? 13.877  -2.126  -3.858  1.00 31.93  ? 33  ALA   A O   1 
ATOM   181  C CB  . ALA   A 1 33  ? 11.381  -3.093  -2.550  1.00 26.78  ? 33  ALA   A CB  1 
ATOM   182  N N   . GLY   A 1 34  ? 13.788  -0.658  -2.120  1.00 27.77  ? 34  GLY   A N   1 
ATOM   183  C CA  . GLY   A 1 34  ? 15.212  -0.374  -1.999  1.00 28.16  ? 34  GLY   A CA  1 
ATOM   184  C C   . GLY   A 1 34  ? 15.913  -1.415  -1.132  1.00 29.12  ? 34  GLY   A C   1 
ATOM   185  O O   . GLY   A 1 34  ? 15.287  -2.123  -0.350  1.00 29.67  ? 34  GLY   A O   1 
ATOM   186  N N   . ALA   A 1 35  ? 17.229  -1.533  -1.290  1.00 28.98  ? 35  ALA   A N   1 
ATOM   187  C CA  . ALA   A 1 35  ? 18.010  -2.552  -0.594  1.00 31.79  ? 35  ALA   A CA  1 
ATOM   188  C C   . ALA   A 1 35  ? 17.937  -2.380  0.920   1.00 36.22  ? 35  ALA   A C   1 
ATOM   189  O O   . ALA   A 1 35  ? 18.141  -3.342  1.656   1.00 44.88  ? 35  ALA   A O   1 
ATOM   190  C CB  . ALA   A 1 35  ? 19.451  -2.474  -1.039  1.00 34.60  ? 35  ALA   A CB  1 
ATOM   191  N N   . ASP   A 1 36  ? 17.693  -1.158  1.396   1.00 36.09  ? 36  ASP   A N   1 
ATOM   192  C CA  . ASP   A 1 36  ? 17.671  -0.951  2.834   1.00 48.06  ? 36  ASP   A CA  1 
ATOM   193  C C   . ASP   A 1 36  ? 16.291  -0.586  3.374   1.00 41.11  ? 36  ASP   A C   1 
ATOM   194  O O   . ASP   A 1 36  ? 16.205  0.152   4.350   1.00 47.62  ? 36  ASP   A O   1 
ATOM   195  C CB  . ASP   A 1 36  ? 18.754  0.028   3.257   1.00 57.25  ? 36  ASP   A CB  1 
ATOM   196  C CG  . ASP   A 1 36  ? 20.016  -0.695  3.718   1.00 70.09  ? 36  ASP   A CG  1 
ATOM   197  O OD1 . ASP   A 1 36  ? 19.951  -1.333  4.798   1.00 73.98  ? 36  ASP   A OD1 1 
ATOM   198  O OD2 . ASP   A 1 36  ? 21.015  -0.684  2.959   1.00 62.52  ? 36  ASP   A OD2 1 
ATOM   199  N N   . GLY   A 1 37  ? 15.227  -1.088  2.745   1.00 27.51  ? 37  GLY   A N   1 
ATOM   200  C CA  . GLY   A 1 37  ? 13.926  -1.120  3.375   1.00 26.67  ? 37  GLY   A CA  1 
ATOM   201  C C   . GLY   A 1 37  ? 12.977  -0.092  2.798   1.00 25.72  ? 37  GLY   A C   1 
ATOM   202  O O   . GLY   A 1 37  ? 11.832  -0.058  3.250   1.00 25.82  ? 37  GLY   A O   1 
ATOM   203  N N   . ALA   A 1 38  ? 13.439  0.734   1.842   1.00 22.94  ? 38  ALA   A N   1 
ATOM   204  C CA  . ALA   A 1 38  ? 12.574  1.778   1.302   1.00 23.76  ? 38  ALA   A CA  1 
ATOM   205  C C   . ALA   A 1 38  ? 11.533  1.231   0.317   1.00 27.10  ? 38  ALA   A C   1 
ATOM   206  O O   . ALA   A 1 38  ? 11.819  0.287   -0.438  1.00 25.47  ? 38  ALA   A O   1 
ATOM   207  C CB  . ALA   A 1 38  ? 13.420  2.834   0.649   1.00 27.11  ? 38  ALA   A CB  1 
ATOM   208  N N   . LEU   A 1 39  ? 10.340  1.881   0.278   1.00 22.26  ? 39  LEU   A N   1 
ATOM   209  C CA  . LEU   A 1 39  ? 9.300   1.599   -0.709  1.00 23.52  ? 39  LEU   A CA  1 
ATOM   210  C C   . LEU   A 1 39  ? 8.923   2.948   -1.295  1.00 22.80  ? 39  LEU   A C   1 
ATOM   211  O O   . LEU   A 1 39  ? 8.728   3.891   -0.537  1.00 22.09  ? 39  LEU   A O   1 
ATOM   212  C CB  . LEU   A 1 39  ? 8.036   0.938   -0.161  1.00 22.01  ? 39  LEU   A CB  1 
ATOM   213  C CG  . LEU   A 1 39  ? 8.205   -0.437  0.511   1.00 22.91  ? 39  LEU   A CG  1 
ATOM   214  C CD1 . LEU   A 1 39  ? 6.837   -0.866  1.034   1.00 21.51  ? 39  LEU   A CD1 1 
ATOM   215  C CD2 . LEU   A 1 39  ? 8.700   -1.475  -0.471  1.00 23.94  ? 39  LEU   A CD2 1 
ATOM   216  N N   A THR   A 1 40  ? 8.972   3.044   -2.627  0.57 21.89  ? 40  THR   A N   1 
ATOM   217  N N   B THR   A 1 40  ? 8.931   3.025   -2.620  0.43 21.85  ? 40  THR   A N   1 
ATOM   218  C CA  A THR   A 1 40  ? 8.544   4.261   -3.352  0.57 23.21  ? 40  THR   A CA  1 
ATOM   219  C CA  B THR   A 1 40  ? 8.515   4.224   -3.325  0.43 22.93  ? 40  THR   A CA  1 
ATOM   220  C C   A THR   A 1 40  ? 7.645   3.799   -4.481  0.57 22.96  ? 40  THR   A C   1 
ATOM   221  C C   B THR   A 1 40  ? 7.582   3.764   -4.436  0.43 22.67  ? 40  THR   A C   1 
ATOM   222  O O   A THR   A 1 40  ? 8.043   2.834   -5.145  0.57 21.59  ? 40  THR   A O   1 
ATOM   223  O O   B THR   A 1 40  ? 7.661   2.623   -4.879  0.43 25.18  ? 40  THR   A O   1 
ATOM   224  C CB  A THR   A 1 40  ? 9.740   5.017   -3.934  0.57 24.90  ? 40  THR   A CB  1 
ATOM   225  C CB  B THR   A 1 40  ? 9.756   4.956   -3.851  0.43 24.14  ? 40  THR   A CB  1 
ATOM   226  O OG1 A THR   A 1 40  ? 10.332  4.129   -4.873  0.57 27.45  ? 40  THR   A OG1 1 
ATOM   227  O OG1 B THR   A 1 40  ? 10.752  4.950   -2.831  0.43 24.56  ? 40  THR   A OG1 1 
ATOM   228  C CG2 A THR   A 1 40  ? 10.804  5.389   -2.927  0.57 25.20  ? 40  THR   A CG2 1 
ATOM   229  C CG2 B THR   A 1 40  ? 9.445   6.372   -4.291  0.43 23.28  ? 40  THR   A CG2 1 
ATOM   230  N N   . GLY   A 1 41  ? 6.717   4.646   -4.934  1.00 21.71  ? 41  GLY   A N   1 
ATOM   231  C CA  . GLY   A 1 41  ? 5.922   4.243   -6.059  1.00 21.58  ? 41  GLY   A CA  1 
ATOM   232  C C   . GLY   A 1 41  ? 4.716   5.125   -6.275  1.00 22.24  ? 41  GLY   A C   1 
ATOM   233  O O   . GLY   A 1 41  ? 4.676   6.259   -5.796  1.00 22.04  ? 41  GLY   A O   1 
ATOM   234  N N   . THR   A 1 42  ? 3.733   4.511   -6.922  1.00 20.72  ? 42  THR   A N   1 
ATOM   235  C CA  . THR   A 1 42  ? 2.492   5.207   -7.233  1.00 23.38  ? 42  THR   A CA  1 
ATOM   236  C C   . THR   A 1 42  ? 1.321   4.267   -6.958  1.00 23.34  ? 42  THR   A C   1 
ATOM   237  O O   . THR   A 1 42  ? 1.432   3.046   -7.042  1.00 24.17  ? 42  THR   A O   1 
ATOM   238  C CB  . THR   A 1 42  ? 2.478   5.719   -8.679  1.00 24.08  ? 42  THR   A CB  1 
ATOM   239  O OG1 . THR   A 1 42  ? 2.443   4.608   -9.581  1.00 23.70  ? 42  THR   A OG1 1 
ATOM   240  C CG2 . THR   A 1 42  ? 3.591   6.717   -8.967  1.00 27.34  ? 42  THR   A CG2 1 
ATOM   241  N N   . TYR   A 1 43  ? 0.158   4.865   -6.695  1.00 22.52  ? 43  TYR   A N   1 
ATOM   242  C CA  . TYR   A 1 43  ? -1.036  4.109   -6.432  1.00 21.42  ? 43  TYR   A CA  1 
ATOM   243  C C   . TYR   A 1 43  ? -2.140  4.727   -7.262  1.00 23.23  ? 43  TYR   A C   1 
ATOM   244  O O   . TYR   A 1 43  ? -2.240  5.938   -7.296  1.00 23.14  ? 43  TYR   A O   1 
ATOM   245  C CB  . TYR   A 1 43  ? -1.394  4.144   -4.943  1.00 23.70  ? 43  TYR   A CB  1 
ATOM   246  C CG  . TYR   A 1 43  ? -2.361  3.059   -4.513  1.00 20.66  ? 43  TYR   A CG  1 
ATOM   247  C CD1 . TYR   A 1 43  ? -3.737  3.189   -4.654  1.00 20.43  ? 43  TYR   A CD1 1 
ATOM   248  C CD2 . TYR   A 1 43  ? -1.880  1.881   -3.938  1.00 20.89  ? 43  TYR   A CD2 1 
ATOM   249  C CE1 . TYR   A 1 43  ? -4.599  2.162   -4.286  1.00 19.21  ? 43  TYR   A CE1 1 
ATOM   250  C CE2 . TYR   A 1 43  ? -2.732  0.879   -3.518  1.00 19.98  ? 43  TYR   A CE2 1 
ATOM   251  C CZ  . TYR   A 1 43  ? -4.087  1.010   -3.690  1.00 20.39  ? 43  TYR   A CZ  1 
ATOM   252  O OH  . TYR   A 1 43  ? -4.895  -0.033  -3.288  1.00 21.69  ? 43  TYR   A OH  1 
ATOM   253  N N   . GLU   A 1 44  ? -2.949  3.877   -7.891  1.00 21.81  ? 44  GLU   A N   1 
ATOM   254  C CA  . GLU   A 1 44  ? -4.129  4.320   -8.617  1.00 23.77  ? 44  GLU   A CA  1 
ATOM   255  C C   . GLU   A 1 44  ? -5.318  3.511   -8.092  1.00 23.23  ? 44  GLU   A C   1 
ATOM   256  O O   . GLU   A 1 44  ? -5.350  2.291   -8.256  1.00 23.24  ? 44  GLU   A O   1 
ATOM   257  C CB  . GLU   A 1 44  ? -3.895  4.078   -10.112 1.00 25.50  ? 44  GLU   A CB  1 
ATOM   258  C CG  . GLU   A 1 44  ? -5.057  4.591   -10.952 1.00 29.71  ? 44  GLU   A CG  1 
ATOM   259  C CD  . GLU   A 1 44  ? -4.794  4.526   -12.452 1.00 34.21  ? 44  GLU   A CD  1 
ATOM   260  O OE1 . GLU   A 1 44  ? -3.727  4.024   -12.866 1.00 34.11  ? 44  GLU   A OE1 1 
ATOM   261  O OE2 . GLU   A 1 44  ? -5.661  5.050   -13.167 1.00 34.15  ? 44  GLU   A OE2 1 
ATOM   262  N N   . SER   A 1 45  ? -6.299  4.210   -7.512  1.00 24.98  ? 45  SER   A N   1 
ATOM   263  C CA  . SER   A 1 45  ? -7.472  3.601   -6.903  1.00 25.49  ? 45  SER   A CA  1 
ATOM   264  C C   . SER   A 1 45  ? -8.578  3.390   -7.928  1.00 27.52  ? 45  SER   A C   1 
ATOM   265  O O   . SER   A 1 45  ? -9.005  4.344   -8.571  1.00 26.55  ? 45  SER   A O   1 
ATOM   266  C CB  . SER   A 1 45  ? -8.025  4.421   -5.744  1.00 22.58  ? 45  SER   A CB  1 
ATOM   267  O OG  . SER   A 1 45  ? -9.133  3.747   -5.115  1.00 21.82  ? 45  SER   A OG  1 
ATOM   268  N N   . ALA   A 1 46  ? -9.144  2.175   -7.955  1.00 27.82  ? 46  ALA   A N   1 
ATOM   269  C CA  . ALA   A 1 46  ? -10.342 1.950   -8.763  1.00 28.56  ? 46  ALA   A CA  1 
ATOM   270  C C   . ALA   A 1 46  ? -11.608 2.541   -8.125  1.00 29.41  ? 46  ALA   A C   1 
ATOM   271  O O   . ALA   A 1 46  ? -12.650 2.607   -8.789  1.00 25.87  ? 46  ALA   A O   1 
ATOM   272  C CB  . ALA   A 1 46  ? -10.509 0.490   -9.026  1.00 28.38  ? 46  ALA   A CB  1 
ATOM   273  N N   . VAL   A 1 47  ? -11.551 2.967   -6.853  1.00 27.30  ? 47  VAL   A N   1 
ATOM   274  C CA  . VAL   A 1 47  ? -12.736 3.482   -6.166  1.00 25.71  ? 47  VAL   A CA  1 
ATOM   275  C C   . VAL   A 1 47  ? -12.430 4.796   -5.447  1.00 24.29  ? 47  VAL   A C   1 
ATOM   276  O O   . VAL   A 1 47  ? -11.267 5.148   -5.235  1.00 23.58  ? 47  VAL   A O   1 
ATOM   277  C CB  . VAL   A 1 47  ? -13.320 2.449   -5.189  1.00 25.80  ? 47  VAL   A CB  1 
ATOM   278  C CG1 . VAL   A 1 47  ? -13.696 1.152   -5.896  1.00 24.41  ? 47  VAL   A CG1 1 
ATOM   279  C CG2 . VAL   A 1 47  ? -12.407 2.198   -3.984  1.00 24.49  ? 47  VAL   A CG2 1 
ATOM   280  N N   . GLY   A 1 48  ? -13.509 5.474   -5.033  1.00 23.83  ? 48  GLY   A N   1 
ATOM   281  C CA  . GLY   A 1 48  ? -13.430 6.610   -4.138  1.00 23.46  ? 48  GLY   A CA  1 
ATOM   282  C C   . GLY   A 1 48  ? -13.117 7.913   -4.877  1.00 25.64  ? 48  GLY   A C   1 
ATOM   283  O O   . GLY   A 1 48  ? -13.134 7.985   -6.111  1.00 26.74  ? 48  GLY   A O   1 
ATOM   284  N N   . ASN   A 1 49  ? -12.735 8.919   -4.091  1.00 28.64  ? 49  ASN   A N   1 
ATOM   285  C CA  . ASN   A 1 49  ? -12.505 10.272  -4.585  1.00 29.60  ? 49  ASN   A CA  1 
ATOM   286  C C   . ASN   A 1 49  ? -11.049 10.377  -5.049  1.00 25.65  ? 49  ASN   A C   1 
ATOM   287  O O   . ASN   A 1 49  ? -10.195 10.903  -4.346  1.00 28.39  ? 49  ASN   A O   1 
ATOM   288  C CB  . ASN   A 1 49  ? -12.947 11.274  -3.523  1.00 30.79  ? 49  ASN   A CB  1 
ATOM   289  C CG  . ASN   A 1 49  ? -12.845 12.699  -4.007  1.00 31.64  ? 49  ASN   A CG  1 
ATOM   290  O OD1 . ASN   A 1 49  ? -12.646 12.937  -5.202  1.00 29.72  ? 49  ASN   A OD1 1 
ATOM   291  N ND2 . ASN   A 1 49  ? -12.866 13.635  -3.075  1.00 30.72  ? 49  ASN   A ND2 1 
ATOM   292  N N   . ALA   A 1 50  ? -10.787 9.778   -6.217  1.00 26.54  ? 50  ALA   A N   1 
ATOM   293  C CA  . ALA   A 1 50  ? -9.448  9.542   -6.708  1.00 25.93  ? 50  ALA   A CA  1 
ATOM   294  C C   . ALA   A 1 50  ? -9.453  9.490   -8.228  1.00 26.21  ? 50  ALA   A C   1 
ATOM   295  O O   . ALA   A 1 50  ? -10.397 9.031   -8.854  1.00 25.78  ? 50  ALA   A O   1 
ATOM   296  C CB  . ALA   A 1 50  ? -8.876  8.289   -6.093  1.00 25.76  ? 50  ALA   A CB  1 
ATOM   297  N N   . GLU   A 1 51  ? -8.371  10.000  -8.819  1.00 24.59  ? 51  GLU   A N   1 
ATOM   298  C CA  . GLU   A 1 51  ? -8.158  9.935   -10.246 1.00 25.47  ? 51  GLU   A CA  1 
ATOM   299  C C   . GLU   A 1 51  ? -6.652  9.908   -10.517 1.00 24.59  ? 51  GLU   A C   1 
ATOM   300  O O   . GLU   A 1 51  ? -5.908  10.714  -9.959  1.00 24.48  ? 51  GLU   A O   1 
ATOM   301  C CB  . GLU   A 1 51  ? -8.771  11.200  -10.842 1.00 27.21  ? 51  GLU   A CB  1 
ATOM   302  C CG  . GLU   A 1 51  ? -8.420  11.424  -12.297 1.00 34.94  ? 51  GLU   A CG  1 
ATOM   303  C CD  . GLU   A 1 51  ? -9.006  12.736  -12.815 1.00 39.67  ? 51  GLU   A CD  1 
ATOM   304  O OE1 . GLU   A 1 51  ? -9.617  13.536  -12.064 1.00 41.58  ? 51  GLU   A OE1 1 
ATOM   305  O OE2 . GLU   A 1 51  ? -8.864  12.885  -14.022 1.00 44.26  ? 51  GLU   A OE2 1 
ATOM   306  N N   . SER   A 1 52  ? -6.262  9.017   -11.419 1.00 24.65  ? 52  SER   A N   1 
ATOM   307  C CA  . SER   A 1 52  ? -4.850  8.858   -11.843 1.00 27.40  ? 52  SER   A CA  1 
ATOM   308  C C   . SER   A 1 52  ? -3.948  8.372   -10.704 1.00 25.69  ? 52  SER   A C   1 
ATOM   309  O O   . SER   A 1 52  ? -4.453  7.778   -9.754  1.00 25.60  ? 52  SER   A O   1 
ATOM   310  C CB  . SER   A 1 52  ? -4.301  10.077  -12.543 1.00 31.74  ? 52  SER   A CB  1 
ATOM   311  O OG  . SER   A 1 52  ? -3.120  9.764   -13.262 1.00 38.52  ? 52  SER   A OG  1 
ATOM   312  N N   . ARG   A 1 53  ? -2.662  8.644   -10.833 1.00 25.32  ? 53  ARG   A N   1 
ATOM   313  C CA  . ARG   A 1 53  ? -1.698  8.094   -9.860  1.00 27.61  ? 53  ARG   A CA  1 
ATOM   314  C C   . ARG   A 1 53  ? -1.393  9.063   -8.715  1.00 27.51  ? 53  ARG   A C   1 
ATOM   315  O O   . ARG   A 1 53  ? -1.425  10.282  -8.926  1.00 24.00  ? 53  ARG   A O   1 
ATOM   316  C CB  . ARG   A 1 53  ? -0.443  7.692   -10.638 1.00 31.19  ? 53  ARG   A CB  1 
ATOM   317  C CG  . ARG   A 1 53  ? -0.763  6.482   -11.502 1.00 35.27  ? 53  ARG   A CG  1 
ATOM   318  C CD  . ARG   A 1 53  ? 0.431   5.948   -12.264 1.00 41.82  ? 53  ARG   A CD  1 
ATOM   319  N NE  . ARG   A 1 53  ? 1.134   7.009   -12.989 1.00 51.42  ? 53  ARG   A NE  1 
ATOM   320  C CZ  . ARG   A 1 53  ? 0.670   7.641   -14.057 1.00 67.41  ? 53  ARG   A CZ  1 
ATOM   321  N NH1 . ARG   A 1 53  ? -0.316  7.120   -14.763 1.00 75.15  ? 53  ARG   A NH1 1 
ATOM   322  N NH2 . ARG   A 1 53  ? 1.198   8.797   -14.414 1.00 67.21  ? 53  ARG   A NH2 1 
ATOM   323  N N   . TYR   A 1 54  ? -1.079  8.483   -7.567  1.00 22.97  ? 54  TYR   A N   1 
ATOM   324  C CA  . TYR   A 1 54  ? -0.722  9.271   -6.376  1.00 21.34  ? 54  TYR   A CA  1 
ATOM   325  C C   . TYR   A 1 54  ? 0.587   8.721   -5.853  1.00 24.24  ? 54  TYR   A C   1 
ATOM   326  O O   . TYR   A 1 54  ? 0.818   7.522   -5.937  1.00 21.44  ? 54  TYR   A O   1 
ATOM   327  C CB  . TYR   A 1 54  ? -1.795  9.120   -5.299  1.00 20.57  ? 54  TYR   A CB  1 
ATOM   328  C CG  . TYR   A 1 54  ? -3.135  9.734   -5.680  1.00 22.10  ? 54  TYR   A CG  1 
ATOM   329  C CD1 . TYR   A 1 54  ? -4.013  9.068   -6.525  1.00 20.66  ? 54  TYR   A CD1 1 
ATOM   330  C CD2 . TYR   A 1 54  ? -3.512  10.980  -5.203  1.00 21.58  ? 54  TYR   A CD2 1 
ATOM   331  C CE1 . TYR   A 1 54  ? -5.223  9.628   -6.891  1.00 23.92  ? 54  TYR   A CE1 1 
ATOM   332  C CE2 . TYR   A 1 54  ? -4.723  11.547  -5.554  1.00 21.29  ? 54  TYR   A CE2 1 
ATOM   333  C CZ  . TYR   A 1 54  ? -5.579  10.870  -6.402  1.00 24.06  ? 54  TYR   A CZ  1 
ATOM   334  O OH  . TYR   A 1 54  ? -6.767  11.428  -6.759  1.00 26.04  ? 54  TYR   A OH  1 
ATOM   335  N N   . VAL   A 1 55  ? 1.430   9.606   -5.354  1.00 22.87  ? 55  VAL   A N   1 
ATOM   336  C CA  . VAL   A 1 55  ? 2.685   9.198   -4.758  1.00 23.65  ? 55  VAL   A CA  1 
ATOM   337  C C   . VAL   A 1 55  ? 2.428   8.303   -3.556  1.00 22.14  ? 55  VAL   A C   1 
ATOM   338  O O   . VAL   A 1 55  ? 1.547   8.558   -2.733  1.00 23.25  ? 55  VAL   A O   1 
ATOM   339  C CB  . VAL   A 1 55  ? 3.505   10.457  -4.374  1.00 25.93  ? 55  VAL   A CB  1 
ATOM   340  C CG1 . VAL   A 1 55  ? 4.771   10.081  -3.588  1.00 25.36  ? 55  VAL   A CG1 1 
ATOM   341  C CG2 . VAL   A 1 55  ? 3.860   11.307  -5.594  1.00 27.32  ? 55  VAL   A CG2 1 
ATOM   342  N N   . LEU   A 1 56  ? 3.293   7.306   -3.376  1.00 23.15  ? 56  LEU   A N   1 
ATOM   343  C CA  . LEU   A 1 56  ? 3.326   6.552   -2.145  1.00 23.66  ? 56  LEU   A CA  1 
ATOM   344  C C   . LEU   A 1 56  ? 4.766   6.337   -1.712  1.00 24.84  ? 56  LEU   A C   1 
ATOM   345  O O   . LEU   A 1 56  ? 5.683   6.325   -2.525  1.00 21.33  ? 56  LEU   A O   1 
ATOM   346  C CB  . LEU   A 1 56  ? 2.659   5.194   -2.272  1.00 26.49  ? 56  LEU   A CB  1 
ATOM   347  C CG  . LEU   A 1 56  ? 3.401   4.140   -3.082  1.00 24.88  ? 56  LEU   A CG  1 
ATOM   348  C CD1 . LEU   A 1 56  ? 4.418   3.231   -2.306  1.00 23.44  ? 56  LEU   A CD1 1 
ATOM   349  C CD2 . LEU   A 1 56  ? 2.354   3.261   -3.706  1.00 31.24  ? 56  LEU   A CD2 1 
ATOM   350  N N   . THR   A 1 57  ? 4.925   6.199   -0.390  1.00 21.00  ? 57  THR   A N   1 
ATOM   351  C CA  . THR   A 1 57  ? 6.191   5.820   0.171   1.00 22.38  ? 57  THR   A CA  1 
ATOM   352  C C   . THR   A 1 57  ? 5.926   4.859   1.319   1.00 19.22  ? 57  THR   A C   1 
ATOM   353  O O   . THR   A 1 57  ? 4.908   4.940   1.996   1.00 21.66  ? 57  THR   A O   1 
ATOM   354  C CB  . THR   A 1 57  ? 6.905   7.127   0.577   1.00 25.83  ? 57  THR   A CB  1 
ATOM   355  O OG1 . THR   A 1 57  ? 8.200   6.812   1.044   1.00 31.64  ? 57  THR   A OG1 1 
ATOM   356  C CG2 . THR   A 1 57  ? 6.285   7.809   1.775   1.00 24.64  ? 57  THR   A CG2 1 
ATOM   357  N N   . GLY   A 1 58  ? 6.909   4.009   1.643   1.00 19.24  ? 58  GLY   A N   1 
ATOM   358  C CA  . GLY   A 1 58  ? 6.715   3.171   2.794   1.00 18.75  ? 58  GLY   A CA  1 
ATOM   359  C C   . GLY   A 1 58  ? 8.015   2.456   3.136   1.00 18.69  ? 58  GLY   A C   1 
ATOM   360  O O   . GLY   A 1 58  ? 9.067   2.871   2.681   1.00 19.93  ? 58  GLY   A O   1 
ATOM   361  N N   . ARG   A 1 59  ? 7.889   1.384   3.906   1.00 21.53  ? 59  ARG   A N   1 
ATOM   362  C CA  . ARG   A 1 59  ? 9.040   0.634   4.394   1.00 20.34  ? 59  ARG   A CA  1 
ATOM   363  C C   . ARG   A 1 59  ? 8.716   -0.858  4.401   1.00 21.35  ? 59  ARG   A C   1 
ATOM   364  O O   . ARG   A 1 59  ? 7.584   -1.275  4.547   1.00 23.25  ? 59  ARG   A O   1 
ATOM   365  C CB  . ARG   A 1 59  ? 9.366   1.084   5.834   1.00 21.99  ? 59  ARG   A CB  1 
ATOM   366  C CG  . ARG   A 1 59  ? 9.766   2.541   5.986   1.00 23.53  ? 59  ARG   A CG  1 
ATOM   367  C CD  . ARG   A 1 59  ? 11.109  2.973   5.392   1.00 20.79  ? 59  ARG   A CD  1 
ATOM   368  N NE  . ARG   A 1 59  ? 12.205  2.270   6.049   1.00 24.92  ? 59  ARG   A NE  1 
ATOM   369  C CZ  . ARG   A 1 59  ? 13.453  2.244   5.592   1.00 27.31  ? 59  ARG   A CZ  1 
ATOM   370  N NH1 . ARG   A 1 59  ? 13.742  2.940   4.510   1.00 23.06  ? 59  ARG   A NH1 1 
ATOM   371  N NH2 . ARG   A 1 59  ? 14.398  1.521   6.193   1.00 25.45  ? 59  ARG   A NH2 1 
ATOM   372  N N   . TYR   A 1 60  ? 9.758   -1.702  4.303   1.00 21.00  ? 60  TYR   A N   1 
ATOM   373  C CA  . TYR   A 1 60  ? 9.554   -3.116  4.440   1.00 21.27  ? 60  TYR   A CA  1 
ATOM   374  C C   . TYR   A 1 60  ? 10.766  -3.671  5.174   1.00 20.21  ? 60  TYR   A C   1 
ATOM   375  O O   . TYR   A 1 60  ? 11.829  -3.063  5.149   1.00 23.62  ? 60  TYR   A O   1 
ATOM   376  C CB  . TYR   A 1 60  ? 9.363   -3.785  3.068   1.00 23.74  ? 60  TYR   A CB  1 
ATOM   377  C CG  . TYR   A 1 60  ? 10.635  -3.982  2.254   1.00 23.65  ? 60  TYR   A CG  1 
ATOM   378  C CD1 . TYR   A 1 60  ? 11.274  -2.900  1.658   1.00 25.97  ? 60  TYR   A CD1 1 
ATOM   379  C CD2 . TYR   A 1 60  ? 11.227  -5.250  2.131   1.00 27.43  ? 60  TYR   A CD2 1 
ATOM   380  C CE1 . TYR   A 1 60  ? 12.452  -3.054  0.943   1.00 26.54  ? 60  TYR   A CE1 1 
ATOM   381  C CE2 . TYR   A 1 60  ? 12.416  -5.405  1.429   1.00 28.00  ? 60  TYR   A CE2 1 
ATOM   382  C CZ  . TYR   A 1 60  ? 13.032  -4.309  0.840   1.00 31.03  ? 60  TYR   A CZ  1 
ATOM   383  O OH  . TYR   A 1 60  ? 14.172  -4.448  0.099   1.00 29.52  ? 60  TYR   A OH  1 
ATOM   384  N N   . ASP   A 1 61  ? 10.572  -4.851  5.739   1.00 20.96  ? 61  ASP   A N   1 
ATOM   385  C CA  . ASP   A 1 61  ? 11.619  -5.612  6.419   1.00 22.51  ? 61  ASP   A CA  1 
ATOM   386  C C   . ASP   A 1 61  ? 12.529  -6.243  5.360   1.00 25.24  ? 61  ASP   A C   1 
ATOM   387  O O   . ASP   A 1 61  ? 12.128  -7.175  4.674   1.00 26.30  ? 61  ASP   A O   1 
ATOM   388  C CB  . ASP   A 1 61  ? 11.008  -6.682  7.303   1.00 24.47  ? 61  ASP   A CB  1 
ATOM   389  C CG  . ASP   A 1 61  ? 12.030  -7.588  7.997   1.00 26.61  ? 61  ASP   A CG  1 
ATOM   390  O OD1 . ASP   A 1 61  ? 13.232  -7.334  7.816   1.00 27.03  ? 61  ASP   A OD1 1 
ATOM   391  O OD2 . ASP   A 1 61  ? 11.607  -8.532  8.691   1.00 26.62  ? 61  ASP   A OD2 1 
ATOM   392  N N   . SER   A 1 62  ? 13.750  -5.710  5.218   1.00 24.77  ? 62  SER   A N   1 
ATOM   393  C CA  . SER   A 1 62  ? 14.672  -6.150  4.185   1.00 27.60  ? 62  SER   A CA  1 
ATOM   394  C C   . SER   A 1 62  ? 15.445  -7.403  4.613   1.00 29.38  ? 62  SER   A C   1 
ATOM   395  O O   . SER   A 1 62  ? 16.202  -7.947  3.813   1.00 33.64  ? 62  SER   A O   1 
ATOM   396  C CB  . SER   A 1 62  ? 15.600  -5.052  3.804   1.00 27.76  ? 62  SER   A CB  1 
ATOM   397  O OG  . SER   A 1 62  ? 16.286  -4.564  4.941   1.00 28.56  ? 62  SER   A OG  1 
ATOM   398  N N   . ALA   A 1 63  ? 15.205  -7.896  5.827   1.00 23.76  ? 63  ALA   A N   1 
ATOM   399  C CA  . ALA   A 1 63  ? 15.808  -9.162  6.247   1.00 30.41  ? 63  ALA   A CA  1 
ATOM   400  C C   . ALA   A 1 63  ? 14.788  -9.975  7.053   1.00 31.64  ? 63  ALA   A C   1 
ATOM   401  O O   . ALA   A 1 63  ? 14.900  -10.119 8.264   1.00 31.93  ? 63  ALA   A O   1 
ATOM   402  C CB  . ALA   A 1 63  ? 17.088  -8.896  6.998   1.00 27.70  ? 63  ALA   A CB  1 
ATOM   403  N N   . PRO   A 1 64  ? 13.766  -10.552 6.384   1.00 33.72  ? 64  PRO   A N   1 
ATOM   404  C CA  . PRO   A 1 64  ? 12.695  -11.287 7.065   1.00 32.34  ? 64  PRO   A CA  1 
ATOM   405  C C   . PRO   A 1 64  ? 13.182  -12.589 7.695   1.00 30.80  ? 64  PRO   A C   1 
ATOM   406  O O   . PRO   A 1 64  ? 14.267  -13.073 7.376   1.00 31.43  ? 64  PRO   A O   1 
ATOM   407  C CB  . PRO   A 1 64  ? 11.679  -11.550 5.961   1.00 35.91  ? 64  PRO   A CB  1 
ATOM   408  C CG  . PRO   A 1 64  ? 12.518  -11.590 4.691   1.00 34.88  ? 64  PRO   A CG  1 
ATOM   409  C CD  . PRO   A 1 64  ? 13.601  -10.539 4.917   1.00 36.66  ? 64  PRO   A CD  1 
ATOM   410  N N   . ALA   A 1 65  ? 12.358  -13.156 8.571   1.00 30.69  ? 65  ALA   A N   1 
ATOM   411  C CA  . ALA   A 1 65  ? 12.641  -14.479 9.116   1.00 30.16  ? 65  ALA   A CA  1 
ATOM   412  C C   . ALA   A 1 65  ? 12.711  -15.498 7.970   1.00 32.28  ? 65  ALA   A C   1 
ATOM   413  O O   . ALA   A 1 65  ? 12.104  -15.325 6.912   1.00 33.83  ? 65  ALA   A O   1 
ATOM   414  C CB  . ALA   A 1 65  ? 11.584  -14.827 10.135  1.00 31.26  ? 65  ALA   A CB  1 
ATOM   415  N N   . THR   A 1 66  ? 13.509  -16.543 8.156   1.00 37.02  ? 66  THR   A N   1 
ATOM   416  C CA  . THR   A 1 66  ? 13.778  -17.521 7.113   1.00 42.82  ? 66  THR   A CA  1 
ATOM   417  C C   . THR   A 1 66  ? 12.980  -18.797 7.407   1.00 49.73  ? 66  THR   A C   1 
ATOM   418  O O   . THR   A 1 66  ? 13.362  -19.876 6.956   1.00 57.20  ? 66  THR   A O   1 
ATOM   419  C CB  . THR   A 1 66  ? 15.290  -17.788 7.096   1.00 43.53  ? 66  THR   A CB  1 
ATOM   420  O OG1 . THR   A 1 66  ? 15.603  -18.349 8.368   1.00 42.97  ? 66  THR   A OG1 1 
ATOM   421  C CG2 . THR   A 1 66  ? 16.126  -16.527 6.969   1.00 40.71  ? 66  THR   A CG2 1 
ATOM   422  N N   . ASP   A 1 67  ? 11.865  -18.666 8.141   1.00 38.99  ? 67  ASP   A N   1 
ATOM   423  C CA  . ASP   A 1 67  ? 11.161  -19.799 8.712   1.00 38.03  ? 67  ASP   A CA  1 
ATOM   424  C C   . ASP   A 1 67  ? 9.853   -20.025 7.957   1.00 40.10  ? 67  ASP   A C   1 
ATOM   425  O O   . ASP   A 1 67  ? 8.953   -20.674 8.475   1.00 45.31  ? 67  ASP   A O   1 
ATOM   426  C CB  . ASP   A 1 67  ? 10.881  -19.576 10.190  1.00 39.67  ? 67  ASP   A CB  1 
ATOM   427  C CG  . ASP   A 1 67  ? 10.026  -18.353 10.524  1.00 42.71  ? 67  ASP   A CG  1 
ATOM   428  O OD1 . ASP   A 1 67  ? 9.489   -17.691 9.579   1.00 34.45  ? 67  ASP   A OD1 1 
ATOM   429  O OD2 . ASP   A 1 67  ? 9.896   -18.063 11.723  1.00 41.62  ? 67  ASP   A OD2 1 
ATOM   430  N N   . GLY   A 1 68  ? 9.733   -19.406 6.782   1.00 38.40  ? 68  GLY   A N   1 
ATOM   431  C CA  . GLY   A 1 68  ? 8.495   -19.371 6.028   1.00 39.75  ? 68  GLY   A CA  1 
ATOM   432  C C   . GLY   A 1 68  ? 7.539   -18.225 6.381   1.00 35.31  ? 68  GLY   A C   1 
ATOM   433  O O   . GLY   A 1 68  ? 6.495   -18.123 5.765   1.00 37.64  ? 68  GLY   A O   1 
ATOM   434  N N   . SER   A 1 69  ? 7.849   -17.376 7.361   1.00 33.08  ? 69  SER   A N   1 
ATOM   435  C CA  . SER   A 1 69  ? 7.023   -16.204 7.626   1.00 26.55  ? 69  SER   A CA  1 
ATOM   436  C C   . SER   A 1 69  ? 7.032   -15.261 6.431   1.00 25.17  ? 69  SER   A C   1 
ATOM   437  O O   . SER   A 1 69  ? 8.038   -15.148 5.725   1.00 24.63  ? 69  SER   A O   1 
ATOM   438  C CB  . SER   A 1 69  ? 7.502   -15.511 8.860   1.00 31.01  ? 69  SER   A CB  1 
ATOM   439  O OG  . SER   A 1 69  ? 7.425   -16.354 10.003  1.00 32.58  ? 69  SER   A OG  1 
ATOM   440  N N   . GLY   A 1 70  ? 5.927   -14.526 6.223   1.00 24.70  ? 70  GLY   A N   1 
ATOM   441  C CA  . GLY   A 1 70  ? 5.931   -13.392 5.315   1.00 23.19  ? 70  GLY   A CA  1 
ATOM   442  C C   . GLY   A 1 70  ? 6.851   -12.232 5.742   1.00 22.58  ? 70  GLY   A C   1 
ATOM   443  O O   . GLY   A 1 70  ? 7.458   -12.241 6.804   1.00 23.62  ? 70  GLY   A O   1 
ATOM   444  N N   . THR   A 1 71  ? 6.839   -11.172 4.930   1.00 24.79  ? 71  THR   A N   1 
ATOM   445  C CA  . THR   A 1 71  ? 7.728   -10.023 5.041   1.00 22.60  ? 71  THR   A CA  1 
ATOM   446  C C   . THR   A 1 71  ? 6.883   -8.809  5.373   1.00 23.48  ? 71  THR   A C   1 
ATOM   447  O O   . THR   A 1 71  ? 6.106   -8.391  4.519   1.00 21.04  ? 71  THR   A O   1 
ATOM   448  C CB  . THR   A 1 71  ? 8.465   -9.802  3.710   1.00 26.49  ? 71  THR   A CB  1 
ATOM   449  O OG1 . THR   A 1 71  ? 9.250   -10.969 3.501   1.00 24.26  ? 71  THR   A OG1 1 
ATOM   450  C CG2 . THR   A 1 71  ? 9.360   -8.570  3.721   1.00 26.51  ? 71  THR   A CG2 1 
ATOM   451  N N   . ALA   A 1 72  ? 7.086   -8.253  6.560   1.00 23.39  ? 72  ALA   A N   1 
ATOM   452  C CA  . ALA   A 1 72  ? 6.271   -7.107  7.005   1.00 21.71  ? 72  ALA   A CA  1 
ATOM   453  C C   . ALA   A 1 72  ? 6.572   -5.873  6.160   1.00 20.47  ? 72  ALA   A C   1 
ATOM   454  O O   . ALA   A 1 72  ? 7.731   -5.638  5.798   1.00 20.03  ? 72  ALA   A O   1 
ATOM   455  C CB  . ALA   A 1 72  ? 6.503   -6.830  8.462   1.00 23.04  ? 72  ALA   A CB  1 
ATOM   456  N N   . LEU   A 1 73  ? 5.519   -5.117  5.876   1.00 20.44  ? 73  LEU   A N   1 
ATOM   457  C CA  . LEU   A 1 73  ? 5.699   -3.869  5.109   1.00 23.39  ? 73  LEU   A CA  1 
ATOM   458  C C   . LEU   A 1 73  ? 4.517   -2.923  5.355   1.00 21.38  ? 73  LEU   A C   1 
ATOM   459  O O   . LEU   A 1 73  ? 3.512   -3.357  5.919   1.00 23.06  ? 73  LEU   A O   1 
ATOM   460  C CB  . LEU   A 1 73  ? 5.912   -4.117  3.613   1.00 25.14  ? 73  LEU   A CB  1 
ATOM   461  C CG  . LEU   A 1 73  ? 5.033   -5.148  2.896   1.00 32.84  ? 73  LEU   A CG  1 
ATOM   462  C CD1 . LEU   A 1 73  ? 3.541   -5.054  3.117   1.00 33.15  ? 73  LEU   A CD1 1 
ATOM   463  C CD2 . LEU   A 1 73  ? 5.330   -5.059  1.414   1.00 33.20  ? 73  LEU   A CD2 1 
ATOM   464  N N   . GLY   A 1 74  ? 4.679   -1.676  4.934   1.00 20.31  ? 74  GLY   A N   1 
ATOM   465  C CA  . GLY   A 1 74  ? 3.574   -0.725  5.027   1.00 20.08  ? 74  GLY   A CA  1 
ATOM   466  C C   . GLY   A 1 74  ? 3.819   0.443   4.109   1.00 19.43  ? 74  GLY   A C   1 
ATOM   467  O O   . GLY   A 1 74  ? 4.981   0.693   3.785   1.00 21.63  ? 74  GLY   A O   1 
ATOM   468  N N   . TRP   A 1 75  ? 2.752   1.125   3.707   1.00 19.68  ? 75  TRP   A N   1 
ATOM   469  C CA  . TRP   A 1 75  ? 2.995   2.331   2.927   1.00 20.71  ? 75  TRP   A CA  1 
ATOM   470  C C   . TRP   A 1 75  ? 1.820   3.286   3.091   1.00 19.93  ? 75  TRP   A C   1 
ATOM   471  O O   . TRP   A 1 75  ? 0.774   2.865   3.563   1.00 19.64  ? 75  TRP   A O   1 
ATOM   472  C CB  . TRP   A 1 75  ? 3.217   2.033   1.441   1.00 21.35  ? 75  TRP   A CB  1 
ATOM   473  C CG  . TRP   A 1 75  ? 2.038   1.483   0.681   1.00 20.29  ? 75  TRP   A CG  1 
ATOM   474  C CD1 . TRP   A 1 75  ? 1.054   2.177   0.008   1.00 20.49  ? 75  TRP   A CD1 1 
ATOM   475  C CD2 . TRP   A 1 75  ? 1.690   0.089   0.566   1.00 19.31  ? 75  TRP   A CD2 1 
ATOM   476  N NE1 . TRP   A 1 75  ? 0.151   1.300   -0.552  1.00 20.45  ? 75  TRP   A NE1 1 
ATOM   477  C CE2 . TRP   A 1 75  ? 0.512   0.012   -0.210  1.00 22.32  ? 75  TRP   A CE2 1 
ATOM   478  C CE3 . TRP   A 1 75  ? 2.267   -1.094  1.040   1.00 22.36  ? 75  TRP   A CE3 1 
ATOM   479  C CZ2 . TRP   A 1 75  ? -0.116  -1.206  -0.508  1.00 21.98  ? 75  TRP   A CZ2 1 
ATOM   480  C CZ3 . TRP   A 1 75  ? 1.662   -2.299  0.708   1.00 21.63  ? 75  TRP   A CZ3 1 
ATOM   481  C CH2 . TRP   A 1 75  ? 0.465   -2.348  -0.009  1.00 23.59  ? 75  TRP   A CH2 1 
ATOM   482  N N   . THR   A 1 76  ? 2.040   4.536   2.686   1.00 18.09  ? 76  THR   A N   1 
ATOM   483  C CA  . THR   A 1 76  ? 1.040   5.594   2.721   1.00 18.21  ? 76  THR   A CA  1 
ATOM   484  C C   . THR   A 1 76  ? 0.833   6.228   1.363   1.00 17.80  ? 76  THR   A C   1 
ATOM   485  O O   . THR   A 1 76  ? 1.802   6.516   0.643   1.00 20.78  ? 76  THR   A O   1 
ATOM   486  C CB  . THR   A 1 76  ? 1.560   6.678   3.687   1.00 21.35  ? 76  THR   A CB  1 
ATOM   487  O OG1 . THR   A 1 76  ? 1.789   6.083   4.957   1.00 21.14  ? 76  THR   A OG1 1 
ATOM   488  C CG2 . THR   A 1 76  ? 0.578   7.804   3.888   1.00 22.47  ? 76  THR   A CG2 1 
ATOM   489  N N   . VAL   A 1 77  ? -0.431  6.602   1.123   1.00 18.77  ? 77  VAL   A N   1 
ATOM   490  C CA  . VAL   A 1 77  ? -0.843  7.515   0.055   1.00 19.82  ? 77  VAL   A CA  1 
ATOM   491  C C   . VAL   A 1 77  ? -1.622  8.655   0.692   1.00 21.93  ? 77  VAL   A C   1 
ATOM   492  O O   . VAL   A 1 77  ? -2.607  8.406   1.398   1.00 23.72  ? 77  VAL   A O   1 
ATOM   493  C CB  . VAL   A 1 77  ? -1.739  6.848   -0.997  1.00 20.83  ? 77  VAL   A CB  1 
ATOM   494  C CG1 . VAL   A 1 77  ? -2.396  7.845   -1.970  1.00 21.35  ? 77  VAL   A CG1 1 
ATOM   495  C CG2 . VAL   A 1 77  ? -0.968  5.795   -1.790  1.00 21.76  ? 77  VAL   A CG2 1 
ATOM   496  N N   . ALA   A 1 78  ? -1.194  9.893   0.437   1.00 21.11  ? 78  ALA   A N   1 
ATOM   497  C CA  . ALA   A 1 78  ? -2.034  11.063  0.642   1.00 20.40  ? 78  ALA   A CA  1 
ATOM   498  C C   . ALA   A 1 78  ? -2.758  11.383  -0.667  1.00 21.55  ? 78  ALA   A C   1 
ATOM   499  O O   . ALA   A 1 78  ? -2.152  11.438  -1.744  1.00 24.05  ? 78  ALA   A O   1 
ATOM   500  C CB  . ALA   A 1 78  ? -1.192  12.238  1.114   1.00 21.09  ? 78  ALA   A CB  1 
ATOM   501  N N   . TRP   A 1 79  ? -4.074  11.547  -0.554  1.00 21.09  ? 79  TRP   A N   1 
ATOM   502  C CA  . TRP   A 1 79  ? -4.956  11.549  -1.703  1.00 21.24  ? 79  TRP   A CA  1 
ATOM   503  C C   . TRP   A 1 79  ? -5.023  12.930  -2.325  1.00 21.59  ? 79  TRP   A C   1 
ATOM   504  O O   . TRP   A 1 79  ? -6.110  13.440  -2.609  1.00 23.28  ? 79  TRP   A O   1 
ATOM   505  C CB  . TRP   A 1 79  ? -6.338  11.001  -1.328  1.00 21.45  ? 79  TRP   A CB  1 
ATOM   506  C CG  . TRP   A 1 79  ? -6.265  9.553   -0.957  1.00 22.36  ? 79  TRP   A CG  1 
ATOM   507  C CD1 . TRP   A 1 79  ? -6.356  9.008   0.286   1.00 23.70  ? 79  TRP   A CD1 1 
ATOM   508  C CD2 . TRP   A 1 79  ? -6.010  8.462   -1.866  1.00 22.13  ? 79  TRP   A CD2 1 
ATOM   509  N NE1 . TRP   A 1 79  ? -6.224  7.647   0.211   1.00 22.55  ? 79  TRP   A NE1 1 
ATOM   510  C CE2 . TRP   A 1 79  ? -5.972  7.288   -1.082  1.00 21.39  ? 79  TRP   A CE2 1 
ATOM   511  C CE3 . TRP   A 1 79  ? -5.770  8.360   -3.243  1.00 21.72  ? 79  TRP   A CE3 1 
ATOM   512  C CZ2 . TRP   A 1 79  ? -5.784  6.038   -1.648  1.00 22.63  ? 79  TRP   A CZ2 1 
ATOM   513  C CZ3 . TRP   A 1 79  ? -5.561  7.119   -3.803  1.00 21.57  ? 79  TRP   A CZ3 1 
ATOM   514  C CH2 . TRP   A 1 79  ? -5.546  5.977   -3.001  1.00 22.32  ? 79  TRP   A CH2 1 
ATOM   515  N N   . LYS   A 1 80  ? -3.822  13.484  -2.563  1.00 23.25  ? 80  LYS   A N   1 
ATOM   516  C CA  . LYS   A 1 80  ? -3.656  14.734  -3.272  1.00 24.57  ? 80  LYS   A CA  1 
ATOM   517  C C   . LYS   A 1 80  ? -2.672  14.500  -4.418  1.00 23.01  ? 80  LYS   A C   1 
ATOM   518  O O   . LYS   A 1 80  ? -1.577  13.976  -4.235  1.00 24.60  ? 80  LYS   A O   1 
ATOM   519  C CB  . LYS   A 1 80  ? -3.157  15.844  -2.350  1.00 24.20  ? 80  LYS   A CB  1 
ATOM   520  C CG  . LYS   A 1 80  ? -2.885  17.172  -3.063  1.00 26.45  ? 80  LYS   A CG  1 
ATOM   521  C CD  . LYS   A 1 80  ? -2.237  18.197  -2.138  1.00 28.29  ? 80  LYS   A CD  1 
ATOM   522  C CE  . LYS   A 1 80  ? -2.055  19.520  -2.826  1.00 31.60  ? 80  LYS   A CE  1 
ATOM   523  N NZ  . LYS   A 1 80  ? -0.954  19.443  -3.791  1.00 37.00  ? 80  LYS   A NZ  1 
ATOM   524  N N   . ASN   A 1 81  ? -3.122  14.919  -5.600  1.00 23.47  ? 81  ASN   A N   1 
ATOM   525  C CA  . ASN   A 1 81  ? -2.259  14.894  -6.804  1.00 25.14  ? 81  ASN   A CA  1 
ATOM   526  C C   . ASN   A 1 81  ? -2.649  16.127  -7.635  1.00 25.29  ? 81  ASN   A C   1 
ATOM   527  O O   . ASN   A 1 81  ? -3.339  17.002  -7.108  1.00 25.66  ? 81  ASN   A O   1 
ATOM   528  C CB  . ASN   A 1 81  ? -2.333  13.577  -7.567  1.00 25.47  ? 81  ASN   A CB  1 
ATOM   529  C CG  . ASN   A 1 81  ? -3.662  13.294  -8.227  1.00 25.53  ? 81  ASN   A CG  1 
ATOM   530  O OD1 . ASN   A 1 81  ? -4.589  14.107  -8.176  1.00 26.29  ? 81  ASN   A OD1 1 
ATOM   531  N ND2 . ASN   A 1 81  ? -3.770  12.131  -8.849  1.00 25.96  ? 81  ASN   A ND2 1 
ATOM   532  N N   . ASN   A 1 82  ? -2.250  16.153  -8.893  1.00 25.55  ? 82  ASN   A N   1 
ATOM   533  C CA  . ASN   A 1 82  ? -2.511  17.354  -9.734  1.00 29.46  ? 82  ASN   A CA  1 
ATOM   534  C C   . ASN   A 1 82  ? -3.988  17.441  -10.121 1.00 31.15  ? 82  ASN   A C   1 
ATOM   535  O O   . ASN   A 1 82  ? -4.406  18.510  -10.585 1.00 32.53  ? 82  ASN   A O   1 
ATOM   536  C CB  . ASN   A 1 82  ? -1.600  17.366  -10.951 1.00 32.59  ? 82  ASN   A CB  1 
ATOM   537  C CG  . ASN   A 1 82  ? -0.181  17.737  -10.599 1.00 39.58  ? 82  ASN   A CG  1 
ATOM   538  O OD1 . ASN   A 1 82  ? 0.737   17.486  -11.385 1.00 46.99  ? 82  ASN   A OD1 1 
ATOM   539  N ND2 . ASN   A 1 82  ? 0.022   18.331  -9.433  1.00 44.94  ? 82  ASN   A ND2 1 
ATOM   540  N N   . TYR   A 1 83  ? -4.740  16.364  -9.938  1.00 29.42  ? 83  TYR   A N   1 
ATOM   541  C CA  . TYR   A 1 83  ? -6.150  16.333  -10.399 1.00 29.71  ? 83  TYR   A CA  1 
ATOM   542  C C   . TYR   A 1 83  ? -7.115  16.511  -9.252  1.00 31.69  ? 83  TYR   A C   1 
ATOM   543  O O   . TYR   A 1 83  ? -8.143  17.158  -9.444  1.00 27.29  ? 83  TYR   A O   1 
ATOM   544  C CB  . TYR   A 1 83  ? -6.421  14.977  -11.046 1.00 31.35  ? 83  TYR   A CB  1 
ATOM   545  C CG  . TYR   A 1 83  ? -5.525  14.659  -12.229 1.00 30.70  ? 83  TYR   A CG  1 
ATOM   546  C CD1 . TYR   A 1 83  ? -5.814  15.155  -13.490 1.00 38.33  ? 83  TYR   A CD1 1 
ATOM   547  C CD2 . TYR   A 1 83  ? -4.388  13.877  -12.081 1.00 30.43  ? 83  TYR   A CD2 1 
ATOM   548  C CE1 . TYR   A 1 83  ? -5.002  14.881  -14.575 1.00 37.50  ? 83  TYR   A CE1 1 
ATOM   549  C CE2 . TYR   A 1 83  ? -3.564  13.600  -13.156 1.00 35.44  ? 83  TYR   A CE2 1 
ATOM   550  C CZ  . TYR   A 1 83  ? -3.873  14.104  -14.407 1.00 41.14  ? 83  TYR   A CZ  1 
ATOM   551  O OH  . TYR   A 1 83  ? -3.077  13.839  -15.479 1.00 37.96  ? 83  TYR   A OH  1 
ATOM   552  N N   . ARG   A 1 84  ? -6.787  15.970  -8.084  1.00 27.11  ? 84  ARG   A N   1 
ATOM   553  C CA  . ARG   A 1 84  ? -7.750  15.994  -6.996  1.00 30.74  ? 84  ARG   A CA  1 
ATOM   554  C C   . ARG   A 1 84  ? -7.086  16.059  -5.631  1.00 26.92  ? 84  ARG   A C   1 
ATOM   555  O O   . ARG   A 1 84  ? -5.925  15.673  -5.471  1.00 28.35  ? 84  ARG   A O   1 
ATOM   556  C CB  . ARG   A 1 84  ? -8.591  14.715  -7.026  1.00 36.17  ? 84  ARG   A CB  1 
ATOM   557  C CG  . ARG   A 1 84  ? -9.601  14.730  -8.159  1.00 42.95  ? 84  ARG   A CG  1 
ATOM   558  C CD  . ARG   A 1 84  ? -10.593 13.660  -7.926  1.00 47.23  ? 84  ARG   A CD  1 
ATOM   559  N NE  . ARG   A 1 84  ? -11.318 13.321  -9.152  1.00 41.47  ? 84  ARG   A NE  1 
ATOM   560  C CZ  . ARG   A 1 84  ? -12.280 12.446  -9.139  1.00 44.57  ? 84  ARG   A CZ  1 
ATOM   561  N NH1 . ARG   A 1 84  ? -12.690 11.954  -7.969  1.00 45.44  ? 84  ARG   A NH1 1 
ATOM   562  N NH2 . ARG   A 1 84  ? -12.861 12.087  -10.276 1.00 46.33  ? 84  ARG   A NH2 1 
ATOM   563  N N   . ASN   A 1 85  ? -7.886  16.503  -4.655  1.00 27.30  ? 85  ASN   A N   1 
ATOM   564  C CA  . ASN   A 1 85  ? -7.476  16.464  -3.269  1.00 26.47  ? 85  ASN   A CA  1 
ATOM   565  C C   . ASN   A 1 85  ? -8.664  16.014  -2.439  1.00 27.61  ? 85  ASN   A C   1 
ATOM   566  O O   . ASN   A 1 85  ? -9.571  16.789  -2.178  1.00 25.29  ? 85  ASN   A O   1 
ATOM   567  C CB  . ASN   A 1 85  ? -6.902  17.798  -2.803  1.00 26.78  ? 85  ASN   A CB  1 
ATOM   568  C CG  . ASN   A 1 85  ? -6.239  17.669  -1.459  1.00 24.51  ? 85  ASN   A CG  1 
ATOM   569  O OD1 . ASN   A 1 85  ? -6.323  16.625  -0.783  1.00 24.96  ? 85  ASN   A OD1 1 
ATOM   570  N ND2 . ASN   A 1 85  ? -5.604  18.754  -1.057  1.00 25.10  ? 85  ASN   A ND2 1 
ATOM   571  N N   . ALA   A 1 86  ? -8.595  14.772  -1.960  1.00 22.30  ? 86  ALA   A N   1 
ATOM   572  C CA  . ALA   A 1 86  ? -9.641  14.181  -1.144  1.00 25.58  ? 86  ALA   A CA  1 
ATOM   573  C C   . ALA   A 1 86  ? -9.405  14.387  0.357   1.00 25.60  ? 86  ALA   A C   1 
ATOM   574  O O   . ALA   A 1 86  ? -10.071 13.732  1.151   1.00 23.79  ? 86  ALA   A O   1 
ATOM   575  C CB  . ALA   A 1 86  ? -9.787  12.711  -1.467  1.00 26.84  ? 86  ALA   A CB  1 
ATOM   576  N N   . HIS   A 1 87  ? -8.440  15.249  0.730   1.00 24.12  ? 87  HIS   A N   1 
ATOM   577  C CA  . HIS   A 1 87  ? -8.134  15.601  2.111   1.00 21.07  ? 87  HIS   A CA  1 
ATOM   578  C C   . HIS   A 1 87  ? -8.127  14.364  3.008   1.00 22.16  ? 87  HIS   A C   1 
ATOM   579  O O   . HIS   A 1 87  ? -8.813  14.308  4.039   1.00 21.20  ? 87  HIS   A O   1 
ATOM   580  C CB  . HIS   A 1 87  ? -9.112  16.654  2.630   1.00 24.94  ? 87  HIS   A CB  1 
ATOM   581  C CG  . HIS   A 1 87  ? -9.078  17.894  1.821   1.00 23.40  ? 87  HIS   A CG  1 
ATOM   582  N ND1 . HIS   A 1 87  ? -7.913  18.588  1.511   1.00 21.37  ? 87  HIS   A ND1 1 
ATOM   583  C CD2 . HIS   A 1 87  ? -10.124 18.576  1.268   1.00 24.37  ? 87  HIS   A CD2 1 
ATOM   584  C CE1 . HIS   A 1 87  ? -8.262  19.649  0.763   1.00 24.96  ? 87  HIS   A CE1 1 
ATOM   585  N NE2 . HIS   A 1 87  ? -9.576  19.665  0.626   1.00 22.31  ? 87  HIS   A NE2 1 
ATOM   586  N N   . SER   A 1 88  ? -7.333  13.389  2.611   1.00 22.95  ? 88  SER   A N   1 
ATOM   587  C CA  . SER   A 1 88  ? -7.339  12.104  3.278   1.00 21.39  ? 88  SER   A CA  1 
ATOM   588  C C   . SER   A 1 88  ? -6.041  11.380  3.001   1.00 20.53  ? 88  SER   A C   1 
ATOM   589  O O   . SER   A 1 88  ? -5.318  11.700  2.067   1.00 23.13  ? 88  SER   A O   1 
ATOM   590  C CB  . SER   A 1 88  ? -8.549  11.236  2.850   1.00 25.23  ? 88  SER   A CB  1 
ATOM   591  O OG  . SER   A 1 88  ? -8.800  11.212  1.440   1.00 24.36  ? 88  SER   A OG  1 
ATOM   592  N N   . ALA   A 1 89  ? -5.764  10.366  3.807   1.00 20.38  ? 89  ALA   A N   1 
ATOM   593  C CA  . ALA   A 1 89  ? -4.551  9.574   3.599   1.00 23.29  ? 89  ALA   A CA  1 
ATOM   594  C C   . ALA   A 1 89  ? -4.871  8.133   4.014   1.00 21.65  ? 89  ALA   A C   1 
ATOM   595  O O   . ALA   A 1 89  ? -5.573  7.938   5.011   1.00 20.27  ? 89  ALA   A O   1 
ATOM   596  C CB  . ALA   A 1 89  ? -3.399  10.101  4.414   1.00 22.30  ? 89  ALA   A CB  1 
ATOM   597  N N   . THR   A 1 90  ? -4.426  7.163   3.212   1.00 20.34  ? 90  THR   A N   1 
ATOM   598  C CA  . THR   A 1 90  ? -4.579  5.765   3.595   1.00 19.31  ? 90  THR   A CA  1 
ATOM   599  C C   . THR   A 1 90  ? -3.199  5.204   3.892   1.00 19.07  ? 90  THR   A C   1 
ATOM   600  O O   . THR   A 1 90  ? -2.247  5.454   3.152   1.00 20.88  ? 90  THR   A O   1 
ATOM   601  C CB  . THR   A 1 90  ? -5.241  5.002   2.456   1.00 21.82  ? 90  THR   A CB  1 
ATOM   602  O OG1 . THR   A 1 90  ? -6.521  5.529   2.127   1.00 20.39  ? 90  THR   A OG1 1 
ATOM   603  C CG2 . THR   A 1 90  ? -5.401  3.528   2.773   1.00 20.71  ? 90  THR   A CG2 1 
ATOM   604  N N   . THR   A 1 91  ? -3.111  4.373   4.918   1.00 19.12  ? 91  THR   A N   1 
ATOM   605  C CA  . THR   A 1 91  ? -1.934  3.562   5.174   1.00 19.03  ? 91  THR   A CA  1 
ATOM   606  C C   . THR   A 1 91  ? -2.331  2.092   5.090   1.00 21.11  ? 91  THR   A C   1 
ATOM   607  O O   . THR   A 1 91  ? -3.344  1.689   5.688   1.00 21.53  ? 91  THR   A O   1 
ATOM   608  C CB  . THR   A 1 91  ? -1.339  3.849   6.551   1.00 21.26  ? 91  THR   A CB  1 
ATOM   609  O OG1 . THR   A 1 91  ? -2.217  3.428   7.610   1.00 22.42  ? 91  THR   A OG1 1 
ATOM   610  C CG2 . THR   A 1 91  ? -0.918  5.298   6.681   1.00 21.07  ? 91  THR   A CG2 1 
ATOM   611  N N   . TRP   A 1 92  ? -1.497  1.319   4.382   1.00 19.35  ? 92  TRP   A N   1 
ATOM   612  C CA  . TRP   A 1 92  ? -1.634  -0.120  4.286   1.00 19.89  ? 92  TRP   A CA  1 
ATOM   613  C C   . TRP   A 1 92  ? -0.521  -0.741  5.128   1.00 20.53  ? 92  TRP   A C   1 
ATOM   614  O O   . TRP   A 1 92  ? 0.628   -0.375  4.966   1.00 20.86  ? 92  TRP   A O   1 
ATOM   615  C CB  . TRP   A 1 92  ? -1.481  -0.600  2.829   1.00 20.89  ? 92  TRP   A CB  1 
ATOM   616  C CG  . TRP   A 1 92  ? -2.612  -0.252  1.901   1.00 17.77  ? 92  TRP   A CG  1 
ATOM   617  C CD1 . TRP   A 1 92  ? -3.574  -1.104  1.450   1.00 19.24  ? 92  TRP   A CD1 1 
ATOM   618  C CD2 . TRP   A 1 92  ? -2.838  0.990   1.220   1.00 19.32  ? 92  TRP   A CD2 1 
ATOM   619  N NE1 . TRP   A 1 92  ? -4.409  -0.461  0.560   1.00 19.42  ? 92  TRP   A NE1 1 
ATOM   620  C CE2 . TRP   A 1 92  ? -3.958  0.808   0.386   1.00 18.53  ? 92  TRP   A CE2 1 
ATOM   621  C CE3 . TRP   A 1 92  ? -2.186  2.217   1.216   1.00 21.38  ? 92  TRP   A CE3 1 
ATOM   622  C CZ2 . TRP   A 1 92  ? -4.461  1.811   -0.433  1.00 20.81  ? 92  TRP   A CZ2 1 
ATOM   623  C CZ3 . TRP   A 1 92  ? -2.677  3.221   0.398   1.00 21.97  ? 92  TRP   A CZ3 1 
ATOM   624  C CH2 . TRP   A 1 92  ? -3.759  2.997   -0.440  1.00 20.62  ? 92  TRP   A CH2 1 
ATOM   625  N N   . SER   A 1 93  ? -0.898  -1.680  5.990   1.00 21.41  ? 93  SER   A N   1 
ATOM   626  C CA  . SER   A 1 93  ? 0.012   -2.444  6.832   1.00 20.00  ? 93  SER   A CA  1 
ATOM   627  C C   . SER   A 1 93  ? -0.230  -3.909  6.513   1.00 19.25  ? 93  SER   A C   1 
ATOM   628  O O   . SER   A 1 93  ? -1.379  -4.347  6.514   1.00 21.37  ? 93  SER   A O   1 
ATOM   629  C CB  . SER   A 1 93  ? -0.279  -2.128  8.283   1.00 19.91  ? 93  SER   A CB  1 
ATOM   630  O OG  . SER   A 1 93  ? 0.583   -2.856  9.155   1.00 25.20  ? 93  SER   A OG  1 
ATOM   631  N N   . GLY   A 1 94  ? 0.827   -4.686  6.282   1.00 21.84  ? 94  GLY   A N   1 
ATOM   632  C CA  . GLY   A 1 94  ? 0.609   -6.045  5.845   1.00 23.00  ? 94  GLY   A CA  1 
ATOM   633  C C   . GLY   A 1 94  ? 1.892   -6.853  5.716   1.00 23.09  ? 94  GLY   A C   1 
ATOM   634  O O   . GLY   A 1 94  ? 2.916   -6.532  6.316   1.00 22.45  ? 94  GLY   A O   1 
ATOM   635  N N   . GLN   A 1 95  ? 1.761   -7.942  4.980   1.00 22.35  ? 95  GLN   A N   1 
ATOM   636  C CA  . GLN   A 1 95  ? 2.948   -8.784  4.761   1.00 23.84  ? 95  GLN   A CA  1 
ATOM   637  C C   . GLN   A 1 95  ? 2.951   -9.320  3.329   1.00 24.61  ? 95  GLN   A C   1 
ATOM   638  O O   . GLN   A 1 95  ? 1.876   -9.612  2.795   1.00 25.21  ? 95  GLN   A O   1 
ATOM   639  C CB  . GLN   A 1 95  ? 3.046   -9.903  5.790   1.00 22.33  ? 95  GLN   A CB  1 
ATOM   640  C CG  . GLN   A 1 95  ? 1.857   -10.847 5.871   1.00 23.92  ? 95  GLN   A CG  1 
ATOM   641  C CD  . GLN   A 1 95  ? 2.080   -11.916 6.916   1.00 26.57  ? 95  GLN   A CD  1 
ATOM   642  O OE1 . GLN   A 1 95  ? 3.184   -12.450 7.055   1.00 27.19  ? 95  GLN   A OE1 1 
ATOM   643  N NE2 . GLN   A 1 95  ? 1.044   -12.215 7.681   1.00 28.75  ? 95  GLN   A NE2 1 
ATOM   644  N N   . TYR   A 1 96  ? 4.140   -9.394  2.760   1.00 23.35  ? 96  TYR   A N   1 
ATOM   645  C CA  . TYR   A 1 96  ? 4.316   -9.960  1.411   1.00 24.39  ? 96  TYR   A CA  1 
ATOM   646  C C   . TYR   A 1 96  ? 4.615   -11.431 1.560   1.00 25.55  ? 96  TYR   A C   1 
ATOM   647  O O   . TYR   A 1 96  ? 5.400   -11.808 2.434   1.00 24.99  ? 96  TYR   A O   1 
ATOM   648  C CB  . TYR   A 1 96  ? 5.485   -9.241  0.740   1.00 24.33  ? 96  TYR   A CB  1 
ATOM   649  C CG  . TYR   A 1 96  ? 6.184   -10.030 -0.353  1.00 25.84  ? 96  TYR   A CG  1 
ATOM   650  C CD1 . TYR   A 1 96  ? 5.722   -10.002 -1.660  1.00 26.38  ? 96  TYR   A CD1 1 
ATOM   651  C CD2 . TYR   A 1 96  ? 7.306   -10.795 -0.072  1.00 27.90  ? 96  TYR   A CD2 1 
ATOM   652  C CE1 . TYR   A 1 96  ? 6.352   -10.719 -2.660  1.00 28.41  ? 96  TYR   A CE1 1 
ATOM   653  C CE2 . TYR   A 1 96  ? 7.941   -11.523 -1.060  1.00 28.47  ? 96  TYR   A CE2 1 
ATOM   654  C CZ  . TYR   A 1 96  ? 7.465   -11.479 -2.356  1.00 31.87  ? 96  TYR   A CZ  1 
ATOM   655  O OH  . TYR   A 1 96  ? 8.107   -12.194 -3.314  1.00 31.01  ? 96  TYR   A OH  1 
ATOM   656  N N   . VAL   A 1 97  ? 3.975   -12.235 0.724   1.00 27.40  ? 97  VAL   A N   1 
ATOM   657  C CA  . VAL   A 1 97  ? 4.216   -13.700 0.734   1.00 34.73  ? 97  VAL   A CA  1 
ATOM   658  C C   . VAL   A 1 97  ? 4.661   -14.079 -0.684  1.00 32.34  ? 97  VAL   A C   1 
ATOM   659  O O   . VAL   A 1 97  ? 3.932   -13.770 -1.627  1.00 29.42  ? 97  VAL   A O   1 
ATOM   660  C CB  . VAL   A 1 97  ? 2.983   -14.498 1.198   1.00 40.95  ? 97  VAL   A CB  1 
ATOM   661  C CG1 . VAL   A 1 97  ? 3.285   -15.985 1.310   1.00 41.02  ? 97  VAL   A CG1 1 
ATOM   662  C CG2 . VAL   A 1 97  ? 2.422   -13.967 2.511   1.00 41.83  ? 97  VAL   A CG2 1 
ATOM   663  N N   . GLY   A 1 98  ? 5.836   -14.682 -0.800  1.00 32.21  ? 98  GLY   A N   1 
ATOM   664  C CA  . GLY   A 1 98  ? 6.386   -15.049 -2.100  1.00 39.21  ? 98  GLY   A CA  1 
ATOM   665  C C   . GLY   A 1 98  ? 5.782   -16.365 -2.623  1.00 43.26  ? 98  GLY   A C   1 
ATOM   666  O O   . GLY   A 1 98  ? 4.897   -16.962 -1.998  1.00 40.73  ? 98  GLY   A O   1 
ATOM   667  N N   . GLY   A 1 99  ? 6.292   -16.841 -3.765  1.00 50.01  ? 99  GLY   A N   1 
ATOM   668  C CA  . GLY   A 1 99  ? 5.924   -18.162 -4.259  1.00 48.17  ? 99  GLY   A CA  1 
ATOM   669  C C   . GLY   A 1 99  ? 4.950   -18.043 -5.424  1.00 53.76  ? 99  GLY   A C   1 
ATOM   670  O O   . GLY   A 1 99  ? 4.674   -16.945 -5.911  1.00 59.94  ? 99  GLY   A O   1 
ATOM   671  N N   . ALA   A 1 100 ? 4.510   -19.177 -5.943  1.00 63.35  ? 100 ALA   A N   1 
ATOM   672  C CA  . ALA   A 1 100 ? 3.699   -19.138 -7.179  1.00 66.21  ? 100 ALA   A CA  1 
ATOM   673  C C   . ALA   A 1 100 ? 2.468   -18.260 -6.982  1.00 62.62  ? 100 ALA   A C   1 
ATOM   674  O O   . ALA   A 1 100 ? 2.061   -17.588 -7.947  1.00 57.75  ? 100 ALA   A O   1 
ATOM   675  C CB  . ALA   A 1 100 ? 3.359   -20.562 -7.541  1.00 70.81  ? 100 ALA   A CB  1 
ATOM   676  N N   . GLU   A 1 101 ? 1.920   -18.260 -5.771  1.00 57.68  ? 101 GLU   A N   1 
ATOM   677  C CA  . GLU   A 1 101 ? 0.726   -17.447 -5.452  1.00 62.21  ? 101 GLU   A CA  1 
ATOM   678  C C   . GLU   A 1 101 ? 1.133   -16.214 -4.631  1.00 47.29  ? 101 GLU   A C   1 
ATOM   679  O O   . GLU   A 1 101 ? 0.549   -16.009 -3.564  1.00 44.96  ? 101 GLU   A O   1 
ATOM   680  C CB  . GLU   A 1 101 ? -0.147  -18.348 -4.594  1.00 71.22  ? 101 GLU   A CB  1 
ATOM   681  C CG  . GLU   A 1 101 ? 0.652   -19.381 -3.804  1.00 78.99  ? 101 GLU   A CG  1 
ATOM   682  C CD  . GLU   A 1 101 ? 1.599   -18.858 -2.734  1.00 82.19  ? 101 GLU   A CD  1 
ATOM   683  O OE1 . GLU   A 1 101 ? 1.134   -18.546 -1.616  1.00 81.56  ? 101 GLU   A OE1 1 
ATOM   684  O OE2 . GLU   A 1 101 ? 2.806   -18.763 -3.024  1.00 58.93  ? 101 GLU   A OE2 1 
ATOM   685  N N   . ALA   A 1 102 ? 2.101   -15.439 -5.113  1.00 40.36  ? 102 ALA   A N   1 
ATOM   686  C CA  . ALA   A 1 102 ? 2.601   -14.281 -4.340  1.00 35.86  ? 102 ALA   A CA  1 
ATOM   687  C C   . ALA   A 1 102 ? 1.483   -13.277 -4.037  1.00 30.79  ? 102 ALA   A C   1 
ATOM   688  O O   . ALA   A 1 102 ? 0.689   -13.027 -4.941  1.00 30.11  ? 102 ALA   A O   1 
ATOM   689  C CB  . ALA   A 1 102 ? 3.734   -13.646 -5.089  1.00 38.05  ? 102 ALA   A CB  1 
ATOM   690  N N   A ARG   A 1 103 ? 1.599   -12.781 -2.920  0.43 28.40  ? 103 ARG   A N   1 
ATOM   691  N N   B ARG   A 1 103 ? 1.588   -12.788 -2.917  0.57 28.13  ? 103 ARG   A N   1 
ATOM   692  C CA  A ARG   A 1 103 ? 0.475   -11.921 -2.486  0.43 28.20  ? 103 ARG   A CA  1 
ATOM   693  C CA  B ARG   A 1 103 ? 0.484   -11.892 -2.519  0.57 28.40  ? 103 ARG   A CA  1 
ATOM   694  C C   A ARG   A 1 103 ? 0.928   -10.907 -1.432  0.43 26.60  ? 103 ARG   A C   1 
ATOM   695  C C   B ARG   A 1 103 ? 0.900   -10.921 -1.414  0.57 26.70  ? 103 ARG   A C   1 
ATOM   696  O O   A ARG   A 1 103 ? 1.982   -11.147 -0.815  0.43 24.10  ? 103 ARG   A O   1 
ATOM   697  O O   B ARG   A 1 103 ? 1.970   -11.155 -0.825  0.57 23.32  ? 103 ARG   A O   1 
ATOM   698  C CB  A ARG   A 1 103 ? -0.602  -12.773 -1.812  0.43 29.74  ? 103 ARG   A CB  1 
ATOM   699  C CB  B ARG   A 1 103 ? -0.721  -12.692 -2.020  0.57 31.40  ? 103 ARG   A CB  1 
ATOM   700  C CG  A ARG   A 1 103 ? -1.862  -12.936 -2.646  0.43 34.25  ? 103 ARG   A CG  1 
ATOM   701  C CG  B ARG   A 1 103 ? -0.507  -13.469 -0.734  0.57 34.31  ? 103 ARG   A CG  1 
ATOM   702  C CD  A ARG   A 1 103 ? -2.364  -14.365 -2.590  0.43 35.31  ? 103 ARG   A CD  1 
ATOM   703  C CD  B ARG   A 1 103 ? -1.643  -14.459 -0.547  0.57 34.95  ? 103 ARG   A CD  1 
ATOM   704  N NE  A ARG   A 1 103 ? -3.240  -14.679 -3.724  0.43 33.59  ? 103 ARG   A NE  1 
ATOM   705  N NE  B ARG   A 1 103 ? -1.448  -15.282 0.650   0.57 34.23  ? 103 ARG   A NE  1 
ATOM   706  C CZ  A ARG   A 1 103 ? -4.563  -14.608 -3.687  0.43 36.11  ? 103 ARG   A CZ  1 
ATOM   707  C CZ  B ARG   A 1 103 ? -0.551  -16.250 0.748   0.57 38.21  ? 103 ARG   A CZ  1 
ATOM   708  N NH1 A ARG   A 1 103 ? -5.175  -14.279 -2.564  0.43 37.58  ? 103 ARG   A NH1 1 
ATOM   709  N NH1 B ARG   A 1 103 ? -0.263  -16.763 1.929   0.57 39.94  ? 103 ARG   A NH1 1 
ATOM   710  N NH2 A ARG   A 1 103 ? -5.268  -14.866 -4.772  0.43 36.82  ? 103 ARG   A NH2 1 
ATOM   711  N NH2 B ARG   A 1 103 ? 0.051   -16.703 -0.336  0.57 41.88  ? 103 ARG   A NH2 1 
ATOM   712  N N   . ILE   A 1 104 ? 0.461   -9.805  -1.562  1.00 25.29  ? 104 ILE   A N   1 
ATOM   713  C CA  . ILE   A 1 104 ? 0.574   -8.838  -0.424  1.00 25.31  ? 104 ILE   A CA  1 
ATOM   714  C C   . ILE   A 1 104 ? -0.790  -8.717  0.276   1.00 22.04  ? 104 ILE   A C   1 
ATOM   715  O O   . ILE   A 1 104 ? -1.732  -8.205  -0.328  1.00 22.00  ? 104 ILE   A O   1 
ATOM   716  C CB  . ILE   A 1 104 ? 1.139   -7.474  -0.863  1.00 24.40  ? 104 ILE   A CB  1 
ATOM   717  C CG1 . ILE   A 1 104 ? 2.451   -7.621  -1.619  1.00 24.07  ? 104 ILE   A CG1 1 
ATOM   718  C CG2 . ILE   A 1 104 ? 1.289   -6.537  0.335   1.00 24.76  ? 104 ILE   A CG2 1 
ATOM   719  C CD1 . ILE   A 1 104 ? 3.043   -6.299  -2.067  1.00 27.11  ? 104 ILE   A CD1 1 
ATOM   720  N N   . ASN   A 1 105 ? -0.855  -9.203  1.504   1.00 22.20  ? 105 ASN   A N   1 
ATOM   721  C CA  . ASN   A 1 105 ? -2.122  -9.165  2.273   1.00 22.46  ? 105 ASN   A CA  1 
ATOM   722  C C   . ASN   A 1 105 ? -2.072  -7.967  3.210   1.00 23.95  ? 105 ASN   A C   1 
ATOM   723  O O   . ASN   A 1 105 ? -1.087  -7.837  3.931   1.00 23.09  ? 105 ASN   A O   1 
ATOM   724  C CB  . ASN   A 1 105 ? -2.341  -10.448 3.054   1.00 25.62  ? 105 ASN   A CB  1 
ATOM   725  C CG  . ASN   A 1 105 ? -2.537  -11.638 2.151   1.00 32.21  ? 105 ASN   A CG  1 
ATOM   726  O OD1 . ASN   A 1 105 ? -3.432  -11.627 1.303   1.00 33.02  ? 105 ASN   A OD1 1 
ATOM   727  N ND2 . ASN   A 1 105 ? -1.716  -12.664 2.313   1.00 32.60  ? 105 ASN   A ND2 1 
ATOM   728  N N   . THR   A 1 106 ? -3.110  -7.142  3.173   1.00 23.99  ? 106 THR   A N   1 
ATOM   729  C CA  . THR   A 1 106 ? -3.046  -5.925  3.977   1.00 23.75  ? 106 THR   A CA  1 
ATOM   730  C C   . THR   A 1 106 ? -4.317  -5.536  4.669   1.00 22.59  ? 106 THR   A C   1 
ATOM   731  O O   . THR   A 1 106 ? -5.388  -5.980  4.241   1.00 21.13  ? 106 THR   A O   1 
ATOM   732  C CB  . THR   A 1 106 ? -2.704  -4.726  3.084   1.00 22.22  ? 106 THR   A CB  1 
ATOM   733  O OG1 . THR   A 1 106 ? -3.860  -4.463  2.295   1.00 21.40  ? 106 THR   A OG1 1 
ATOM   734  C CG2 . THR   A 1 106 ? -1.473  -4.927  2.218   1.00 23.10  ? 106 THR   A CG2 1 
ATOM   735  N N   . GLN   A 1 107 ? -4.170  -4.816  5.773   1.00 24.29  ? 107 GLN   A N   1 
ATOM   736  C CA  . GLN   A 1 107 ? -5.255  -4.046  6.356   1.00 24.08  ? 107 GLN   A CA  1 
ATOM   737  C C   . GLN   A 1 107 ? -4.905  -2.570  6.203   1.00 21.21  ? 107 GLN   A C   1 
ATOM   738  O O   . GLN   A 1 107 ? -3.748  -2.209  6.093   1.00 19.54  ? 107 GLN   A O   1 
ATOM   739  C CB  . GLN   A 1 107 ? -5.414  -4.484  7.814   1.00 26.87  ? 107 GLN   A CB  1 
ATOM   740  C CG  . GLN   A 1 107 ? -5.620  -5.989  7.852   1.00 29.73  ? 107 GLN   A CG  1 
ATOM   741  C CD  . GLN   A 1 107 ? -6.329  -6.516  9.062   1.00 32.75  ? 107 GLN   A CD  1 
ATOM   742  O OE1 . GLN   A 1 107 ? -7.538  -6.360  9.195   1.00 35.09  ? 107 GLN   A OE1 1 
ATOM   743  N NE2 . GLN   A 1 107 ? -5.590  -7.259  9.882   1.00 41.01  ? 107 GLN   A NE2 1 
ATOM   744  N N   . TRP   A 1 108 ? -5.920  -1.719  6.099   1.00 21.26  ? 108 TRP   A N   1 
ATOM   745  C CA  . TRP   A 1 108 ? -5.638  -0.322  5.892   1.00 19.94  ? 108 TRP   A CA  1 
ATOM   746  C C   . TRP   A 1 108 ? -6.533  0.598   6.722   1.00 20.43  ? 108 TRP   A C   1 
ATOM   747  O O   . TRP   A 1 108 ? -7.603  0.204   7.187   1.00 20.29  ? 108 TRP   A O   1 
ATOM   748  C CB  . TRP   A 1 108 ? -5.742  0.019   4.406   1.00 20.46  ? 108 TRP   A CB  1 
ATOM   749  C CG  . TRP   A 1 108 ? -7.049  -0.318  3.751   1.00 21.02  ? 108 TRP   A CG  1 
ATOM   750  C CD1 . TRP   A 1 108 ? -7.223  -1.335  2.861   1.00 21.08  ? 108 TRP   A CD1 1 
ATOM   751  C CD2 . TRP   A 1 108 ? -8.312  0.399   3.795   1.00 21.63  ? 108 TRP   A CD2 1 
ATOM   752  N NE1 . TRP   A 1 108 ? -8.520  -1.346  2.412   1.00 21.05  ? 108 TRP   A NE1 1 
ATOM   753  C CE2 . TRP   A 1 108 ? -9.209  -0.303  2.956   1.00 21.94  ? 108 TRP   A CE2 1 
ATOM   754  C CE3 . TRP   A 1 108 ? -8.786  1.509   4.494   1.00 22.43  ? 108 TRP   A CE3 1 
ATOM   755  C CZ2 . TRP   A 1 108 ? -10.537 0.094   2.761   1.00 21.78  ? 108 TRP   A CZ2 1 
ATOM   756  C CZ3 . TRP   A 1 108 ? -10.093 1.921   4.283   1.00 21.40  ? 108 TRP   A CZ3 1 
ATOM   757  C CH2 . TRP   A 1 108 ? -10.946 1.224   3.444   1.00 22.53  ? 108 TRP   A CH2 1 
ATOM   758  N N   . LEU   A 1 109 ? -6.019  1.813   6.963   1.00 21.72  ? 109 LEU   A N   1 
ATOM   759  C CA  . LEU   A 1 109 ? -6.724  2.872   7.662   1.00 20.23  ? 109 LEU   A CA  1 
ATOM   760  C C   . LEU   A 1 109 ? -6.756  4.081   6.750   1.00 22.41  ? 109 LEU   A C   1 
ATOM   761  O O   . LEU   A 1 109 ? -5.697  4.562   6.340   1.00 23.22  ? 109 LEU   A O   1 
ATOM   762  C CB  . LEU   A 1 109 ? -6.037  3.275   8.965   1.00 21.83  ? 109 LEU   A CB  1 
ATOM   763  C CG  . LEU   A 1 109 ? -5.909  2.197   10.047  1.00 22.42  ? 109 LEU   A CG  1 
ATOM   764  C CD1 . LEU   A 1 109 ? -4.947  2.655   11.137  1.00 24.44  ? 109 LEU   A CD1 1 
ATOM   765  C CD2 . LEU   A 1 109 ? -7.246  1.831   10.649  1.00 21.77  ? 109 LEU   A CD2 1 
ATOM   766  N N   . LEU   A 1 110 ? -7.958  4.594   6.509   1.00 20.58  ? 110 LEU   A N   1 
ATOM   767  C CA  . LEU   A 1 110 ? -8.120  5.815   5.715   1.00 20.76  ? 110 LEU   A CA  1 
ATOM   768  C C   . LEU   A 1 110 ? -8.651  6.901   6.653   1.00 20.02  ? 110 LEU   A C   1 
ATOM   769  O O   . LEU   A 1 110 ? -9.742  6.745   7.226   1.00 20.55  ? 110 LEU   A O   1 
ATOM   770  C CB  . LEU   A 1 110 ? -9.036  5.568   4.530   1.00 20.71  ? 110 LEU   A CB  1 
ATOM   771  C CG  . LEU   A 1 110 ? -9.285  6.732   3.562   1.00 22.88  ? 110 LEU   A CG  1 
ATOM   772  C CD1 . LEU   A 1 110 ? -10.017 6.160   2.355   1.00 23.79  ? 110 LEU   A CD1 1 
ATOM   773  C CD2 . LEU   A 1 110 ? -10.064 7.840   4.175   1.00 25.85  ? 110 LEU   A CD2 1 
ATOM   774  N N   . THR   A 1 111 ? -7.840  7.948   6.886   1.00 23.82  ? 111 THR   A N   1 
ATOM   775  C CA  . THR   A 1 111 ? -8.239  9.068   7.753   1.00 21.47  ? 111 THR   A CA  1 
ATOM   776  C C   . THR   A 1 111 ? -8.481  10.291  6.883   1.00 22.04  ? 111 THR   A C   1 
ATOM   777  O O   . THR   A 1 111 ? -7.620  10.642  6.095   1.00 22.48  ? 111 THR   A O   1 
ATOM   778  C CB  . THR   A 1 111 ? -7.222  9.424   8.823   1.00 22.86  ? 111 THR   A CB  1 
ATOM   779  O OG1 . THR   A 1 111 ? -6.949  8.250   9.571   1.00 19.92  ? 111 THR   A OG1 1 
ATOM   780  C CG2 . THR   A 1 111 ? -7.714  10.521  9.768   1.00 25.74  ? 111 THR   A CG2 1 
ATOM   781  N N   A SER   A 1 112 ? -9.642  10.931  7.084   0.67 22.58  ? 112 SER   A N   1 
ATOM   782  N N   B SER   A 1 112 ? -9.630  10.951  7.057   0.33 22.17  ? 112 SER   A N   1 
ATOM   783  C CA  A SER   A 1 112 ? -9.926  12.227  6.489   0.67 24.46  ? 112 SER   A CA  1 
ATOM   784  C CA  B SER   A 1 112 ? -9.886  12.213  6.378   0.33 22.81  ? 112 SER   A CA  1 
ATOM   785  C C   A SER   A 1 112 ? -9.544  13.332  7.467   0.67 26.28  ? 112 SER   A C   1 
ATOM   786  C C   B SER   A 1 112 ? -9.752  13.356  7.379   0.33 24.64  ? 112 SER   A C   1 
ATOM   787  O O   A SER   A 1 112 ? -9.552  13.154  8.694   0.67 24.15  ? 112 SER   A O   1 
ATOM   788  O O   B SER   A 1 112 ? -10.090 13.197  8.556   0.33 23.79  ? 112 SER   A O   1 
ATOM   789  C CB  A SER   A 1 112 ? -11.359 12.370  6.122   0.67 24.37  ? 112 SER   A CB  1 
ATOM   790  C CB  B SER   A 1 112 ? -11.236 12.216  5.748   0.33 22.03  ? 112 SER   A CB  1 
ATOM   791  O OG  A SER   A 1 112 ? -11.725 11.377  5.191   0.67 30.67  ? 112 SER   A OG  1 
ATOM   792  O OG  B SER   A 1 112 ? -12.226 12.121  6.757   0.33 23.52  ? 112 SER   A OG  1 
ATOM   793  N N   . GLY   A 1 113 ? -9.241  14.501  6.908   1.00 25.90  ? 113 GLY   A N   1 
ATOM   794  C CA  . GLY   A 1 113 ? -9.189  15.694  7.743   1.00 27.10  ? 113 GLY   A CA  1 
ATOM   795  C C   . GLY   A 1 113 ? -10.610 16.071  8.143   1.00 27.86  ? 113 GLY   A C   1 
ATOM   796  O O   . GLY   A 1 113 ? -11.433 16.178  7.250   1.00 28.40  ? 113 GLY   A O   1 
ATOM   797  N N   . THR   A 1 114 ? -10.881 16.297  9.442   1.00 27.26  ? 114 THR   A N   1 
ATOM   798  C CA  . THR   A 1 114 ? -12.222 16.614  9.932   1.00 25.86  ? 114 THR   A CA  1 
ATOM   799  C C   . THR   A 1 114 ? -12.130 17.783  10.906  1.00 30.45  ? 114 THR   A C   1 
ATOM   800  O O   . THR   A 1 114 ? -11.060 18.049  11.449  1.00 26.69  ? 114 THR   A O   1 
ATOM   801  C CB  . THR   A 1 114 ? -12.902 15.456  10.680  1.00 26.65  ? 114 THR   A CB  1 
ATOM   802  O OG1 . THR   A 1 114 ? -12.245 15.192  11.929  1.00 25.27  ? 114 THR   A OG1 1 
ATOM   803  C CG2 . THR   A 1 114 ? -12.959 14.196  9.838   1.00 28.15  ? 114 THR   A CG2 1 
ATOM   804  N N   . THR   A 1 115 ? -13.295 18.348  11.246  1.00 28.08  ? 115 THR   A N   1 
ATOM   805  C CA  . THR   A 1 115 ? -13.393 19.200  12.421  1.00 30.06  ? 115 THR   A CA  1 
ATOM   806  C C   . THR   A 1 115 ? -13.272 18.319  13.655  1.00 31.39  ? 115 THR   A C   1 
ATOM   807  O O   . THR   A 1 115 ? -13.416 17.112  13.562  1.00 29.45  ? 115 THR   A O   1 
ATOM   808  C CB  . THR   A 1 115 ? -14.707 19.972  12.405  1.00 31.00  ? 115 THR   A CB  1 
ATOM   809  O OG1 . THR   A 1 115 ? -15.730 18.980  12.420  1.00 32.27  ? 115 THR   A OG1 1 
ATOM   810  C CG2 . THR   A 1 115 ? -14.822 20.842  11.162  1.00 33.07  ? 115 THR   A CG2 1 
ATOM   811  N N   . GLU   A 1 116 ? -13.004 18.922  14.810  1.00 30.52  ? 116 GLU   A N   1 
ATOM   812  C CA  . GLU   A 1 116 ? -12.910 18.169  16.051  1.00 34.20  ? 116 GLU   A CA  1 
ATOM   813  C C   . GLU   A 1 116 ? -14.248 17.486  16.343  1.00 30.87  ? 116 GLU   A C   1 
ATOM   814  O O   . GLU   A 1 116 ? -14.262 16.374  16.809  1.00 30.52  ? 116 GLU   A O   1 
ATOM   815  C CB  . GLU   A 1 116 ? -12.510 19.073  17.219  1.00 40.70  ? 116 GLU   A CB  1 
ATOM   816  C CG  . GLU   A 1 116 ? -11.104 19.640  17.054  1.00 58.64  ? 116 GLU   A CG  1 
ATOM   817  C CD  . GLU   A 1 116 ? -10.652 20.608  18.144  1.00 70.73  ? 116 GLU   A CD  1 
ATOM   818  O OE1 . GLU   A 1 116 ? -9.628  21.302  17.931  1.00 66.91  ? 116 GLU   A OE1 1 
ATOM   819  O OE2 . GLU   A 1 116 ? -11.315 20.651  19.211  1.00 81.87  ? 116 GLU   A OE2 1 
ATOM   820  N N   . ALA   A 1 117 ? -15.364 18.144  16.025  1.00 30.73  ? 117 ALA   A N   1 
ATOM   821  C CA  . ALA   A 1 117 ? -16.689 17.596  16.262  1.00 34.19  ? 117 ALA   A CA  1 
ATOM   822  C C   . ALA   A 1 117 ? -16.895 16.301  15.480  1.00 31.87  ? 117 ALA   A C   1 
ATOM   823  O O   . ALA   A 1 117 ? -17.571 15.416  15.975  1.00 29.28  ? 117 ALA   A O   1 
ATOM   824  C CB  . ALA   A 1 117 ? -17.774 18.611  15.893  1.00 35.45  ? 117 ALA   A CB  1 
ATOM   825  N N   . ASN   A 1 118 ? -16.296 16.174  14.291  1.00 27.80  ? 118 ASN   A N   1 
ATOM   826  C CA  . ASN   A 1 118 ? -16.504 14.997  13.448  1.00 26.64  ? 118 ASN   A CA  1 
ATOM   827  C C   . ASN   A 1 118 ? -15.350 13.993  13.531  1.00 25.54  ? 118 ASN   A C   1 
ATOM   828  O O   . ASN   A 1 118 ? -15.256 13.087  12.710  1.00 27.28  ? 118 ASN   A O   1 
ATOM   829  C CB  . ASN   A 1 118 ? -16.709 15.415  12.013  1.00 24.65  ? 118 ASN   A CB  1 
ATOM   830  C CG  . ASN   A 1 118 ? -18.011 16.175  11.852  1.00 31.01  ? 118 ASN   A CG  1 
ATOM   831  O OD1 . ASN   A 1 118 ? -18.982 15.910  12.562  1.00 32.22  ? 118 ASN   A OD1 1 
ATOM   832  N ND2 . ASN   A 1 118 ? -18.050 17.102  10.915  1.00 32.85  ? 118 ASN   A ND2 1 
ATOM   833  N N   . ALA   A 1 119 ? -14.425 14.205  14.450  1.00 25.92  ? 119 ALA   A N   1 
ATOM   834  C CA  . ALA   A 1 119 ? -13.199 13.426  14.461  1.00 27.96  ? 119 ALA   A CA  1 
ATOM   835  C C   . ALA   A 1 119 ? -13.495 11.968  14.791  1.00 26.60  ? 119 ALA   A C   1 
ATOM   836  O O   . ALA   A 1 119 ? -12.748 11.100  14.363  1.00 25.31  ? 119 ALA   A O   1 
ATOM   837  C CB  . ALA   A 1 119 ? -12.176 14.011  15.397  1.00 28.71  ? 119 ALA   A CB  1 
ATOM   838  N N   . TRP   A 1 120 ? -14.584 11.699  15.527  1.00 26.98  ? 120 TRP   A N   1 
ATOM   839  C CA  . TRP   A 1 120 ? -14.935 10.334  15.907  1.00 24.76  ? 120 TRP   A CA  1 
ATOM   840  C C   . TRP   A 1 120 ? -15.190 9.492   14.658  1.00 24.12  ? 120 TRP   A C   1 
ATOM   841  O O   . TRP   A 1 120 ? -14.997 8.269   14.695  1.00 23.46  ? 120 TRP   A O   1 
ATOM   842  C CB  . TRP   A 1 120 ? -16.161 10.338  16.840  1.00 23.59  ? 120 TRP   A CB  1 
ATOM   843  C CG  . TRP   A 1 120 ? -17.402 10.854  16.160  1.00 20.92  ? 120 TRP   A CG  1 
ATOM   844  C CD1 . TRP   A 1 120 ? -17.821 12.146  16.034  1.00 24.26  ? 120 TRP   A CD1 1 
ATOM   845  C CD2 . TRP   A 1 120 ? -18.386 10.055  15.481  1.00 23.36  ? 120 TRP   A CD2 1 
ATOM   846  N NE1 . TRP   A 1 120 ? -18.993 12.212  15.331  1.00 23.89  ? 120 TRP   A NE1 1 
ATOM   847  C CE2 . TRP   A 1 120 ? -19.357 10.945  14.965  1.00 24.71  ? 120 TRP   A CE2 1 
ATOM   848  C CE3 . TRP   A 1 120 ? -18.533 8.685   15.245  1.00 22.97  ? 120 TRP   A CE3 1 
ATOM   849  C CZ2 . TRP   A 1 120 ? -20.474 10.492  14.261  1.00 25.71  ? 120 TRP   A CZ2 1 
ATOM   850  C CZ3 . TRP   A 1 120 ? -19.638 8.236   14.553  1.00 24.25  ? 120 TRP   A CZ3 1 
ATOM   851  C CH2 . TRP   A 1 120 ? -20.585 9.137   14.057  1.00 24.78  ? 120 TRP   A CH2 1 
ATOM   852  N N   . LYS   A 1 121 ? -15.659 10.143  13.573  1.00 21.57  ? 121 LYS   A N   1 
ATOM   853  C CA  . LYS   A 1 121 ? -15.898 9.466   12.306  1.00 22.94  ? 121 LYS   A CA  1 
ATOM   854  C C   . LYS   A 1 121 ? -14.848 9.779   11.232  1.00 24.24  ? 121 LYS   A C   1 
ATOM   855  O O   . LYS   A 1 121 ? -15.167 9.737   10.049  1.00 23.99  ? 121 LYS   A O   1 
ATOM   856  C CB  . LYS   A 1 121 ? -17.297 9.787   11.783  1.00 24.68  ? 121 LYS   A CB  1 
ATOM   857  C CG  . LYS   A 1 121 ? -17.641 11.224  11.582  1.00 24.88  ? 121 LYS   A CG  1 
ATOM   858  C CD  . LYS   A 1 121 ? -19.037 11.357  10.987  1.00 28.43  ? 121 LYS   A CD  1 
ATOM   859  C CE  . LYS   A 1 121 ? -19.415 12.794  10.939  1.00 32.42  ? 121 LYS   A CE  1 
ATOM   860  N NZ  . LYS   A 1 121 ? -20.719 12.945  10.287  1.00 34.48  ? 121 LYS   A NZ  1 
ATOM   861  N N   . SER   A 1 122 ? -13.592 10.037  11.618  1.00 23.50  ? 122 SER   A N   1 
ATOM   862  C CA  . SER   A 1 122 ? -12.540 10.399  10.673  1.00 23.42  ? 122 SER   A CA  1 
ATOM   863  C C   . SER   A 1 122 ? -11.923 9.209   9.930   1.00 24.30  ? 122 SER   A C   1 
ATOM   864  O O   . SER   A 1 122 ? -11.310 9.431   8.897   1.00 23.44  ? 122 SER   A O   1 
ATOM   865  C CB  . SER   A 1 122 ? -11.443 11.154  11.372  1.00 24.05  ? 122 SER   A CB  1 
ATOM   866  O OG  . SER   A 1 122 ? -10.774 10.271  12.274  1.00 24.05  ? 122 SER   A OG  1 
ATOM   867  N N   . THR   A 1 123 ? -12.069 7.965   10.424  1.00 21.40  ? 123 THR   A N   1 
ATOM   868  C CA  . THR   A 1 123 ? -11.183 6.902   9.982   1.00 21.90  ? 123 THR   A CA  1 
ATOM   869  C C   . THR   A 1 123 ? -11.946 5.644   9.580   1.00 21.08  ? 123 THR   A C   1 
ATOM   870  O O   . THR   A 1 123 ? -12.637 5.039   10.418  1.00 21.32  ? 123 THR   A O   1 
ATOM   871  C CB  . THR   A 1 123 ? -10.175 6.569   11.080  1.00 21.72  ? 123 THR   A CB  1 
ATOM   872  O OG1 . THR   A 1 123 ? -9.559  7.783   11.522  1.00 23.19  ? 123 THR   A OG1 1 
ATOM   873  C CG2 . THR   A 1 123 ? -9.135  5.564   10.587  1.00 24.02  ? 123 THR   A CG2 1 
ATOM   874  N N   . LEU   A 1 124 ? -11.728 5.241   8.309   1.00 21.17  ? 124 LEU   A N   1 
ATOM   875  C CA  . LEU   A 1 124 ? -12.226 3.990   7.764   1.00 22.21  ? 124 LEU   A CA  1 
ATOM   876  C C   . LEU   A 1 124 ? -11.167 2.903   7.979   1.00 18.77  ? 124 LEU   A C   1 
ATOM   877  O O   . LEU   A 1 124 ? -9.971  3.184   7.924   1.00 20.81  ? 124 LEU   A O   1 
ATOM   878  C CB  . LEU   A 1 124 ? -12.564 4.059   6.286   1.00 21.69  ? 124 LEU   A CB  1 
ATOM   879  C CG  . LEU   A 1 124 ? -13.736 4.947   5.869   1.00 23.96  ? 124 LEU   A CG  1 
ATOM   880  C CD1 . LEU   A 1 124 ? -13.689 5.198   4.398   1.00 27.01  ? 124 LEU   A CD1 1 
ATOM   881  C CD2 . LEU   A 1 124 ? -15.079 4.358   6.283   1.00 25.94  ? 124 LEU   A CD2 1 
ATOM   882  N N   . VAL   A 1 125 ? -11.622 1.671   8.119   1.00 20.09  ? 125 VAL   A N   1 
ATOM   883  C CA  . VAL   A 1 125 ? -10.743 0.509   8.129   1.00 20.22  ? 125 VAL   A CA  1 
ATOM   884  C C   . VAL   A 1 125 ? -11.245 -0.503  7.080   1.00 21.13  ? 125 VAL   A C   1 
ATOM   885  O O   . VAL   A 1 125 ? -12.456 -0.667  6.832   1.00 20.14  ? 125 VAL   A O   1 
ATOM   886  C CB  . VAL   A 1 125 ? -10.652 -0.099  9.535   1.00 19.79  ? 125 VAL   A CB  1 
ATOM   887  C CG1 . VAL   A 1 125 ? -11.996 -0.675  9.990   1.00 22.66  ? 125 VAL   A CG1 1 
ATOM   888  C CG2 . VAL   A 1 125 ? -9.585  -1.185  9.677   1.00 21.44  ? 125 VAL   A CG2 1 
ATOM   889  N N   . GLY   A 1 126 ? -10.278 -1.158  6.429   1.00 21.72  ? 126 GLY   A N   1 
ATOM   890  C CA  . GLY   A 1 126 ? -10.557 -2.251  5.527   1.00 20.87  ? 126 GLY   A CA  1 
ATOM   891  C C   . GLY   A 1 126 ? -9.357  -3.155  5.313   1.00 21.57  ? 126 GLY   A C   1 
ATOM   892  O O   . GLY   A 1 126 ? -8.389  -3.134  6.084   1.00 19.69  ? 126 GLY   A O   1 
ATOM   893  N N   . HIS   A 1 127 ? -9.470  -3.969  4.241   1.00 20.65  ? 127 HIS   A N   1 
ATOM   894  C CA  . HIS   A 1 127 ? -8.451  -4.957  3.943   1.00 23.67  ? 127 HIS   A CA  1 
ATOM   895  C C   . HIS   A 1 127 ? -8.399  -5.104  2.430   1.00 23.16  ? 127 HIS   A C   1 
ATOM   896  O O   . HIS   A 1 127 ? -9.447  -5.185  1.786   1.00 23.71  ? 127 HIS   A O   1 
ATOM   897  C CB  . HIS   A 1 127 ? -8.730  -6.238  4.735   1.00 22.25  ? 127 HIS   A CB  1 
ATOM   898  C CG  . HIS   A 1 127 ? -10.102 -6.745  4.504   1.00 27.01  ? 127 HIS   A CG  1 
ATOM   899  N ND1 . HIS   A 1 127 ? -10.399 -7.662  3.504   1.00 26.91  ? 127 HIS   A ND1 1 
ATOM   900  C CD2 . HIS   A 1 127 ? -11.263 -6.434  5.108   1.00 26.75  ? 127 HIS   A CD2 1 
ATOM   901  C CE1 . HIS   A 1 127 ? -11.706 -7.892  3.508   1.00 26.00  ? 127 HIS   A CE1 1 
ATOM   902  N NE2 . HIS   A 1 127 ? -12.253 -7.190  4.475   1.00 27.91  ? 127 HIS   A NE2 1 
ATOM   903  N N   . ASP   A 1 128 ? -7.176  -5.064  1.905   1.00 22.73  ? 128 ASP   A N   1 
ATOM   904  C CA  . ASP   A 1 128 ? -6.874  -5.274  0.478   1.00 20.14  ? 128 ASP   A CA  1 
ATOM   905  C C   . ASP   A 1 128 ? -5.904  -6.439  0.324   1.00 22.43  ? 128 ASP   A C   1 
ATOM   906  O O   . ASP   A 1 128 ? -4.990  -6.579  1.132   1.00 21.66  ? 128 ASP   A O   1 
ATOM   907  C CB  . ASP   A 1 128 ? -6.225  -4.042  -0.097  1.00 20.52  ? 128 ASP   A CB  1 
ATOM   908  C CG  . ASP   A 1 128 ? -7.164  -2.866  -0.311  1.00 21.53  ? 128 ASP   A CG  1 
ATOM   909  O OD1 . ASP   A 1 128 ? -8.375  -3.061  -0.142  1.00 23.45  ? 128 ASP   A OD1 1 
ATOM   910  O OD2 . ASP   A 1 128 ? -6.679  -1.784  -0.683  1.00 21.48  ? 128 ASP   A OD2 1 
ATOM   911  N N   . THR   A 1 129 ? -6.125  -7.259  -0.703  1.00 22.99  ? 129 THR   A N   1 
ATOM   912  C CA  . THR   A 1 129 ? -5.179  -8.347  -1.011  1.00 25.29  ? 129 THR   A CA  1 
ATOM   913  C C   . THR   A 1 129 ? -4.640  -8.060  -2.387  1.00 23.06  ? 129 THR   A C   1 
ATOM   914  O O   . THR   A 1 129 ? -5.458  -7.814  -3.284  1.00 25.42  ? 129 THR   A O   1 
ATOM   915  C CB  . THR   A 1 129 ? -5.837  -9.723  -0.929  1.00 28.74  ? 129 THR   A CB  1 
ATOM   916  O OG1 . THR   A 1 129 ? -6.168  -9.911  0.441   1.00 34.27  ? 129 THR   A OG1 1 
ATOM   917  C CG2 . THR   A 1 129 ? -4.914  -10.827 -1.411  1.00 25.32  ? 129 THR   A CG2 1 
ATOM   918  N N   . PHE   A 1 130 ? -3.322  -8.039  -2.529  1.00 21.32  ? 130 PHE   A N   1 
ATOM   919  C CA  . PHE   A 1 130 ? -2.698  -7.658  -3.819  1.00 21.54  ? 130 PHE   A CA  1 
ATOM   920  C C   . PHE   A 1 130 ? -2.091  -8.862  -4.501  1.00 24.86  ? 130 PHE   A C   1 
ATOM   921  O O   . PHE   A 1 130 ? -1.421  -9.662  -3.843  1.00 23.25  ? 130 PHE   A O   1 
ATOM   922  C CB  . PHE   A 1 130 ? -1.641  -6.566  -3.651  1.00 20.88  ? 130 PHE   A CB  1 
ATOM   923  C CG  . PHE   A 1 130 ? -2.182  -5.226  -3.172  1.00 20.55  ? 130 PHE   A CG  1 
ATOM   924  C CD1 . PHE   A 1 130 ? -2.346  -4.964  -1.818  1.00 21.56  ? 130 PHE   A CD1 1 
ATOM   925  C CD2 . PHE   A 1 130 ? -2.524  -4.233  -4.080  1.00 21.43  ? 130 PHE   A CD2 1 
ATOM   926  C CE1 . PHE   A 1 130 ? -2.844  -3.747  -1.388  1.00 20.66  ? 130 PHE   A CE1 1 
ATOM   927  C CE2 . PHE   A 1 130 ? -3.019  -3.018  -3.644  1.00 21.84  ? 130 PHE   A CE2 1 
ATOM   928  C CZ  . PHE   A 1 130 ? -3.179  -2.779  -2.301  1.00 22.56  ? 130 PHE   A CZ  1 
ATOM   929  N N   . THR   A 1 131 ? -2.325  -8.952  -5.807  1.00 24.80  ? 131 THR   A N   1 
ATOM   930  C CA  . THR   A 1 131 ? -1.777  -10.058 -6.601  1.00 25.55  ? 131 THR   A CA  1 
ATOM   931  C C   . THR   A 1 131 ? -1.009  -9.511  -7.783  1.00 26.24  ? 131 THR   A C   1 
ATOM   932  O O   . THR   A 1 131 ? -1.218  -8.349  -8.132  1.00 24.81  ? 131 THR   A O   1 
ATOM   933  C CB  . THR   A 1 131 ? -2.890  -11.003 -7.067  1.00 27.65  ? 131 THR   A CB  1 
ATOM   934  O OG1 . THR   A 1 131 ? -3.823  -10.228 -7.810  1.00 28.57  ? 131 THR   A OG1 1 
ATOM   935  C CG2 . THR   A 1 131 ? -3.581  -11.686 -5.900  1.00 32.62  ? 131 THR   A CG2 1 
ATOM   936  N N   . LYS   A 1 132 ? -0.170  -10.353 -8.381  1.00 28.34  ? 132 LYS   A N   1 
ATOM   937  C CA  . LYS   A 1 132 ? 0.653   -9.974  -9.536  1.00 29.94  ? 132 LYS   A CA  1 
ATOM   938  C C   . LYS   A 1 132 ? -0.132  -9.992  -10.843 1.00 29.13  ? 132 LYS   A C   1 
ATOM   939  O O   . LYS   A 1 132 ? 0.257   -9.293  -11.771 1.00 28.23  ? 132 LYS   A O   1 
ATOM   940  C CB  . LYS   A 1 132 ? 1.858   -10.900 -9.699  1.00 31.42  ? 132 LYS   A CB  1 
ATOM   941  C CG  . LYS   A 1 132 ? 2.917   -10.763 -8.631  1.00 36.78  ? 132 LYS   A CG  1 
ATOM   942  C CD  . LYS   A 1 132 ? 3.565   -9.388  -8.532  1.00 44.46  ? 132 LYS   A CD  1 
ATOM   943  C CE  . LYS   A 1 132 ? 4.360   -8.981  -9.763  1.00 47.51  ? 132 LYS   A CE  1 
ATOM   944  N NZ  . LYS   A 1 132 ? 4.914   -7.608  -9.713  1.00 39.04  ? 132 LYS   A NZ  1 
ATOM   945  N N   . VAL   A 1 133 ? -1.234  -10.743 -10.853 1.00 34.46  ? 133 VAL   A N   1 
ATOM   946  C CA  . VAL   A 1 133 ? -2.147  -10.819 -12.032 1.00 44.42  ? 133 VAL   A CA  1 
ATOM   947  C C   . VAL   A 1 133 ? -3.592  -10.692 -11.525 1.00 52.04  ? 133 VAL   A C   1 
ATOM   948  O O   . VAL   A 1 133 ? -3.892  -11.299 -10.484 1.00 48.60  ? 133 VAL   A O   1 
ATOM   949  C CB  . VAL   A 1 133 ? -1.926  -12.135 -12.798 1.00 42.25  ? 133 VAL   A CB  1 
ATOM   950  C CG1 . VAL   A 1 133 ? -0.741  -12.038 -13.749 1.00 41.75  ? 133 VAL   A CG1 1 
ATOM   951  C CG2 . VAL   A 1 133 ? -1.736  -13.314 -11.854 1.00 50.82  ? 133 VAL   A CG2 1 
ATOM   952  N N   . LYS   A 1 134 ? -4.436  -9.938  -12.237 1.00 60.39  ? 134 LYS   A N   1 
ATOM   953  C CA  . LYS   A 1 134 ? -5.845  -9.726  -11.812 1.00 67.87  ? 134 LYS   A CA  1 
ATOM   954  C C   . LYS   A 1 134 ? -6.771  -10.659 -12.601 1.00 70.04  ? 134 LYS   A C   1 
ATOM   955  O O   . LYS   A 1 134 ? -6.876  -11.832 -12.199 1.00 73.95  ? 134 LYS   A O   1 
ATOM   956  C CB  . LYS   A 1 134 ? -6.247  -8.272  -12.047 1.00 67.86  ? 134 LYS   A CB  1 
ATOM   957  C CG  . LYS   A 1 134 ? -5.238  -7.432  -12.808 1.00 69.22  ? 134 LYS   A CG  1 
ATOM   958  C CD  . LYS   A 1 134 ? -5.590  -7.138  -14.259 1.00 66.42  ? 134 LYS   A CD  1 
ATOM   959  C CE  . LYS   A 1 134 ? -4.370  -7.169  -15.115 1.00 67.20  ? 134 LYS   A CE  1 
ATOM   960  N NZ  . LYS   A 1 134 ? -3.534  -8.324  -14.785 1.00 65.33  ? 134 LYS   A NZ  1 
HETATM 961  C C10 A A1I7Y B 2 .   ? -9.536  6.042   -1.406  0.66 22.26  ? 201 A1I7Y A C10 1 
HETATM 962  C C10 B A1I7Y B 2 .   ? -9.526  6.058   -1.461  0.34 25.11  ? 201 A1I7Y A C10 1 
HETATM 963  C C13 A A1I7Y B 2 .   ? -10.870 8.873   -0.956  0.66 24.20  ? 201 A1I7Y A C13 1 
HETATM 964  C C13 B A1I7Y B 2 .   ? -10.865 8.830   -1.004  0.34 24.87  ? 201 A1I7Y A C13 1 
HETATM 965  C C15 A A1I7Y B 2 .   ? -12.033 9.728   1.229   0.66 28.41  ? 201 A1I7Y A C15 1 
HETATM 966  C C15 B A1I7Y B 2 .   ? -12.017 9.481   1.246   0.34 22.22  ? 201 A1I7Y A C15 1 
HETATM 967  C C17 A A1I7Y B 2 .   ? -13.386 11.236  2.691   0.66 32.63  ? 201 A1I7Y A C17 1 
HETATM 968  C C17 B A1I7Y B 2 .   ? -14.025 8.573   2.447   0.34 22.34  ? 201 A1I7Y A C17 1 
HETATM 969  C C21 A A1I7Y B 2 .   ? -13.018 8.731   1.476   0.66 30.78  ? 201 A1I7Y A C21 1 
HETATM 970  C C21 B A1I7Y B 2 .   ? -12.324 10.734  1.834   0.34 22.36  ? 201 A1I7Y A C21 1 
HETATM 971  C C02 A A1I7Y B 2 .   ? -8.129  0.882   -2.708  0.66 20.32  ? 201 A1I7Y A C02 1 
HETATM 972  C C02 B A1I7Y B 2 .   ? -8.136  0.860   -2.703  0.34 23.25  ? 201 A1I7Y A C02 1 
HETATM 973  C C04 A A1I7Y B 2 .   ? -9.704  2.123   -1.495  0.66 19.52  ? 201 A1I7Y A C04 1 
HETATM 974  C C04 B A1I7Y B 2 .   ? -9.690  2.109   -1.456  0.34 23.15  ? 201 A1I7Y A C04 1 
HETATM 975  C C05 A A1I7Y B 2 .   ? -8.955  1.130   -0.495  0.66 19.97  ? 201 A1I7Y A C05 1 
HETATM 976  C C05 B A1I7Y B 2 .   ? -8.903  1.138   -0.463  0.34 23.11  ? 201 A1I7Y A C05 1 
HETATM 977  C C06 A A1I7Y B 2 .   ? -8.270  1.942   0.600   0.66 19.82  ? 201 A1I7Y A C06 1 
HETATM 978  C C06 B A1I7Y B 2 .   ? -8.206  1.967   0.619   0.34 23.26  ? 201 A1I7Y A C06 1 
HETATM 979  C C08 A A1I7Y B 2 .   ? -9.411  3.538   -0.934  0.66 20.21  ? 201 A1I7Y A C08 1 
HETATM 980  C C08 B A1I7Y B 2 .   ? -9.402  3.543   -0.927  0.34 23.68  ? 201 A1I7Y A C08 1 
HETATM 981  C C09 A A1I7Y B 2 .   ? -9.232  4.650   -1.954  0.66 20.72  ? 201 A1I7Y A C09 1 
HETATM 982  C C09 B A1I7Y B 2 .   ? -9.222  4.638   -1.976  0.34 24.75  ? 201 A1I7Y A C09 1 
HETATM 983  C C11 A A1I7Y B 2 .   ? -9.506  7.167   -2.470  0.66 22.96  ? 201 A1I7Y A C11 1 
HETATM 984  C C11 B A1I7Y B 2 .   ? -9.424  7.183   -2.539  0.34 25.75  ? 201 A1I7Y A C11 1 
HETATM 985  C C12 A A1I7Y B 2 .   ? -9.631  8.607   -1.897  0.66 21.85  ? 201 A1I7Y A C12 1 
HETATM 986  C C12 B A1I7Y B 2 .   ? -9.646  8.643   -2.005  0.34 24.87  ? 201 A1I7Y A C12 1 
HETATM 987  C C16 A A1I7Y B 2 .   ? -12.255 10.994  1.872   0.66 30.34  ? 201 A1I7Y A C16 1 
HETATM 988  C C16 B A1I7Y B 2 .   ? -12.913 8.392   1.582   0.34 21.33  ? 201 A1I7Y A C16 1 
HETATM 989  C C18 A A1I7Y B 2 .   ? -14.328 10.221  2.914   0.66 34.13  ? 201 A1I7Y A C18 1 
HETATM 990  C C18 B A1I7Y B 2 .   ? -14.287 9.842   3.005   0.34 22.59  ? 201 A1I7Y A C18 1 
HETATM 991  C C19 A A1I7Y B 2 .   ? -14.137 8.980   2.306   0.66 35.29  ? 201 A1I7Y A C19 1 
HETATM 992  C C19 B A1I7Y B 2 .   ? -13.435 10.907  2.692   0.34 24.29  ? 201 A1I7Y A C19 1 
HETATM 993  N N03 A A1I7Y B 2 .   ? -9.103  1.893   -2.819  0.66 19.36  ? 201 A1I7Y A N03 1 
HETATM 994  N N03 B A1I7Y B 2 .   ? -9.128  1.863   -2.799  0.34 22.87  ? 201 A1I7Y A N03 1 
HETATM 995  N N14 A A1I7Y B 2 .   ? -10.862 9.465   0.350   0.66 25.90  ? 201 A1I7Y A N14 1 
HETATM 996  N N14 B A1I7Y B 2 .   ? -10.840 9.333   0.342   0.34 22.48  ? 201 A1I7Y A N14 1 
HETATM 997  N N23 A A1I7Y B 2 .   ? -8.050  0.429   -1.391  0.66 21.07  ? 201 A1I7Y A N23 1 
HETATM 998  N N23 B A1I7Y B 2 .   ? -8.009  0.427   -1.376  0.34 23.78  ? 201 A1I7Y A N23 1 
HETATM 999  O O01 A A1I7Y B 2 .   ? -7.456  0.455   -3.631  0.66 22.18  ? 201 A1I7Y A O01 1 
HETATM 1000 O O01 B A1I7Y B 2 .   ? -7.488  0.424   -3.642  0.34 23.61  ? 201 A1I7Y A O01 1 
HETATM 1001 O O22 A A1I7Y B 2 .   ? -11.943 8.509   -1.439  0.66 23.77  ? 201 A1I7Y A O22 1 
HETATM 1002 O O22 B A1I7Y B 2 .   ? -11.950 8.483   -1.473  0.34 24.27  ? 201 A1I7Y A O22 1 
HETATM 1003 S S07 A A1I7Y B 2 .   ? -7.802  3.458   -0.145  0.66 21.60  ? 201 A1I7Y A S07 1 
HETATM 1004 S S07 B A1I7Y B 2 .   ? -7.799  3.505   -0.120  0.34 23.83  ? 201 A1I7Y A S07 1 
HETATM 1005 S S20 A A1I7Y B 2 .   ? -15.391 7.645   2.579   0.66 45.63  ? 201 A1I7Y A S20 1 
HETATM 1006 S S20 B A1I7Y B 2 .   ? -13.757 12.590  3.412   0.34 31.62  ? 201 A1I7Y A S20 1 
HETATM 1007 C C1  . EDO   C 3 .   ? -14.864 8.565   6.902   1.00 48.94  ? 202 EDO   A C1  1 
HETATM 1008 O O1  . EDO   C 3 .   ? -15.946 8.951   6.086   1.00 55.24  ? 202 EDO   A O1  1 
HETATM 1009 C C2  . EDO   C 3 .   ? -13.761 9.543   6.849   1.00 50.97  ? 202 EDO   A C2  1 
HETATM 1010 O O2  . EDO   C 3 .   ? -12.584 9.015   6.287   1.00 45.12  ? 202 EDO   A O2  1 
HETATM 1011 C C1  . EDO   D 3 .   ? 7.614   2.697   -9.269  1.00 44.80  ? 203 EDO   A C1  1 
HETATM 1012 O O1  . EDO   D 3 .   ? 8.759   2.877   -8.479  1.00 44.56  ? 203 EDO   A O1  1 
HETATM 1013 C C2  . EDO   D 3 .   ? 7.098   3.967   -9.827  1.00 48.75  ? 203 EDO   A C2  1 
HETATM 1014 O O2  . EDO   D 3 .   ? 6.680   3.820   -11.165 1.00 50.86  ? 203 EDO   A O2  1 
HETATM 1015 C C1  . EDO   E 3 .   ? -7.501  2.091   -12.058 1.00 43.35  ? 204 EDO   A C1  1 
HETATM 1016 O O1  . EDO   E 3 .   ? -8.649  1.310   -11.852 1.00 49.84  ? 204 EDO   A O1  1 
HETATM 1017 C C2  . EDO   E 3 .   ? -6.307  1.261   -12.297 1.00 40.60  ? 204 EDO   A C2  1 
HETATM 1018 O O2  . EDO   E 3 .   ? -6.163  0.242   -11.345 1.00 32.29  ? 204 EDO   A O2  1 
HETATM 1019 C C1  . EDO   F 3 .   ? -16.052 9.141   -0.608  1.00 57.02  ? 205 EDO   A C1  1 
HETATM 1020 O O1  . EDO   F 3 .   ? -16.059 10.429  -1.178  1.00 59.45  ? 205 EDO   A O1  1 
HETATM 1021 C C2  . EDO   F 3 .   ? -15.506 8.115   -1.516  1.00 47.76  ? 205 EDO   A C2  1 
HETATM 1022 O O2  . EDO   F 3 .   ? -16.495 7.489   -2.304  1.00 46.59  ? 205 EDO   A O2  1 
HETATM 1023 C C1  . EDO   G 3 .   ? 6.919   -12.200 -6.527  1.00 56.39  ? 206 EDO   A C1  1 
HETATM 1024 O O1  . EDO   G 3 .   ? 7.541   -13.299 -5.894  1.00 59.20  ? 206 EDO   A O1  1 
HETATM 1025 C C2  . EDO   G 3 .   ? 7.597   -11.820 -7.786  1.00 65.22  ? 206 EDO   A C2  1 
HETATM 1026 O O2  . EDO   G 3 .   ? 6.908   -10.841 -8.528  1.00 65.17  ? 206 EDO   A O2  1 
HETATM 1027 C C1  . EDO   H 3 .   ? -2.615  -8.806  6.579   1.00 35.37  ? 207 EDO   A C1  1 
HETATM 1028 O O1  . EDO   H 3 .   ? -3.708  -8.866  7.395   1.00 48.80  ? 207 EDO   A O1  1 
HETATM 1029 C C2  . EDO   H 3 .   ? -1.408  -9.496  7.080   1.00 37.43  ? 207 EDO   A C2  1 
HETATM 1030 O O2  . EDO   H 3 .   ? -1.505  -10.822 7.455   1.00 29.19  ? 207 EDO   A O2  1 
HETATM 1031 O O   . HOH   I 4 .   ? -9.190  18.049  -11.531 1.00 29.58  ? 301 HOH   A O   1 
HETATM 1032 O O   . HOH   I 4 .   ? 2.172   -7.682  -11.976 1.00 28.71  ? 302 HOH   A O   1 
HETATM 1033 O O   . HOH   I 4 .   ? 10.419  -12.790 -2.528  1.00 45.26  ? 303 HOH   A O   1 
HETATM 1034 O O   . HOH   I 4 .   ? -1.496  -2.854  -15.647 1.00 36.98  ? 304 HOH   A O   1 
HETATM 1035 O O   . HOH   I 4 .   ? 8.562   -16.011 -4.539  1.00 54.23  ? 305 HOH   A O   1 
HETATM 1036 O O   . HOH   I 4 .   ? -14.569 -7.516  5.486   1.00 45.67  ? 306 HOH   A O   1 
HETATM 1037 O O   . HOH   I 4 .   ? -17.991 20.195  12.582  1.00 41.89  ? 307 HOH   A O   1 
HETATM 1038 O O   . HOH   I 4 .   ? 6.403   -16.543 12.363  1.00 50.29  ? 308 HOH   A O   1 
HETATM 1039 O O   . HOH   I 4 .   ? -7.940  12.389  -4.653  1.00 23.22  ? 309 HOH   A O   1 
HETATM 1040 O O   . HOH   I 4 .   ? -0.896  10.417  -14.464 1.00 59.96  ? 310 HOH   A O   1 
HETATM 1041 O O   . HOH   I 4 .   ? -7.635  6.572   -12.387 1.00 38.47  ? 311 HOH   A O   1 
HETATM 1042 O O   . HOH   I 4 .   ? 12.273  2.848   -3.184  1.00 36.46  ? 312 HOH   A O   1 
HETATM 1043 O O   . HOH   I 4 .   ? 0.684   10.782  -1.636  1.00 19.74  ? 313 HOH   A O   1 
HETATM 1044 O O   . HOH   I 4 .   ? 12.662  4.996   3.279   1.00 31.16  ? 314 HOH   A O   1 
HETATM 1045 O O   . HOH   I 4 .   ? 18.910  -4.357  4.719   1.00 45.94  ? 315 HOH   A O   1 
HETATM 1046 O O   . HOH   I 4 .   ? 14.061  -2.813  6.542   1.00 22.93  ? 316 HOH   A O   1 
HETATM 1047 O O   . HOH   I 4 .   ? 6.956   -8.135  -8.081  1.00 35.21  ? 317 HOH   A O   1 
HETATM 1048 O O   . HOH   I 4 .   ? -6.595  6.871   -8.471  1.00 22.92  ? 318 HOH   A O   1 
HETATM 1049 O O   . HOH   I 4 .   ? 10.529  6.660   -0.247  1.00 44.61  ? 319 HOH   A O   1 
HETATM 1050 O O   . HOH   I 4 .   ? -14.434 0.285   5.310   1.00 24.83  ? 320 HOH   A O   1 
HETATM 1051 O O   . HOH   I 4 .   ? 0.337   -13.184 -7.591  1.00 30.07  ? 321 HOH   A O   1 
HETATM 1052 O O   . HOH   I 4 .   ? 8.871   -13.630 3.456   1.00 35.35  ? 322 HOH   A O   1 
HETATM 1053 O O   . HOH   I 4 .   ? 10.244  -16.826 5.652   1.00 36.59  ? 323 HOH   A O   1 
HETATM 1054 O O   . HOH   I 4 .   ? -5.249  14.611  0.663   1.00 22.77  ? 324 HOH   A O   1 
HETATM 1055 O O   . HOH   I 4 .   ? 4.527   5.379   4.639   0.50 17.94  ? 325 HOH   A O   1 
HETATM 1056 O O   . HOH   I 4 .   ? 11.228  -14.117 1.982   1.00 43.69  ? 326 HOH   A O   1 
HETATM 1057 O O   . HOH   I 4 .   ? 10.038  -14.159 -6.506  1.00 51.68  ? 327 HOH   A O   1 
HETATM 1058 O O   . HOH   I 4 .   ? 9.153   -15.606 12.604  1.00 41.08  ? 328 HOH   A O   1 
HETATM 1059 O O   . HOH   I 4 .   ? -7.035  7.675   12.516  1.00 33.76  ? 329 HOH   A O   1 
HETATM 1060 O O   . HOH   I 4 .   ? -8.490  -8.626  1.827   1.00 33.69  ? 330 HOH   A O   1 
HETATM 1061 O O   . HOH   I 4 .   ? -20.387 14.288  14.253  1.00 36.92  ? 331 HOH   A O   1 
HETATM 1062 O O   . HOH   I 4 .   ? 1.105   17.676  -3.471  1.00 43.74  ? 332 HOH   A O   1 
HETATM 1063 O O   . HOH   I 4 .   ? -13.563 6.165   -8.133  1.00 33.62  ? 333 HOH   A O   1 
HETATM 1064 O O   . HOH   I 4 .   ? 22.449  -4.414  -2.435  1.00 30.00  ? 334 HOH   A O   1 
HETATM 1065 O O   . HOH   I 4 .   ? 8.984   -9.407  8.194   1.00 23.25  ? 335 HOH   A O   1 
HETATM 1066 O O   . HOH   I 4 .   ? 12.722  -8.586  2.364   1.00 30.32  ? 336 HOH   A O   1 
HETATM 1067 O O   . HOH   I 4 .   ? 4.117   4.645   -11.854 1.00 30.00  ? 337 HOH   A O   1 
HETATM 1068 O O   . HOH   I 4 .   ? 0.346   12.326  -5.393  1.00 22.75  ? 338 HOH   A O   1 
HETATM 1069 O O   . HOH   I 4 .   ? -1.220  2.980   -12.234 1.00 28.13  ? 339 HOH   A O   1 
HETATM 1070 O O   . HOH   I 4 .   ? 13.327  -10.918 -3.806  1.00 50.71  ? 340 HOH   A O   1 
HETATM 1071 O O   . HOH   I 4 .   ? 0.129   13.843  -2.016  1.00 23.05  ? 341 HOH   A O   1 
HETATM 1072 O O   . HOH   I 4 .   ? -12.094 -5.960  1.235   1.00 43.92  ? 342 HOH   A O   1 
HETATM 1073 O O   . HOH   I 4 .   ? -6.228  -8.772  3.031   1.00 42.73  ? 343 HOH   A O   1 
HETATM 1074 O O   . HOH   I 4 .   ? 6.652   8.116   -6.685  1.00 40.97  ? 344 HOH   A O   1 
HETATM 1075 O O   . HOH   I 4 .   ? -1.107  11.868  -11.278 1.00 33.16  ? 345 HOH   A O   1 
HETATM 1076 O O   . HOH   I 4 .   ? -10.972 18.108  5.177   1.00 29.64  ? 346 HOH   A O   1 
HETATM 1077 O O   . HOH   I 4 .   ? 9.584   -12.211 8.736   1.00 27.84  ? 347 HOH   A O   1 
HETATM 1078 O O   . HOH   I 4 .   ? -11.145 -2.448  0.436   1.00 34.70  ? 348 HOH   A O   1 
HETATM 1079 O O   . HOH   I 4 .   ? -15.300 13.797  17.637  1.00 28.52  ? 349 HOH   A O   1 
HETATM 1080 O O   . HOH   I 4 .   ? 16.461  -12.665 9.243   1.00 43.38  ? 350 HOH   A O   1 
HETATM 1081 O O   . HOH   I 4 .   ? -16.167 4.620   -5.857  1.00 38.32  ? 351 HOH   A O   1 
HETATM 1082 O O   . HOH   I 4 .   ? -0.094  3.194   -9.790  1.00 28.11  ? 352 HOH   A O   1 
HETATM 1083 O O   . HOH   I 4 .   ? -11.443 21.313  -0.893  1.00 47.38  ? 353 HOH   A O   1 
HETATM 1084 O O   . HOH   I 4 .   ? -11.997 -3.473  2.861   1.00 26.51  ? 354 HOH   A O   1 
HETATM 1085 O O   . HOH   I 4 .   ? -0.492  22.303  -4.278  1.00 52.98  ? 355 HOH   A O   1 
HETATM 1086 O O   . HOH   I 4 .   ? -15.394 17.458  9.393   1.00 29.29  ? 356 HOH   A O   1 
HETATM 1087 O O   . HOH   I 4 .   ? -12.818 -4.374  -0.745  1.00 29.75  ? 357 HOH   A O   1 
HETATM 1088 O O   . HOH   I 4 .   ? -11.372 5.968   -9.235  1.00 44.03  ? 358 HOH   A O   1 
HETATM 1089 O O   . HOH   I 4 .   ? 16.489  1.477   0.815   1.00 35.47  ? 359 HOH   A O   1 
HETATM 1090 O O   . HOH   I 4 .   ? -3.435  -0.883  -14.373 1.00 30.00  ? 360 HOH   A O   1 
HETATM 1091 O O   . HOH   I 4 .   ? 18.266  -0.113  -3.673  1.00 47.67  ? 361 HOH   A O   1 
HETATM 1092 O O   . HOH   I 4 .   ? -5.279  20.921  -3.049  1.00 30.95  ? 362 HOH   A O   1 
HETATM 1093 O O   . HOH   I 4 .   ? -4.745  -14.386 0.404   1.00 30.00  ? 363 HOH   A O   1 
HETATM 1094 O O   . HOH   I 4 .   ? -15.619 21.125  15.720  1.00 32.99  ? 364 HOH   A O   1 
HETATM 1095 O O   . HOH   I 4 .   ? -6.926  -9.756  -5.058  1.00 51.69  ? 365 HOH   A O   1 
HETATM 1096 O O   . HOH   I 4 .   ? 16.581  3.138   3.495   1.00 30.00  ? 366 HOH   A O   1 
HETATM 1097 O O   . HOH   I 4 .   ? 15.723  -9.686  -3.974  1.00 54.89  ? 367 HOH   A O   1 
HETATM 1098 O O   . HOH   I 4 .   ? -0.521  14.126  -10.335 1.00 32.16  ? 368 HOH   A O   1 
HETATM 1099 O O   . HOH   I 4 .   ? 12.744  2.400   -9.735  1.00 52.74  ? 369 HOH   A O   1 
HETATM 1100 O O   . HOH   I 4 .   ? -6.633  19.224  -12.545 1.00 30.00  ? 370 HOH   A O   1 
HETATM 1101 O O   . HOH   I 4 .   ? 10.877  5.032   1.382   1.00 33.56  ? 371 HOH   A O   1 
HETATM 1102 O O   . HOH   I 4 .   ? -13.435 13.079  -0.059  1.00 51.80  ? 372 HOH   A O   1 
HETATM 1103 O O   . HOH   I 4 .   ? -17.419 14.827  19.048  1.00 51.27  ? 373 HOH   A O   1 
HETATM 1104 O O   . HOH   I 4 .   ? -10.103 -1.378  -12.628 1.00 30.00  ? 374 HOH   A O   1 
HETATM 1105 O O   . HOH   I 4 .   ? -3.752  7.400   -15.255 1.00 61.35  ? 375 HOH   A O   1 
HETATM 1106 O O   . HOH   I 4 .   ? 7.301   -15.284 1.969   1.00 39.95  ? 376 HOH   A O   1 
HETATM 1107 O O   . HOH   I 4 .   ? -15.284 10.161  -9.033  1.00 63.49  ? 377 HOH   A O   1 
HETATM 1108 O O   . HOH   I 4 .   ? -7.218  -3.209  -13.336 1.00 30.00  ? 378 HOH   A O   1 
HETATM 1109 O O   . HOH   I 4 .   ? -5.561  19.573  -6.584  1.00 30.00  ? 379 HOH   A O   1 
HETATM 1110 O O   . HOH   I 4 .   ? -7.917  -12.226 2.339   1.00 59.58  ? 380 HOH   A O   1 
HETATM 1111 O O   . HOH   I 4 .   ? -10.143 -8.630  0.125   1.00 62.65  ? 381 HOH   A O   1 
HETATM 1112 O O   . HOH   I 4 .   ? -5.585  21.568  -12.056 1.00 33.00  ? 382 HOH   A O   1 
HETATM 1113 O O   . HOH   I 4 .   ? 1.027   17.034  -5.646  1.00 54.62  ? 383 HOH   A O   1 
HETATM 1114 O O   . HOH   I 4 .   ? -13.399 12.581  18.885  1.00 41.43  ? 384 HOH   A O   1 
HETATM 1115 O O   . HOH   I 4 .   ? -15.718 4.671   -9.169  1.00 56.04  ? 385 HOH   A O   1 
HETATM 1116 O O   . HOH   I 4 .   ? -17.507 21.830  14.386  1.00 47.98  ? 386 HOH   A O   1 
HETATM 1117 O O   . HOH   I 4 .   ? -7.455  20.613  -7.668  0.50 30.00  ? 387 HOH   A O   1 
HETATM 1118 O O   . HOH   I 4 .   ? 16.294  0.602   -5.467  1.00 46.92  ? 388 HOH   A O   1 
HETATM 1119 O O   . HOH   I 4 .   ? 14.545  2.843   -3.984  1.00 30.00  ? 389 HOH   A O   1 
HETATM 1120 O O   . HOH   I 4 .   ? 2.575   10.645  -9.475  1.00 55.77  ? 390 HOH   A O   1 
HETATM 1121 O O   . HOH   I 4 .   ? 16.727  2.597   -1.265  1.00 45.32  ? 391 HOH   A O   1 
HETATM 1122 O O   . HOH   I 4 .   ? -0.721  1.580   -14.634 1.00 30.00  ? 392 HOH   A O   1 
HETATM 1123 O O   . HOH   I 4 .   ? -16.360 13.384  8.163   1.00 55.78  ? 393 HOH   A O   1 
HETATM 1124 O O   . HOH   I 4 .   ? 1.390   13.691  -7.729  1.00 41.37  ? 394 HOH   A O   1 
HETATM 1125 O O   . HOH   I 4 .   ? -4.218  22.211  -7.166  1.00 46.31  ? 395 HOH   A O   1 
# 
